data_8YNU
# 
_entry.id   8YNU 
# 
_audit_conform.dict_name       mmcif_pdbx.dic 
_audit_conform.dict_version    5.403 
_audit_conform.dict_location   http://mmcif.pdb.org/dictionaries/ascii/mmcif_pdbx.dic 
# 
loop_
_database_2.database_id 
_database_2.database_code 
_database_2.pdbx_database_accession 
_database_2.pdbx_DOI 
PDB   8YNU         pdb_00008ynu 10.2210/pdb8ynu/pdb 
WWPDB D_1300046016 ?            ?                   
# 
_pdbx_audit_revision_history.ordinal             1 
_pdbx_audit_revision_history.data_content_type   'Structure model' 
_pdbx_audit_revision_history.major_revision      1 
_pdbx_audit_revision_history.minor_revision      0 
_pdbx_audit_revision_history.revision_date       2025-04-09 
_pdbx_audit_revision_history.part_number         ? 
# 
_pdbx_audit_revision_details.ordinal             1 
_pdbx_audit_revision_details.revision_ordinal    1 
_pdbx_audit_revision_details.data_content_type   'Structure model' 
_pdbx_audit_revision_details.provider            repository 
_pdbx_audit_revision_details.type                'Initial release' 
_pdbx_audit_revision_details.description         ? 
_pdbx_audit_revision_details.details             ? 
# 
_pdbx_database_status.status_code                     REL 
_pdbx_database_status.status_code_sf                  REL 
_pdbx_database_status.status_code_mr                  ? 
_pdbx_database_status.entry_id                        8YNU 
_pdbx_database_status.recvd_initial_deposition_date   2024-03-12 
_pdbx_database_status.SG_entry                        N 
_pdbx_database_status.deposit_site                    PDBJ 
_pdbx_database_status.process_site                    PDBC 
_pdbx_database_status.status_code_cs                  ? 
_pdbx_database_status.status_code_nmr_data            ? 
_pdbx_database_status.methods_development_category    ? 
_pdbx_database_status.pdb_format_compatible           Y 
# 
_pdbx_contact_author.id                 2 
_pdbx_contact_author.email              zhou_yuanze@163.com 
_pdbx_contact_author.name_first         Yuanze 
_pdbx_contact_author.name_last          Zhou 
_pdbx_contact_author.name_mi            ? 
_pdbx_contact_author.role               'principal investigator/group leader' 
_pdbx_contact_author.identifier_ORCID   0000-0002-8542-6048 
# 
loop_
_audit_author.name 
_audit_author.pdbx_ordinal 
_audit_author.identifier_ORCID 
'Zhou, Y.Z.' 1 ? 
'Wu, Z.F.'   2 ? 
# 
_citation.abstract                  ? 
_citation.abstract_id_CAS           ? 
_citation.book_id_ISBN              ? 
_citation.book_publisher            ? 
_citation.book_publisher_city       ? 
_citation.book_title                ? 
_citation.coordinate_linkage        ? 
_citation.country                   UK 
_citation.database_id_Medline       ? 
_citation.details                   ? 
_citation.id                        primary 
_citation.journal_abbrev            Structure 
_citation.journal_id_ASTM           STRUE6 
_citation.journal_id_CSD            2005 
_citation.journal_id_ISSN           0969-2126 
_citation.journal_full              ? 
_citation.journal_issue             ? 
_citation.journal_volume            32 
_citation.language                  ? 
_citation.page_first                889 
_citation.page_last                 898.e3 
_citation.title                     
'Structural and functional insights into yeast Tbf1 as an atypical telomeric repeat-binding factor.' 
_citation.year                      2024 
_citation.database_id_CSD           ? 
_citation.pdbx_database_id_DOI      10.1016/j.str.2024.04.002 
_citation.pdbx_database_id_PubMed   38677290 
_citation.pdbx_database_id_patent   ? 
_citation.unpublished_flag          ? 
# 
loop_
_citation_author.citation_id 
_citation_author.name 
_citation_author.ordinal 
_citation_author.identifier_ORCID 
primary 'Wu, Z.'   1 ? 
primary 'Gu, X.'   2 ? 
primary 'Zha, L.'  3 ? 
primary 'Yang, Q.' 4 ? 
primary 'Zhou, Y.' 5 ? 
primary 'Zeng, Z.' 6 ? 
# 
loop_
_entity.id 
_entity.type 
_entity.src_method 
_entity.pdbx_description 
_entity.formula_weight 
_entity.pdbx_number_of_molecules 
_entity.pdbx_ec 
_entity.pdbx_mutation 
_entity.pdbx_fragment 
_entity.details 
1 polymer     man 'Telomeric DNA-binding factor trf1' 9061.449 2   ? ? ? ? 
2 non-polymer syn GLYCEROL                            92.094   1   ? ? ? ? 
3 water       nat water                               18.015   137 ? ? ? ? 
# 
_entity_poly.entity_id                      1 
_entity_poly.type                           'polypeptide(L)' 
_entity_poly.nstd_linkage                   no 
_entity_poly.nstd_monomer                   no 
_entity_poly.pdbx_seq_one_letter_code       GSWTKEEEEALLDGLDLVKGPRWSQILELYGPGGKKSEVLKYRNQVQLKDKARNMKLFFLKSGQVVPAALQCVTGDLRRD 
_entity_poly.pdbx_seq_one_letter_code_can   GSWTKEEEEALLDGLDLVKGPRWSQILELYGPGGKKSEVLKYRNQVQLKDKARNMKLFFLKSGQVVPAALQCVTGDLRRD 
_entity_poly.pdbx_strand_id                 A,B 
_entity_poly.pdbx_target_identifier         ? 
# 
loop_
_pdbx_entity_nonpoly.entity_id 
_pdbx_entity_nonpoly.name 
_pdbx_entity_nonpoly.comp_id 
2 GLYCEROL GOL 
3 water    HOH 
# 
loop_
_entity_poly_seq.entity_id 
_entity_poly_seq.num 
_entity_poly_seq.mon_id 
_entity_poly_seq.hetero 
1 1  GLY n 
1 2  SER n 
1 3  TRP n 
1 4  THR n 
1 5  LYS n 
1 6  GLU n 
1 7  GLU n 
1 8  GLU n 
1 9  GLU n 
1 10 ALA n 
1 11 LEU n 
1 12 LEU n 
1 13 ASP n 
1 14 GLY n 
1 15 LEU n 
1 16 ASP n 
1 17 LEU n 
1 18 VAL n 
1 19 LYS n 
1 20 GLY n 
1 21 PRO n 
1 22 ARG n 
1 23 TRP n 
1 24 SER n 
1 25 GLN n 
1 26 ILE n 
1 27 LEU n 
1 28 GLU n 
1 29 LEU n 
1 30 TYR n 
1 31 GLY n 
1 32 PRO n 
1 33 GLY n 
1 34 GLY n 
1 35 LYS n 
1 36 LYS n 
1 37 SER n 
1 38 GLU n 
1 39 VAL n 
1 40 LEU n 
1 41 LYS n 
1 42 TYR n 
1 43 ARG n 
1 44 ASN n 
1 45 GLN n 
1 46 VAL n 
1 47 GLN n 
1 48 LEU n 
1 49 LYS n 
1 50 ASP n 
1 51 LYS n 
1 52 ALA n 
1 53 ARG n 
1 54 ASN n 
1 55 MET n 
1 56 LYS n 
1 57 LEU n 
1 58 PHE n 
1 59 PHE n 
1 60 LEU n 
1 61 LYS n 
1 62 SER n 
1 63 GLY n 
1 64 GLN n 
1 65 VAL n 
1 66 VAL n 
1 67 PRO n 
1 68 ALA n 
1 69 ALA n 
1 70 LEU n 
1 71 GLN n 
1 72 CYS n 
1 73 VAL n 
1 74 THR n 
1 75 GLY n 
1 76 ASP n 
1 77 LEU n 
1 78 ARG n 
1 79 ARG n 
1 80 ASP n 
# 
_entity_src_gen.entity_id                          1 
_entity_src_gen.pdbx_src_id                        1 
_entity_src_gen.pdbx_alt_source_flag               sample 
_entity_src_gen.pdbx_seq_type                      'Biological sequence' 
_entity_src_gen.pdbx_beg_seq_num                   1 
_entity_src_gen.pdbx_end_seq_num                   80 
_entity_src_gen.gene_src_common_name               ? 
_entity_src_gen.gene_src_genus                     ? 
_entity_src_gen.pdbx_gene_src_gene                 'trf1, SPBC19G7.13' 
_entity_src_gen.gene_src_species                   ? 
_entity_src_gen.gene_src_strain                    ? 
_entity_src_gen.gene_src_tissue                    ? 
_entity_src_gen.gene_src_tissue_fraction           ? 
_entity_src_gen.gene_src_details                   ? 
_entity_src_gen.pdbx_gene_src_fragment             ? 
_entity_src_gen.pdbx_gene_src_scientific_name      'Schizosaccharomyces pombe 972h-' 
_entity_src_gen.pdbx_gene_src_ncbi_taxonomy_id     284812 
_entity_src_gen.pdbx_gene_src_variant              ? 
_entity_src_gen.pdbx_gene_src_cell_line            ? 
_entity_src_gen.pdbx_gene_src_atcc                 ? 
_entity_src_gen.pdbx_gene_src_organ                ? 
_entity_src_gen.pdbx_gene_src_organelle            ? 
_entity_src_gen.pdbx_gene_src_cell                 ? 
_entity_src_gen.pdbx_gene_src_cellular_location    ? 
_entity_src_gen.host_org_common_name               ? 
_entity_src_gen.pdbx_host_org_scientific_name      'Escherichia coli BL21(DE3)' 
_entity_src_gen.pdbx_host_org_ncbi_taxonomy_id     469008 
_entity_src_gen.host_org_genus                     ? 
_entity_src_gen.pdbx_host_org_gene                 ? 
_entity_src_gen.pdbx_host_org_organ                ? 
_entity_src_gen.host_org_species                   ? 
_entity_src_gen.pdbx_host_org_tissue               ? 
_entity_src_gen.pdbx_host_org_tissue_fraction      ? 
_entity_src_gen.pdbx_host_org_strain               ? 
_entity_src_gen.pdbx_host_org_variant              ? 
_entity_src_gen.pdbx_host_org_cell_line            ? 
_entity_src_gen.pdbx_host_org_atcc                 ? 
_entity_src_gen.pdbx_host_org_culture_collection   ? 
_entity_src_gen.pdbx_host_org_cell                 ? 
_entity_src_gen.pdbx_host_org_organelle            ? 
_entity_src_gen.pdbx_host_org_cellular_location    ? 
_entity_src_gen.pdbx_host_org_vector_type          ? 
_entity_src_gen.pdbx_host_org_vector               ? 
_entity_src_gen.host_org_details                   ? 
_entity_src_gen.expression_system_id               ? 
_entity_src_gen.plasmid_name                       ? 
_entity_src_gen.plasmid_details                    ? 
_entity_src_gen.pdbx_description                   ? 
# 
loop_
_chem_comp.id 
_chem_comp.type 
_chem_comp.mon_nstd_flag 
_chem_comp.name 
_chem_comp.pdbx_synonyms 
_chem_comp.formula 
_chem_comp.formula_weight 
ALA 'L-peptide linking' y ALANINE         ?                               'C3 H7 N O2'     89.093  
ARG 'L-peptide linking' y ARGININE        ?                               'C6 H15 N4 O2 1' 175.209 
ASN 'L-peptide linking' y ASPARAGINE      ?                               'C4 H8 N2 O3'    132.118 
ASP 'L-peptide linking' y 'ASPARTIC ACID' ?                               'C4 H7 N O4'     133.103 
CYS 'L-peptide linking' y CYSTEINE        ?                               'C3 H7 N O2 S'   121.158 
GLN 'L-peptide linking' y GLUTAMINE       ?                               'C5 H10 N2 O3'   146.144 
GLU 'L-peptide linking' y 'GLUTAMIC ACID' ?                               'C5 H9 N O4'     147.129 
GLY 'peptide linking'   y GLYCINE         ?                               'C2 H5 N O2'     75.067  
GOL non-polymer         . GLYCEROL        'GLYCERIN; PROPANE-1,2,3-TRIOL' 'C3 H8 O3'       92.094  
HOH non-polymer         . WATER           ?                               'H2 O'           18.015  
ILE 'L-peptide linking' y ISOLEUCINE      ?                               'C6 H13 N O2'    131.173 
LEU 'L-peptide linking' y LEUCINE         ?                               'C6 H13 N O2'    131.173 
LYS 'L-peptide linking' y LYSINE          ?                               'C6 H15 N2 O2 1' 147.195 
MET 'L-peptide linking' y METHIONINE      ?                               'C5 H11 N O2 S'  149.211 
PHE 'L-peptide linking' y PHENYLALANINE   ?                               'C9 H11 N O2'    165.189 
PRO 'L-peptide linking' y PROLINE         ?                               'C5 H9 N O2'     115.130 
SER 'L-peptide linking' y SERINE          ?                               'C3 H7 N O3'     105.093 
THR 'L-peptide linking' y THREONINE       ?                               'C4 H9 N O3'     119.119 
TRP 'L-peptide linking' y TRYPTOPHAN      ?                               'C11 H12 N2 O2'  204.225 
TYR 'L-peptide linking' y TYROSINE        ?                               'C9 H11 N O3'    181.189 
VAL 'L-peptide linking' y VALINE          ?                               'C5 H11 N O2'    117.146 
# 
loop_
_pdbx_poly_seq_scheme.asym_id 
_pdbx_poly_seq_scheme.entity_id 
_pdbx_poly_seq_scheme.seq_id 
_pdbx_poly_seq_scheme.mon_id 
_pdbx_poly_seq_scheme.ndb_seq_num 
_pdbx_poly_seq_scheme.pdb_seq_num 
_pdbx_poly_seq_scheme.auth_seq_num 
_pdbx_poly_seq_scheme.pdb_mon_id 
_pdbx_poly_seq_scheme.auth_mon_id 
_pdbx_poly_seq_scheme.pdb_strand_id 
_pdbx_poly_seq_scheme.pdb_ins_code 
_pdbx_poly_seq_scheme.hetero 
A 1 1  GLY 1  406 406 GLY GLY A . n 
A 1 2  SER 2  407 407 SER SER A . n 
A 1 3  TRP 3  408 408 TRP TRP A . n 
A 1 4  THR 4  409 409 THR THR A . n 
A 1 5  LYS 5  410 410 LYS LYS A . n 
A 1 6  GLU 6  411 411 GLU GLU A . n 
A 1 7  GLU 7  412 412 GLU GLU A . n 
A 1 8  GLU 8  413 413 GLU GLU A . n 
A 1 9  GLU 9  414 414 GLU GLU A . n 
A 1 10 ALA 10 415 415 ALA ALA A . n 
A 1 11 LEU 11 416 416 LEU LEU A . n 
A 1 12 LEU 12 417 417 LEU LEU A . n 
A 1 13 ASP 13 418 418 ASP ASP A . n 
A 1 14 GLY 14 419 419 GLY GLY A . n 
A 1 15 LEU 15 420 420 LEU LEU A . n 
A 1 16 ASP 16 421 421 ASP ASP A . n 
A 1 17 LEU 17 422 422 LEU LEU A . n 
A 1 18 VAL 18 423 423 VAL VAL A . n 
A 1 19 LYS 19 424 424 LYS LYS A . n 
A 1 20 GLY 20 425 425 GLY GLY A . n 
A 1 21 PRO 21 426 426 PRO PRO A . n 
A 1 22 ARG 22 427 427 ARG ARG A . n 
A 1 23 TRP 23 428 428 TRP TRP A . n 
A 1 24 SER 24 429 429 SER SER A . n 
A 1 25 GLN 25 430 430 GLN GLN A . n 
A 1 26 ILE 26 431 431 ILE ILE A . n 
A 1 27 LEU 27 432 432 LEU LEU A . n 
A 1 28 GLU 28 433 433 GLU GLU A . n 
A 1 29 LEU 29 434 434 LEU LEU A . n 
A 1 30 TYR 30 435 435 TYR TYR A . n 
A 1 31 GLY 31 436 436 GLY GLY A . n 
A 1 32 PRO 32 437 437 PRO PRO A . n 
A 1 33 GLY 33 438 438 GLY GLY A . n 
A 1 34 GLY 34 439 439 GLY GLY A . n 
A 1 35 LYS 35 440 440 LYS LYS A . n 
A 1 36 LYS 36 441 441 LYS LYS A . n 
A 1 37 SER 37 442 442 SER SER A . n 
A 1 38 GLU 38 443 443 GLU GLU A . n 
A 1 39 VAL 39 444 444 VAL VAL A . n 
A 1 40 LEU 40 445 445 LEU LEU A . n 
A 1 41 LYS 41 446 446 LYS LYS A . n 
A 1 42 TYR 42 447 447 TYR TYR A . n 
A 1 43 ARG 43 448 448 ARG ARG A . n 
A 1 44 ASN 44 449 449 ASN ASN A . n 
A 1 45 GLN 45 450 450 GLN GLN A . n 
A 1 46 VAL 46 451 451 VAL VAL A . n 
A 1 47 GLN 47 452 452 GLN GLN A . n 
A 1 48 LEU 48 453 453 LEU LEU A . n 
A 1 49 LYS 49 454 454 LYS LYS A . n 
A 1 50 ASP 50 455 455 ASP ASP A . n 
A 1 51 LYS 51 456 456 LYS LYS A . n 
A 1 52 ALA 52 457 457 ALA ALA A . n 
A 1 53 ARG 53 458 458 ARG ARG A . n 
A 1 54 ASN 54 459 459 ASN ASN A . n 
A 1 55 MET 55 460 460 MET MET A . n 
A 1 56 LYS 56 461 461 LYS LYS A . n 
A 1 57 LEU 57 462 462 LEU LEU A . n 
A 1 58 PHE 58 463 463 PHE PHE A . n 
A 1 59 PHE 59 464 464 PHE PHE A . n 
A 1 60 LEU 60 465 465 LEU LEU A . n 
A 1 61 LYS 61 466 466 LYS LYS A . n 
A 1 62 SER 62 467 467 SER SER A . n 
A 1 63 GLY 63 468 468 GLY GLY A . n 
A 1 64 GLN 64 469 469 GLN GLN A . n 
A 1 65 VAL 65 470 470 VAL VAL A . n 
A 1 66 VAL 66 471 471 VAL VAL A . n 
A 1 67 PRO 67 472 472 PRO PRO A . n 
A 1 68 ALA 68 473 473 ALA ALA A . n 
A 1 69 ALA 69 474 474 ALA ALA A . n 
A 1 70 LEU 70 475 475 LEU LEU A . n 
A 1 71 GLN 71 476 476 GLN GLN A . n 
A 1 72 CYS 72 477 477 CYS CYS A . n 
A 1 73 VAL 73 478 478 VAL VAL A . n 
A 1 74 THR 74 479 479 THR THR A . n 
A 1 75 GLY 75 480 480 GLY GLY A . n 
A 1 76 ASP 76 481 481 ASP ASP A . n 
A 1 77 LEU 77 482 482 LEU LEU A . n 
A 1 78 ARG 78 483 483 ARG ARG A . n 
A 1 79 ARG 79 484 484 ARG ARG A . n 
A 1 80 ASP 80 485 485 ASP ASP A . n 
B 1 1  GLY 1  406 ?   ?   ?   B . n 
B 1 2  SER 2  407 407 SER SER B . n 
B 1 3  TRP 3  408 408 TRP TRP B . n 
B 1 4  THR 4  409 409 THR THR B . n 
B 1 5  LYS 5  410 410 LYS LYS B . n 
B 1 6  GLU 6  411 411 GLU GLU B . n 
B 1 7  GLU 7  412 412 GLU GLU B . n 
B 1 8  GLU 8  413 413 GLU GLU B . n 
B 1 9  GLU 9  414 414 GLU GLU B . n 
B 1 10 ALA 10 415 415 ALA ALA B . n 
B 1 11 LEU 11 416 416 LEU LEU B . n 
B 1 12 LEU 12 417 417 LEU LEU B . n 
B 1 13 ASP 13 418 418 ASP ASP B . n 
B 1 14 GLY 14 419 419 GLY GLY B . n 
B 1 15 LEU 15 420 420 LEU LEU B . n 
B 1 16 ASP 16 421 421 ASP ASP B . n 
B 1 17 LEU 17 422 422 LEU LEU B . n 
B 1 18 VAL 18 423 423 VAL VAL B . n 
B 1 19 LYS 19 424 424 LYS LYS B . n 
B 1 20 GLY 20 425 425 GLY GLY B . n 
B 1 21 PRO 21 426 426 PRO PRO B . n 
B 1 22 ARG 22 427 427 ARG ARG B . n 
B 1 23 TRP 23 428 428 TRP TRP B . n 
B 1 24 SER 24 429 429 SER SER B . n 
B 1 25 GLN 25 430 430 GLN GLN B . n 
B 1 26 ILE 26 431 431 ILE ILE B . n 
B 1 27 LEU 27 432 432 LEU LEU B . n 
B 1 28 GLU 28 433 433 GLU GLU B . n 
B 1 29 LEU 29 434 434 LEU LEU B . n 
B 1 30 TYR 30 435 435 TYR TYR B . n 
B 1 31 GLY 31 436 436 GLY GLY B . n 
B 1 32 PRO 32 437 437 PRO PRO B . n 
B 1 33 GLY 33 438 438 GLY GLY B . n 
B 1 34 GLY 34 439 439 GLY GLY B . n 
B 1 35 LYS 35 440 440 LYS LYS B . n 
B 1 36 LYS 36 441 441 LYS LYS B . n 
B 1 37 SER 37 442 442 SER SER B . n 
B 1 38 GLU 38 443 443 GLU GLU B . n 
B 1 39 VAL 39 444 444 VAL VAL B . n 
B 1 40 LEU 40 445 445 LEU LEU B . n 
B 1 41 LYS 41 446 446 LYS LYS B . n 
B 1 42 TYR 42 447 447 TYR TYR B . n 
B 1 43 ARG 43 448 448 ARG ARG B . n 
B 1 44 ASN 44 449 449 ASN ASN B . n 
B 1 45 GLN 45 450 450 GLN GLN B . n 
B 1 46 VAL 46 451 451 VAL VAL B . n 
B 1 47 GLN 47 452 452 GLN GLN B . n 
B 1 48 LEU 48 453 453 LEU LEU B . n 
B 1 49 LYS 49 454 454 LYS LYS B . n 
B 1 50 ASP 50 455 455 ASP ASP B . n 
B 1 51 LYS 51 456 456 LYS LYS B . n 
B 1 52 ALA 52 457 457 ALA ALA B . n 
B 1 53 ARG 53 458 458 ARG ARG B . n 
B 1 54 ASN 54 459 459 ASN ASN B . n 
B 1 55 MET 55 460 460 MET MET B . n 
B 1 56 LYS 56 461 461 LYS LYS B . n 
B 1 57 LEU 57 462 462 LEU LEU B . n 
B 1 58 PHE 58 463 463 PHE PHE B . n 
B 1 59 PHE 59 464 464 PHE PHE B . n 
B 1 60 LEU 60 465 465 LEU LEU B . n 
B 1 61 LYS 61 466 466 LYS LYS B . n 
B 1 62 SER 62 467 467 SER SER B . n 
B 1 63 GLY 63 468 468 GLY GLY B . n 
B 1 64 GLN 64 469 469 GLN GLN B . n 
B 1 65 VAL 65 470 470 VAL VAL B . n 
B 1 66 VAL 66 471 471 VAL VAL B . n 
B 1 67 PRO 67 472 472 PRO PRO B . n 
B 1 68 ALA 68 473 473 ALA ALA B . n 
B 1 69 ALA 69 474 474 ALA ALA B . n 
B 1 70 LEU 70 475 475 LEU LEU B . n 
B 1 71 GLN 71 476 476 GLN GLN B . n 
B 1 72 CYS 72 477 477 CYS CYS B . n 
B 1 73 VAL 73 478 478 VAL VAL B . n 
B 1 74 THR 74 479 479 THR THR B . n 
B 1 75 GLY 75 480 480 GLY GLY B . n 
B 1 76 ASP 76 481 481 ASP ASP B . n 
B 1 77 LEU 77 482 482 LEU LEU B . n 
B 1 78 ARG 78 483 483 ARG ARG B . n 
B 1 79 ARG 79 484 484 ARG ARG B . n 
B 1 80 ASP 80 485 ?   ?   ?   B . n 
# 
loop_
_pdbx_nonpoly_scheme.asym_id 
_pdbx_nonpoly_scheme.entity_id 
_pdbx_nonpoly_scheme.mon_id 
_pdbx_nonpoly_scheme.ndb_seq_num 
_pdbx_nonpoly_scheme.pdb_seq_num 
_pdbx_nonpoly_scheme.auth_seq_num 
_pdbx_nonpoly_scheme.pdb_mon_id 
_pdbx_nonpoly_scheme.auth_mon_id 
_pdbx_nonpoly_scheme.pdb_strand_id 
_pdbx_nonpoly_scheme.pdb_ins_code 
C 2 GOL 1  501 201 GOL GOL A . 
D 3 HOH 1  601 31  HOH HOH A . 
D 3 HOH 2  602 21  HOH HOH A . 
D 3 HOH 3  603 4   HOH HOH A . 
D 3 HOH 4  604 38  HOH HOH A . 
D 3 HOH 5  605 91  HOH HOH A . 
D 3 HOH 6  606 7   HOH HOH A . 
D 3 HOH 7  607 59  HOH HOH A . 
D 3 HOH 8  608 56  HOH HOH A . 
D 3 HOH 9  609 64  HOH HOH A . 
D 3 HOH 10 610 45  HOH HOH A . 
D 3 HOH 11 611 133 HOH HOH A . 
D 3 HOH 12 612 9   HOH HOH A . 
D 3 HOH 13 613 10  HOH HOH A . 
D 3 HOH 14 614 14  HOH HOH A . 
D 3 HOH 15 615 72  HOH HOH A . 
D 3 HOH 16 616 3   HOH HOH A . 
D 3 HOH 17 617 23  HOH HOH A . 
D 3 HOH 18 618 134 HOH HOH A . 
D 3 HOH 19 619 25  HOH HOH A . 
D 3 HOH 20 620 60  HOH HOH A . 
D 3 HOH 21 621 83  HOH HOH A . 
D 3 HOH 22 622 71  HOH HOH A . 
D 3 HOH 23 623 55  HOH HOH A . 
D 3 HOH 24 624 53  HOH HOH A . 
D 3 HOH 25 625 101 HOH HOH A . 
D 3 HOH 26 626 119 HOH HOH A . 
D 3 HOH 27 627 15  HOH HOH A . 
D 3 HOH 28 628 18  HOH HOH A . 
D 3 HOH 29 629 1   HOH HOH A . 
D 3 HOH 30 630 5   HOH HOH A . 
D 3 HOH 31 631 70  HOH HOH A . 
D 3 HOH 32 632 6   HOH HOH A . 
D 3 HOH 33 633 61  HOH HOH A . 
D 3 HOH 34 634 87  HOH HOH A . 
D 3 HOH 35 635 20  HOH HOH A . 
D 3 HOH 36 636 100 HOH HOH A . 
D 3 HOH 37 637 32  HOH HOH A . 
D 3 HOH 38 638 28  HOH HOH A . 
D 3 HOH 39 639 16  HOH HOH A . 
D 3 HOH 40 640 111 HOH HOH A . 
D 3 HOH 41 641 13  HOH HOH A . 
D 3 HOH 42 642 89  HOH HOH A . 
D 3 HOH 43 643 113 HOH HOH A . 
D 3 HOH 44 644 11  HOH HOH A . 
D 3 HOH 45 645 49  HOH HOH A . 
D 3 HOH 46 646 27  HOH HOH A . 
D 3 HOH 47 647 34  HOH HOH A . 
D 3 HOH 48 648 132 HOH HOH A . 
D 3 HOH 49 649 54  HOH HOH A . 
D 3 HOH 50 650 127 HOH HOH A . 
D 3 HOH 51 651 97  HOH HOH A . 
D 3 HOH 52 652 46  HOH HOH A . 
D 3 HOH 53 653 43  HOH HOH A . 
D 3 HOH 54 654 82  HOH HOH A . 
D 3 HOH 55 655 90  HOH HOH A . 
D 3 HOH 56 656 44  HOH HOH A . 
D 3 HOH 57 657 112 HOH HOH A . 
D 3 HOH 58 658 17  HOH HOH A . 
D 3 HOH 59 659 75  HOH HOH A . 
D 3 HOH 60 660 98  HOH HOH A . 
D 3 HOH 61 661 109 HOH HOH A . 
D 3 HOH 62 662 136 HOH HOH A . 
D 3 HOH 63 663 26  HOH HOH A . 
D 3 HOH 64 664 63  HOH HOH A . 
D 3 HOH 65 665 51  HOH HOH A . 
D 3 HOH 66 666 69  HOH HOH A . 
D 3 HOH 67 667 135 HOH HOH A . 
D 3 HOH 68 668 92  HOH HOH A . 
D 3 HOH 69 669 84  HOH HOH A . 
D 3 HOH 70 670 99  HOH HOH A . 
D 3 HOH 71 671 96  HOH HOH A . 
D 3 HOH 72 672 65  HOH HOH A . 
D 3 HOH 73 673 137 HOH HOH A . 
D 3 HOH 74 674 118 HOH HOH A . 
D 3 HOH 75 675 79  HOH HOH A . 
D 3 HOH 76 676 39  HOH HOH A . 
D 3 HOH 77 677 121 HOH HOH A . 
D 3 HOH 78 678 131 HOH HOH A . 
D 3 HOH 79 679 115 HOH HOH A . 
D 3 HOH 80 680 42  HOH HOH A . 
D 3 HOH 81 681 47  HOH HOH A . 
D 3 HOH 82 682 93  HOH HOH A . 
D 3 HOH 83 683 62  HOH HOH A . 
D 3 HOH 84 684 88  HOH HOH A . 
D 3 HOH 85 685 105 HOH HOH A . 
D 3 HOH 86 686 66  HOH HOH A . 
D 3 HOH 87 687 94  HOH HOH A . 
D 3 HOH 88 688 120 HOH HOH A . 
E 3 HOH 1  501 73  HOH HOH B . 
E 3 HOH 2  502 68  HOH HOH B . 
E 3 HOH 3  503 126 HOH HOH B . 
E 3 HOH 4  504 106 HOH HOH B . 
E 3 HOH 5  505 22  HOH HOH B . 
E 3 HOH 6  506 12  HOH HOH B . 
E 3 HOH 7  507 77  HOH HOH B . 
E 3 HOH 8  508 81  HOH HOH B . 
E 3 HOH 9  509 24  HOH HOH B . 
E 3 HOH 10 510 85  HOH HOH B . 
E 3 HOH 11 511 52  HOH HOH B . 
E 3 HOH 12 512 78  HOH HOH B . 
E 3 HOH 13 513 37  HOH HOH B . 
E 3 HOH 14 514 125 HOH HOH B . 
E 3 HOH 15 515 108 HOH HOH B . 
E 3 HOH 16 516 30  HOH HOH B . 
E 3 HOH 17 517 29  HOH HOH B . 
E 3 HOH 18 518 102 HOH HOH B . 
E 3 HOH 19 519 50  HOH HOH B . 
E 3 HOH 20 520 19  HOH HOH B . 
E 3 HOH 21 521 41  HOH HOH B . 
E 3 HOH 22 522 57  HOH HOH B . 
E 3 HOH 23 523 123 HOH HOH B . 
E 3 HOH 24 524 36  HOH HOH B . 
E 3 HOH 25 525 76  HOH HOH B . 
E 3 HOH 26 526 129 HOH HOH B . 
E 3 HOH 27 527 2   HOH HOH B . 
E 3 HOH 28 528 80  HOH HOH B . 
E 3 HOH 29 529 122 HOH HOH B . 
E 3 HOH 30 530 116 HOH HOH B . 
E 3 HOH 31 531 40  HOH HOH B . 
E 3 HOH 32 532 104 HOH HOH B . 
E 3 HOH 33 533 128 HOH HOH B . 
E 3 HOH 34 534 103 HOH HOH B . 
E 3 HOH 35 535 74  HOH HOH B . 
E 3 HOH 36 536 48  HOH HOH B . 
E 3 HOH 37 537 110 HOH HOH B . 
E 3 HOH 38 538 86  HOH HOH B . 
E 3 HOH 39 539 58  HOH HOH B . 
E 3 HOH 40 540 124 HOH HOH B . 
E 3 HOH 41 541 130 HOH HOH B . 
E 3 HOH 42 542 8   HOH HOH B . 
E 3 HOH 43 543 95  HOH HOH B . 
E 3 HOH 44 544 35  HOH HOH B . 
E 3 HOH 45 545 117 HOH HOH B . 
E 3 HOH 46 546 114 HOH HOH B . 
E 3 HOH 47 547 33  HOH HOH B . 
E 3 HOH 48 548 107 HOH HOH B . 
E 3 HOH 49 549 67  HOH HOH B . 
# 
loop_
_software.citation_id 
_software.classification 
_software.compiler_name 
_software.compiler_version 
_software.contact_author 
_software.contact_author_email 
_software.date 
_software.description 
_software.dependencies 
_software.hardware 
_software.language 
_software.location 
_software.mods 
_software.name 
_software.os 
_software.os_version 
_software.type 
_software.version 
_software.pdbx_ordinal 
? refinement       ? ? ? ? ? ? ? ? ? ? ? PHENIX   ? ? ? 1.13_2998 1 
? 'data reduction' ? ? ? ? ? ? ? ? ? ? ? HKL-2000 ? ? ? .         2 
? 'data scaling'   ? ? ? ? ? ? ? ? ? ? ? HKL-2000 ? ? ? .         3 
? phasing          ? ? ? ? ? ? ? ? ? ? ? PHASER   ? ? ? .         4 
# 
_cell.angle_alpha                  90.000 
_cell.angle_alpha_esd              ? 
_cell.angle_beta                   90.000 
_cell.angle_beta_esd               ? 
_cell.angle_gamma                  90.000 
_cell.angle_gamma_esd              ? 
_cell.entry_id                     8YNU 
_cell.details                      ? 
_cell.formula_units_Z              ? 
_cell.length_a                     41.393 
_cell.length_a_esd                 ? 
_cell.length_b                     62.230 
_cell.length_b_esd                 ? 
_cell.length_c                     86.773 
_cell.length_c_esd                 ? 
_cell.volume                       223517.390 
_cell.volume_esd                   ? 
_cell.Z_PDB                        8 
_cell.reciprocal_angle_alpha       ? 
_cell.reciprocal_angle_beta        ? 
_cell.reciprocal_angle_gamma       ? 
_cell.reciprocal_angle_alpha_esd   ? 
_cell.reciprocal_angle_beta_esd    ? 
_cell.reciprocal_angle_gamma_esd   ? 
_cell.reciprocal_length_a          ? 
_cell.reciprocal_length_b          ? 
_cell.reciprocal_length_c          ? 
_cell.reciprocal_length_a_esd      ? 
_cell.reciprocal_length_b_esd      ? 
_cell.reciprocal_length_c_esd      ? 
_cell.pdbx_unique_axis             ? 
_cell.pdbx_esd_method              ? 
# 
_symmetry.entry_id                         8YNU 
_symmetry.cell_setting                     ? 
_symmetry.Int_Tables_number                16 
_symmetry.space_group_name_Hall            'P 2 2' 
_symmetry.space_group_name_H-M             'P 2 2 2' 
_symmetry.pdbx_full_space_group_name_H-M   ? 
# 
_exptl.absorpt_coefficient_mu     ? 
_exptl.absorpt_correction_T_max   ? 
_exptl.absorpt_correction_T_min   ? 
_exptl.absorpt_correction_type    ? 
_exptl.absorpt_process_details    ? 
_exptl.entry_id                   8YNU 
_exptl.crystals_number            1 
_exptl.details                    ? 
_exptl.method                     'X-RAY DIFFRACTION' 
_exptl.method_details             ? 
# 
_exptl_crystal.colour                       ? 
_exptl_crystal.density_diffrn               ? 
_exptl_crystal.density_Matthews             3.09 
_exptl_crystal.density_method               ? 
_exptl_crystal.density_percent_sol          60.23 
_exptl_crystal.description                  ? 
_exptl_crystal.F_000                        ? 
_exptl_crystal.id                           1 
_exptl_crystal.preparation                  ? 
_exptl_crystal.size_max                     ? 
_exptl_crystal.size_mid                     ? 
_exptl_crystal.size_min                     ? 
_exptl_crystal.size_rad                     ? 
_exptl_crystal.colour_lustre                ? 
_exptl_crystal.colour_modifier              ? 
_exptl_crystal.colour_primary               ? 
_exptl_crystal.density_meas                 ? 
_exptl_crystal.density_meas_esd             ? 
_exptl_crystal.density_meas_gt              ? 
_exptl_crystal.density_meas_lt              ? 
_exptl_crystal.density_meas_temp            ? 
_exptl_crystal.density_meas_temp_esd        ? 
_exptl_crystal.density_meas_temp_gt         ? 
_exptl_crystal.density_meas_temp_lt         ? 
_exptl_crystal.pdbx_crystal_image_url       ? 
_exptl_crystal.pdbx_crystal_image_format    ? 
_exptl_crystal.pdbx_mosaicity               ? 
_exptl_crystal.pdbx_mosaicity_esd           ? 
_exptl_crystal.pdbx_mosaic_method           ? 
_exptl_crystal.pdbx_mosaic_block_size       ? 
_exptl_crystal.pdbx_mosaic_block_size_esd   ? 
# 
_exptl_crystal_grow.apparatus       ? 
_exptl_crystal_grow.atmosphere      ? 
_exptl_crystal_grow.crystal_id      1 
_exptl_crystal_grow.details         ? 
_exptl_crystal_grow.method          'VAPOR DIFFUSION' 
_exptl_crystal_grow.method_ref      ? 
_exptl_crystal_grow.pH              ? 
_exptl_crystal_grow.pressure        ? 
_exptl_crystal_grow.pressure_esd    ? 
_exptl_crystal_grow.seeding         ? 
_exptl_crystal_grow.seeding_ref     ? 
_exptl_crystal_grow.temp_details    ? 
_exptl_crystal_grow.temp_esd        ? 
_exptl_crystal_grow.time            ? 
_exptl_crystal_grow.pdbx_details    '16% PEG 8000, 40mM Potassium phosphate dibasic, 20% Glycerol' 
_exptl_crystal_grow.pdbx_pH_range   ? 
_exptl_crystal_grow.temp            277.15 
# 
_diffrn.ambient_environment              ? 
_diffrn.ambient_temp                     100 
_diffrn.ambient_temp_details             ? 
_diffrn.ambient_temp_esd                 ? 
_diffrn.crystal_id                       1 
_diffrn.crystal_support                  ? 
_diffrn.crystal_treatment                ? 
_diffrn.details                          ? 
_diffrn.id                               1 
_diffrn.ambient_pressure                 ? 
_diffrn.ambient_pressure_esd             ? 
_diffrn.ambient_pressure_gt              ? 
_diffrn.ambient_pressure_lt              ? 
_diffrn.ambient_temp_gt                  ? 
_diffrn.ambient_temp_lt                  ? 
_diffrn.pdbx_serial_crystal_experiment   N 
# 
_diffrn_detector.details                      ? 
_diffrn_detector.detector                     PIXEL 
_diffrn_detector.diffrn_id                    1 
_diffrn_detector.type                         'DECTRIS EIGER X 16M' 
_diffrn_detector.area_resol_mean              ? 
_diffrn_detector.dtime                        ? 
_diffrn_detector.pdbx_frames_total            ? 
_diffrn_detector.pdbx_collection_time_total   ? 
_diffrn_detector.pdbx_collection_date         2017-01-15 
_diffrn_detector.pdbx_frequency               ? 
_diffrn_detector.id                           ? 
_diffrn_detector.number_of_axes               ? 
# 
_diffrn_radiation.collimation                      ? 
_diffrn_radiation.diffrn_id                        1 
_diffrn_radiation.filter_edge                      ? 
_diffrn_radiation.inhomogeneity                    ? 
_diffrn_radiation.monochromator                    ? 
_diffrn_radiation.polarisn_norm                    ? 
_diffrn_radiation.polarisn_ratio                   ? 
_diffrn_radiation.probe                            ? 
_diffrn_radiation.type                             ? 
_diffrn_radiation.xray_symbol                      ? 
_diffrn_radiation.wavelength_id                    1 
_diffrn_radiation.pdbx_monochromatic_or_laue_m_l   M 
_diffrn_radiation.pdbx_wavelength_list             ? 
_diffrn_radiation.pdbx_wavelength                  ? 
_diffrn_radiation.pdbx_diffrn_protocol             'SINGLE WAVELENGTH' 
_diffrn_radiation.pdbx_analyzer                    ? 
_diffrn_radiation.pdbx_scattering_type             x-ray 
# 
_diffrn_radiation_wavelength.id           1 
_diffrn_radiation_wavelength.wavelength   0.97778 
_diffrn_radiation_wavelength.wt           1.0 
# 
_diffrn_source.current                     ? 
_diffrn_source.details                     ? 
_diffrn_source.diffrn_id                   1 
_diffrn_source.power                       ? 
_diffrn_source.size                        ? 
_diffrn_source.source                      SYNCHROTRON 
_diffrn_source.target                      ? 
_diffrn_source.type                        'SSRF BEAMLINE BL18U1' 
_diffrn_source.voltage                     ? 
_diffrn_source.take-off_angle              ? 
_diffrn_source.pdbx_wavelength_list        0.97778 
_diffrn_source.pdbx_wavelength             ? 
_diffrn_source.pdbx_synchrotron_beamline   BL18U1 
_diffrn_source.pdbx_synchrotron_site       SSRF 
# 
_reflns.B_iso_Wilson_estimate                          20.63 
_reflns.entry_id                                       8YNU 
_reflns.data_reduction_details                         ? 
_reflns.data_reduction_method                          ? 
_reflns.d_resolution_high                              1.76 
_reflns.d_resolution_low                               50.00 
_reflns.details                                        ? 
_reflns.limit_h_max                                    ? 
_reflns.limit_h_min                                    ? 
_reflns.limit_k_max                                    ? 
_reflns.limit_k_min                                    ? 
_reflns.limit_l_max                                    ? 
_reflns.limit_l_min                                    ? 
_reflns.number_all                                     ? 
_reflns.number_obs                                     292977 
_reflns.observed_criterion                             ? 
_reflns.observed_criterion_F_max                       ? 
_reflns.observed_criterion_F_min                       ? 
_reflns.observed_criterion_I_max                       ? 
_reflns.observed_criterion_I_min                       ? 
_reflns.observed_criterion_sigma_F                     ? 
_reflns.observed_criterion_sigma_I                     ? 
_reflns.percent_possible_obs                           100 
_reflns.R_free_details                                 ? 
_reflns.Rmerge_F_all                                   ? 
_reflns.Rmerge_F_obs                                   ? 
_reflns.Friedel_coverage                               ? 
_reflns.number_gt                                      ? 
_reflns.threshold_expression                           ? 
_reflns.pdbx_redundancy                                12.9 
_reflns.pdbx_netI_over_av_sigmaI                       ? 
_reflns.pdbx_netI_over_sigmaI                          36.28 
_reflns.pdbx_res_netI_over_av_sigmaI_2                 ? 
_reflns.pdbx_res_netI_over_sigmaI_2                    ? 
_reflns.pdbx_chi_squared                               ? 
_reflns.pdbx_scaling_rejects                           ? 
_reflns.pdbx_d_res_high_opt                            ? 
_reflns.pdbx_d_res_low_opt                             ? 
_reflns.pdbx_d_res_opt_method                          ? 
_reflns.phase_calculation_details                      ? 
_reflns.pdbx_Rrim_I_all                                0.112 
_reflns.pdbx_Rpim_I_all                                0.031 
_reflns.pdbx_d_opt                                     ? 
_reflns.pdbx_number_measured_all                       ? 
_reflns.pdbx_diffrn_id                                 1 
_reflns.pdbx_ordinal                                   1 
_reflns.pdbx_CC_half                                   ? 
_reflns.pdbx_CC_star                                   ? 
_reflns.pdbx_R_split                                   ? 
_reflns.pdbx_Rmerge_I_obs                              0.107 
_reflns.pdbx_Rmerge_I_all                              ? 
_reflns.pdbx_Rsym_value                                0.107 
_reflns.pdbx_CC_split_method                           ? 
_reflns.pdbx_aniso_diffraction_limit_axis_1_ortho[1]   ? 
_reflns.pdbx_aniso_diffraction_limit_axis_1_ortho[2]   ? 
_reflns.pdbx_aniso_diffraction_limit_axis_1_ortho[3]   ? 
_reflns.pdbx_aniso_diffraction_limit_axis_2_ortho[1]   ? 
_reflns.pdbx_aniso_diffraction_limit_axis_2_ortho[2]   ? 
_reflns.pdbx_aniso_diffraction_limit_axis_2_ortho[3]   ? 
_reflns.pdbx_aniso_diffraction_limit_axis_3_ortho[1]   ? 
_reflns.pdbx_aniso_diffraction_limit_axis_3_ortho[2]   ? 
_reflns.pdbx_aniso_diffraction_limit_axis_3_ortho[3]   ? 
_reflns.pdbx_aniso_diffraction_limit_1                 ? 
_reflns.pdbx_aniso_diffraction_limit_2                 ? 
_reflns.pdbx_aniso_diffraction_limit_3                 ? 
_reflns.pdbx_aniso_B_tensor_eigenvector_1_ortho[1]     ? 
_reflns.pdbx_aniso_B_tensor_eigenvector_1_ortho[2]     ? 
_reflns.pdbx_aniso_B_tensor_eigenvector_1_ortho[3]     ? 
_reflns.pdbx_aniso_B_tensor_eigenvector_2_ortho[1]     ? 
_reflns.pdbx_aniso_B_tensor_eigenvector_2_ortho[2]     ? 
_reflns.pdbx_aniso_B_tensor_eigenvector_2_ortho[3]     ? 
_reflns.pdbx_aniso_B_tensor_eigenvector_3_ortho[1]     ? 
_reflns.pdbx_aniso_B_tensor_eigenvector_3_ortho[2]     ? 
_reflns.pdbx_aniso_B_tensor_eigenvector_3_ortho[3]     ? 
_reflns.pdbx_aniso_B_tensor_eigenvalue_1               ? 
_reflns.pdbx_aniso_B_tensor_eigenvalue_2               ? 
_reflns.pdbx_aniso_B_tensor_eigenvalue_3               ? 
_reflns.pdbx_orthogonalization_convention              ? 
_reflns.pdbx_percent_possible_ellipsoidal              ? 
_reflns.pdbx_percent_possible_spherical                ? 
_reflns.pdbx_percent_possible_ellipsoidal_anomalous    ? 
_reflns.pdbx_percent_possible_spherical_anomalous      ? 
_reflns.pdbx_redundancy_anomalous                      ? 
_reflns.pdbx_CC_half_anomalous                         ? 
_reflns.pdbx_absDiff_over_sigma_anomalous              ? 
_reflns.pdbx_percent_possible_anomalous                ? 
_reflns.pdbx_observed_signal_threshold                 ? 
_reflns.pdbx_signal_type                               ? 
_reflns.pdbx_signal_details                            ? 
_reflns.pdbx_signal_software_id                        ? 
# 
_reflns_shell.d_res_high                                    1.76 
_reflns_shell.d_res_low                                     1.79 
_reflns_shell.meanI_over_sigI_all                           ? 
_reflns_shell.meanI_over_sigI_obs                           6.083 
_reflns_shell.number_measured_all                           ? 
_reflns_shell.number_measured_obs                           ? 
_reflns_shell.number_possible                               ? 
_reflns_shell.number_unique_all                             ? 
_reflns_shell.number_unique_obs                             1114 
_reflns_shell.percent_possible_obs                          ? 
_reflns_shell.Rmerge_F_all                                  ? 
_reflns_shell.Rmerge_F_obs                                  ? 
_reflns_shell.meanI_over_sigI_gt                            ? 
_reflns_shell.meanI_over_uI_all                             ? 
_reflns_shell.meanI_over_uI_gt                              ? 
_reflns_shell.number_measured_gt                            ? 
_reflns_shell.number_unique_gt                              ? 
_reflns_shell.percent_possible_gt                           ? 
_reflns_shell.Rmerge_F_gt                                   ? 
_reflns_shell.Rmerge_I_gt                                   ? 
_reflns_shell.pdbx_redundancy                               ? 
_reflns_shell.pdbx_chi_squared                              ? 
_reflns_shell.pdbx_netI_over_sigmaI_all                     ? 
_reflns_shell.pdbx_netI_over_sigmaI_obs                     ? 
_reflns_shell.pdbx_Rrim_I_all                               0.396 
_reflns_shell.pdbx_Rpim_I_all                               0.111 
_reflns_shell.pdbx_rejects                                  ? 
_reflns_shell.pdbx_ordinal                                  1 
_reflns_shell.pdbx_diffrn_id                                1 
_reflns_shell.pdbx_CC_half                                  0.937 
_reflns_shell.pdbx_CC_star                                  ? 
_reflns_shell.pdbx_R_split                                  ? 
_reflns_shell.percent_possible_all                          ? 
_reflns_shell.Rmerge_I_all                                  ? 
_reflns_shell.Rmerge_I_obs                                  0.380 
_reflns_shell.pdbx_Rsym_value                               0.380 
_reflns_shell.pdbx_percent_possible_ellipsoidal             ? 
_reflns_shell.pdbx_percent_possible_spherical               ? 
_reflns_shell.pdbx_percent_possible_ellipsoidal_anomalous   ? 
_reflns_shell.pdbx_percent_possible_spherical_anomalous     ? 
_reflns_shell.pdbx_redundancy_anomalous                     ? 
_reflns_shell.pdbx_CC_half_anomalous                        ? 
_reflns_shell.pdbx_absDiff_over_sigma_anomalous             ? 
_reflns_shell.pdbx_percent_possible_anomalous               ? 
# 
_refine.aniso_B[1][1]                            ? 
_refine.aniso_B[1][2]                            ? 
_refine.aniso_B[1][3]                            ? 
_refine.aniso_B[2][2]                            ? 
_refine.aniso_B[2][3]                            ? 
_refine.aniso_B[3][3]                            ? 
_refine.B_iso_max                                ? 
_refine.B_iso_mean                               24.35 
_refine.B_iso_min                                ? 
_refine.correlation_coeff_Fo_to_Fc               ? 
_refine.correlation_coeff_Fo_to_Fc_free          ? 
_refine.details                                  ? 
_refine.diff_density_max                         ? 
_refine.diff_density_max_esd                     ? 
_refine.diff_density_min                         ? 
_refine.diff_density_min_esd                     ? 
_refine.diff_density_rms                         ? 
_refine.diff_density_rms_esd                     ? 
_refine.entry_id                                 8YNU 
_refine.pdbx_refine_id                           'X-RAY DIFFRACTION' 
_refine.ls_abs_structure_details                 ? 
_refine.ls_abs_structure_Flack                   ? 
_refine.ls_abs_structure_Flack_esd               ? 
_refine.ls_abs_structure_Rogers                  ? 
_refine.ls_abs_structure_Rogers_esd              ? 
_refine.ls_d_res_high                            1.76 
_refine.ls_d_res_low                             43.39 
_refine.ls_extinction_coef                       ? 
_refine.ls_extinction_coef_esd                   ? 
_refine.ls_extinction_expression                 ? 
_refine.ls_extinction_method                     ? 
_refine.ls_goodness_of_fit_all                   ? 
_refine.ls_goodness_of_fit_all_esd               ? 
_refine.ls_goodness_of_fit_obs                   ? 
_refine.ls_goodness_of_fit_obs_esd               ? 
_refine.ls_hydrogen_treatment                    ? 
_refine.ls_matrix_type                           ? 
_refine.ls_number_constraints                    ? 
_refine.ls_number_parameters                     ? 
_refine.ls_number_reflns_all                     ? 
_refine.ls_number_reflns_obs                     22680 
_refine.ls_number_reflns_R_free                  1133 
_refine.ls_number_reflns_R_work                  21547 
_refine.ls_number_restraints                     ? 
_refine.ls_percent_reflns_obs                    99.56 
_refine.ls_percent_reflns_R_free                 5.00 
_refine.ls_R_factor_all                          ? 
_refine.ls_R_factor_obs                          0.1955 
_refine.ls_R_factor_R_free                       0.2320 
_refine.ls_R_factor_R_free_error                 ? 
_refine.ls_R_factor_R_free_error_details         ? 
_refine.ls_R_factor_R_work                       0.1936 
_refine.ls_R_Fsqd_factor_obs                     ? 
_refine.ls_R_I_factor_obs                        ? 
_refine.ls_redundancy_reflns_all                 ? 
_refine.ls_redundancy_reflns_obs                 ? 
_refine.ls_restrained_S_all                      ? 
_refine.ls_restrained_S_obs                      ? 
_refine.ls_shift_over_esd_max                    ? 
_refine.ls_shift_over_esd_mean                   ? 
_refine.ls_structure_factor_coef                 ? 
_refine.ls_weighting_details                     ? 
_refine.ls_weighting_scheme                      ? 
_refine.ls_wR_factor_all                         ? 
_refine.ls_wR_factor_obs                         ? 
_refine.ls_wR_factor_R_free                      ? 
_refine.ls_wR_factor_R_work                      ? 
_refine.occupancy_max                            ? 
_refine.occupancy_min                            ? 
_refine.solvent_model_details                    'FLAT BULK SOLVENT MODEL' 
_refine.solvent_model_param_bsol                 ? 
_refine.solvent_model_param_ksol                 ? 
_refine.pdbx_R_complete                          ? 
_refine.ls_R_factor_gt                           ? 
_refine.ls_goodness_of_fit_gt                    ? 
_refine.ls_goodness_of_fit_ref                   ? 
_refine.ls_shift_over_su_max                     ? 
_refine.ls_shift_over_su_max_lt                  ? 
_refine.ls_shift_over_su_mean                    ? 
_refine.ls_shift_over_su_mean_lt                 ? 
_refine.pdbx_ls_sigma_I                          ? 
_refine.pdbx_ls_sigma_F                          1.36 
_refine.pdbx_ls_sigma_Fsqd                       ? 
_refine.pdbx_data_cutoff_high_absF               ? 
_refine.pdbx_data_cutoff_high_rms_absF           ? 
_refine.pdbx_data_cutoff_low_absF                ? 
_refine.pdbx_isotropic_thermal_model             ? 
_refine.pdbx_ls_cross_valid_method               'FREE R-VALUE' 
_refine.pdbx_method_to_determine_struct          'MOLECULAR REPLACEMENT' 
_refine.pdbx_starting_model                      ? 
_refine.pdbx_stereochemistry_target_values       'GeoStd + Monomer Library' 
_refine.pdbx_R_Free_selection_details            ? 
_refine.pdbx_stereochem_target_val_spec_case     ? 
_refine.pdbx_overall_ESU_R                       ? 
_refine.pdbx_overall_ESU_R_Free                  ? 
_refine.pdbx_solvent_vdw_probe_radii             1.1100 
_refine.pdbx_solvent_ion_probe_radii             ? 
_refine.pdbx_solvent_shrinkage_radii             0.9000 
_refine.pdbx_real_space_R                        ? 
_refine.pdbx_density_correlation                 ? 
_refine.pdbx_pd_number_of_powder_patterns        ? 
_refine.pdbx_pd_number_of_points                 ? 
_refine.pdbx_pd_meas_number_of_points            ? 
_refine.pdbx_pd_proc_ls_prof_R_factor            ? 
_refine.pdbx_pd_proc_ls_prof_wR_factor           ? 
_refine.pdbx_pd_Marquardt_correlation_coeff      ? 
_refine.pdbx_pd_Fsqrd_R_factor                   ? 
_refine.pdbx_pd_ls_matrix_band_width             ? 
_refine.pdbx_overall_phase_error                 20.7545 
_refine.pdbx_overall_SU_R_free_Cruickshank_DPI   ? 
_refine.pdbx_overall_SU_R_free_Blow_DPI          ? 
_refine.pdbx_overall_SU_R_Blow_DPI               ? 
_refine.pdbx_TLS_residual_ADP_flag               ? 
_refine.pdbx_diffrn_id                           1 
_refine.overall_SU_B                             ? 
_refine.overall_SU_ML                            0.1717 
_refine.overall_SU_R_Cruickshank_DPI             ? 
_refine.overall_SU_R_free                        ? 
_refine.overall_FOM_free_R_set                   ? 
_refine.overall_FOM_work_R_set                   ? 
_refine.pdbx_average_fsc_overall                 ? 
_refine.pdbx_average_fsc_work                    ? 
_refine.pdbx_average_fsc_free                    ? 
# 
_refine_hist.pdbx_refine_id                   'X-RAY DIFFRACTION' 
_refine_hist.cycle_id                         LAST 
_refine_hist.details                          ? 
_refine_hist.d_res_high                       1.76 
_refine_hist.d_res_low                        43.39 
_refine_hist.number_atoms_solvent             137 
_refine_hist.number_atoms_total               1403 
_refine_hist.number_reflns_all                ? 
_refine_hist.number_reflns_obs                ? 
_refine_hist.number_reflns_R_free             ? 
_refine_hist.number_reflns_R_work             ? 
_refine_hist.R_factor_all                     ? 
_refine_hist.R_factor_obs                     ? 
_refine_hist.R_factor_R_free                  ? 
_refine_hist.R_factor_R_work                  ? 
_refine_hist.pdbx_number_residues_total       ? 
_refine_hist.pdbx_B_iso_mean_ligand           ? 
_refine_hist.pdbx_B_iso_mean_solvent          ? 
_refine_hist.pdbx_number_atoms_protein        1260 
_refine_hist.pdbx_number_atoms_nucleic_acid   0 
_refine_hist.pdbx_number_atoms_ligand         6 
_refine_hist.pdbx_number_atoms_lipid          ? 
_refine_hist.pdbx_number_atoms_carb           ? 
_refine_hist.pdbx_pseudo_atom_details         ? 
# 
loop_
_refine_ls_restr.pdbx_refine_id 
_refine_ls_restr.criterion 
_refine_ls_restr.dev_ideal 
_refine_ls_restr.dev_ideal_target 
_refine_ls_restr.number 
_refine_ls_restr.rejects 
_refine_ls_restr.type 
_refine_ls_restr.weight 
_refine_ls_restr.pdbx_restraint_function 
'X-RAY DIFFRACTION' ? 0.0087  ? 1283 ? f_bond_d           ? ? 
'X-RAY DIFFRACTION' ? 0.8857  ? 1718 ? f_angle_d          ? ? 
'X-RAY DIFFRACTION' ? 0.0544  ? 185  ? f_chiral_restr     ? ? 
'X-RAY DIFFRACTION' ? 0.0042  ? 218  ? f_plane_restr      ? ? 
'X-RAY DIFFRACTION' ? 19.7620 ? 500  ? f_dihedral_angle_d ? ? 
# 
loop_
_refine_ls_shell.pdbx_refine_id 
_refine_ls_shell.d_res_high 
_refine_ls_shell.d_res_low 
_refine_ls_shell.number_reflns_all 
_refine_ls_shell.number_reflns_obs 
_refine_ls_shell.number_reflns_R_free 
_refine_ls_shell.number_reflns_R_work 
_refine_ls_shell.percent_reflns_obs 
_refine_ls_shell.percent_reflns_R_free 
_refine_ls_shell.R_factor_all 
_refine_ls_shell.R_factor_obs 
_refine_ls_shell.R_factor_R_free_error 
_refine_ls_shell.R_factor_R_work 
_refine_ls_shell.redundancy_reflns_all 
_refine_ls_shell.redundancy_reflns_obs 
_refine_ls_shell.wR_factor_all 
_refine_ls_shell.wR_factor_obs 
_refine_ls_shell.wR_factor_R_free 
_refine_ls_shell.wR_factor_R_work 
_refine_ls_shell.pdbx_R_complete 
_refine_ls_shell.pdbx_total_number_of_bins_used 
_refine_ls_shell.pdbx_phase_error 
_refine_ls_shell.pdbx_fsc_work 
_refine_ls_shell.pdbx_fsc_free 
_refine_ls_shell.R_factor_R_free 
'X-RAY DIFFRACTION' 1.76 1.84  . . 138 2606 98.42 . . . . 0.2312 . . . . . . . . . . . 0.2630 
'X-RAY DIFFRACTION' 1.84 1.94  . . 140 2659 99.89 . . . . 0.1983 . . . . . . . . . . . 0.2373 
'X-RAY DIFFRACTION' 1.94 2.06  . . 139 2650 99.89 . . . . 0.1956 . . . . . . . . . . . 0.2218 
'X-RAY DIFFRACTION' 2.06 2.22  . . 140 2671 99.86 . . . . 0.1995 . . . . . . . . . . . 0.2362 
'X-RAY DIFFRACTION' 2.22 2.45  . . 140 2679 99.86 . . . . 0.1965 . . . . . . . . . . . 0.2535 
'X-RAY DIFFRACTION' 2.45 2.80  . . 142 2700 99.79 . . . . 0.2075 . . . . . . . . . . . 0.2302 
'X-RAY DIFFRACTION' 2.80 3.53  . . 142 2722 99.76 . . . . 0.1991 . . . . . . . . . . . 0.2463 
'X-RAY DIFFRACTION' 3.53 43.39 . . 152 2860 99.08 . . . . 0.1750 . . . . . . . . . . . 0.2107 
# 
_struct.entry_id                     8YNU 
_struct.title                        'Crystal structure of the myb domain of S.pombe Tbf1 in the P222 space group' 
_struct.pdbx_model_details           ? 
_struct.pdbx_formula_weight          ? 
_struct.pdbx_formula_weight_method   ? 
_struct.pdbx_model_type_details      ? 
_struct.pdbx_CASP_flag               N 
# 
_struct_keywords.entry_id        8YNU 
_struct_keywords.text            'Telomere binding protein, DNA BINDING PROTEIN' 
_struct_keywords.pdbx_keywords   'DNA BINDING PROTEIN' 
# 
loop_
_struct_asym.id 
_struct_asym.pdbx_blank_PDB_chainid_flag 
_struct_asym.pdbx_modified 
_struct_asym.entity_id 
_struct_asym.details 
A N N 1 ? 
B N N 1 ? 
C N N 2 ? 
D N N 3 ? 
E N N 3 ? 
# 
_struct_ref.id                         1 
_struct_ref.db_name                    UNP 
_struct_ref.db_code                    TRF1_SCHPO 
_struct_ref.pdbx_db_accession          Q6E434 
_struct_ref.pdbx_db_isoform            ? 
_struct_ref.entity_id                  1 
_struct_ref.pdbx_seq_one_letter_code   SWTKEEEEALLDGLDLVKGPRWSQILELYGPGGKKSEVLKYRNQVQLKDKARNMKLFFLKSGQVVPAALQCVTGDLRRD 
_struct_ref.pdbx_align_begin           407 
# 
loop_
_struct_ref_seq.align_id 
_struct_ref_seq.ref_id 
_struct_ref_seq.pdbx_PDB_id_code 
_struct_ref_seq.pdbx_strand_id 
_struct_ref_seq.seq_align_beg 
_struct_ref_seq.pdbx_seq_align_beg_ins_code 
_struct_ref_seq.seq_align_end 
_struct_ref_seq.pdbx_seq_align_end_ins_code 
_struct_ref_seq.pdbx_db_accession 
_struct_ref_seq.db_align_beg 
_struct_ref_seq.pdbx_db_align_beg_ins_code 
_struct_ref_seq.db_align_end 
_struct_ref_seq.pdbx_db_align_end_ins_code 
_struct_ref_seq.pdbx_auth_seq_align_beg 
_struct_ref_seq.pdbx_auth_seq_align_end 
1 1 8YNU A 2 ? 80 ? Q6E434 407 ? 485 ? 407 485 
2 1 8YNU B 2 ? 80 ? Q6E434 407 ? 485 ? 407 485 
# 
loop_
_struct_ref_seq_dif.align_id 
_struct_ref_seq_dif.pdbx_pdb_id_code 
_struct_ref_seq_dif.mon_id 
_struct_ref_seq_dif.pdbx_pdb_strand_id 
_struct_ref_seq_dif.seq_num 
_struct_ref_seq_dif.pdbx_pdb_ins_code 
_struct_ref_seq_dif.pdbx_seq_db_name 
_struct_ref_seq_dif.pdbx_seq_db_accession_code 
_struct_ref_seq_dif.db_mon_id 
_struct_ref_seq_dif.pdbx_seq_db_seq_num 
_struct_ref_seq_dif.details 
_struct_ref_seq_dif.pdbx_auth_seq_num 
_struct_ref_seq_dif.pdbx_ordinal 
1 8YNU GLY A 1 ? UNP Q6E434 ? ? 'expression tag' 406 1 
2 8YNU GLY B 1 ? UNP Q6E434 ? ? 'expression tag' 406 2 
# 
loop_
_pdbx_struct_assembly.id 
_pdbx_struct_assembly.details 
_pdbx_struct_assembly.method_details 
_pdbx_struct_assembly.oligomeric_details 
_pdbx_struct_assembly.oligomeric_count 
1 author_defined_assembly ? monomeric 1 
2 author_defined_assembly ? monomeric 1 
# 
loop_
_pdbx_struct_assembly_gen.assembly_id 
_pdbx_struct_assembly_gen.oper_expression 
_pdbx_struct_assembly_gen.asym_id_list 
1 1 A,C,D 
2 1 B,E   
# 
_pdbx_struct_assembly_auth_evidence.id                     1 
_pdbx_struct_assembly_auth_evidence.assembly_id            1 
_pdbx_struct_assembly_auth_evidence.experimental_support   'gel filtration' 
_pdbx_struct_assembly_auth_evidence.details                ? 
# 
_pdbx_struct_oper_list.id                   1 
_pdbx_struct_oper_list.type                 'identity operation' 
_pdbx_struct_oper_list.name                 1_555 
_pdbx_struct_oper_list.symmetry_operation   x,y,z 
_pdbx_struct_oper_list.matrix[1][1]         1.0000000000 
_pdbx_struct_oper_list.matrix[1][2]         0.0000000000 
_pdbx_struct_oper_list.matrix[1][3]         0.0000000000 
_pdbx_struct_oper_list.vector[1]            0.0000000000 
_pdbx_struct_oper_list.matrix[2][1]         0.0000000000 
_pdbx_struct_oper_list.matrix[2][2]         1.0000000000 
_pdbx_struct_oper_list.matrix[2][3]         0.0000000000 
_pdbx_struct_oper_list.vector[2]            0.0000000000 
_pdbx_struct_oper_list.matrix[3][1]         0.0000000000 
_pdbx_struct_oper_list.matrix[3][2]         0.0000000000 
_pdbx_struct_oper_list.matrix[3][3]         1.0000000000 
_pdbx_struct_oper_list.vector[3]            0.0000000000 
# 
loop_
_struct_conf.conf_type_id 
_struct_conf.id 
_struct_conf.pdbx_PDB_helix_id 
_struct_conf.beg_label_comp_id 
_struct_conf.beg_label_asym_id 
_struct_conf.beg_label_seq_id 
_struct_conf.pdbx_beg_PDB_ins_code 
_struct_conf.end_label_comp_id 
_struct_conf.end_label_asym_id 
_struct_conf.end_label_seq_id 
_struct_conf.pdbx_end_PDB_ins_code 
_struct_conf.beg_auth_comp_id 
_struct_conf.beg_auth_asym_id 
_struct_conf.beg_auth_seq_id 
_struct_conf.end_auth_comp_id 
_struct_conf.end_auth_asym_id 
_struct_conf.end_auth_seq_id 
_struct_conf.pdbx_PDB_helix_class 
_struct_conf.details 
_struct_conf.pdbx_PDB_helix_length 
HELX_P HELX_P1 AA1 THR A 4  ? LYS A 19 ? THR A 409 LYS A 424 1 ? 16 
HELX_P HELX_P2 AA2 ARG A 22 ? GLY A 31 ? ARG A 427 GLY A 436 1 ? 10 
HELX_P HELX_P3 AA3 ASN A 44 ? SER A 62 ? ASN A 449 SER A 467 1 ? 19 
HELX_P HELX_P4 AA4 PRO A 67 ? GLN A 71 ? PRO A 472 GLN A 476 5 ? 5  
HELX_P HELX_P5 AA5 THR B 4  ? VAL B 18 ? THR B 409 VAL B 423 1 ? 15 
HELX_P HELX_P6 AA6 ARG B 22 ? GLY B 31 ? ARG B 427 GLY B 436 1 ? 10 
HELX_P HELX_P7 AA7 ASN B 44 ? SER B 62 ? ASN B 449 SER B 467 1 ? 19 
HELX_P HELX_P8 AA8 PRO B 67 ? CYS B 72 ? PRO B 472 CYS B 477 1 ? 6  
# 
_struct_conf_type.id          HELX_P 
_struct_conf_type.criteria    ? 
_struct_conf_type.reference   ? 
# 
_pdbx_entry_details.entry_id                   8YNU 
_pdbx_entry_details.has_ligand_of_interest     N 
_pdbx_entry_details.compound_details           ? 
_pdbx_entry_details.source_details             ? 
_pdbx_entry_details.nonpolymer_details         ? 
_pdbx_entry_details.sequence_details           ? 
_pdbx_entry_details.has_protein_modification   N 
# 
loop_
_pdbx_validate_symm_contact.id 
_pdbx_validate_symm_contact.PDB_model_num 
_pdbx_validate_symm_contact.auth_atom_id_1 
_pdbx_validate_symm_contact.auth_asym_id_1 
_pdbx_validate_symm_contact.auth_comp_id_1 
_pdbx_validate_symm_contact.auth_seq_id_1 
_pdbx_validate_symm_contact.PDB_ins_code_1 
_pdbx_validate_symm_contact.label_alt_id_1 
_pdbx_validate_symm_contact.site_symmetry_1 
_pdbx_validate_symm_contact.auth_atom_id_2 
_pdbx_validate_symm_contact.auth_asym_id_2 
_pdbx_validate_symm_contact.auth_comp_id_2 
_pdbx_validate_symm_contact.auth_seq_id_2 
_pdbx_validate_symm_contact.PDB_ins_code_2 
_pdbx_validate_symm_contact.label_alt_id_2 
_pdbx_validate_symm_contact.site_symmetry_2 
_pdbx_validate_symm_contact.dist 
1 1 O  B LYS 424 ? ? 1_555 N  B GLY 425 ? ? 2_645 0.09 
2 1 C  B LYS 424 ? ? 1_555 N  B GLY 425 ? ? 2_645 1.29 
3 1 C3 A GOL 501 ? ? 1_555 O3 A GOL 501 ? ? 2_555 1.40 
4 1 O  B LYS 424 ? ? 1_555 CA B GLY 425 ? ? 2_645 1.49 
# 
_pdbx_validate_polymer_linkage.id               1 
_pdbx_validate_polymer_linkage.PDB_model_num    1 
_pdbx_validate_polymer_linkage.auth_atom_id_1   C 
_pdbx_validate_polymer_linkage.auth_asym_id_1   B 
_pdbx_validate_polymer_linkage.auth_comp_id_1   LYS 
_pdbx_validate_polymer_linkage.auth_seq_id_1    424 
_pdbx_validate_polymer_linkage.PDB_ins_code_1   ? 
_pdbx_validate_polymer_linkage.label_alt_id_1   ? 
_pdbx_validate_polymer_linkage.auth_atom_id_2   N 
_pdbx_validate_polymer_linkage.auth_asym_id_2   B 
_pdbx_validate_polymer_linkage.auth_comp_id_2   GLY 
_pdbx_validate_polymer_linkage.auth_seq_id_2    425 
_pdbx_validate_polymer_linkage.PDB_ins_code_2   ? 
_pdbx_validate_polymer_linkage.label_alt_id_2   ? 
_pdbx_validate_polymer_linkage.dist             9.32 
# 
loop_
_pdbx_struct_special_symmetry.id 
_pdbx_struct_special_symmetry.PDB_model_num 
_pdbx_struct_special_symmetry.auth_asym_id 
_pdbx_struct_special_symmetry.auth_comp_id 
_pdbx_struct_special_symmetry.auth_seq_id 
_pdbx_struct_special_symmetry.PDB_ins_code 
_pdbx_struct_special_symmetry.label_asym_id 
_pdbx_struct_special_symmetry.label_comp_id 
_pdbx_struct_special_symmetry.label_seq_id 
1 1 A GOL 501 ? C GOL . 
2 1 A HOH 657 ? D HOH . 
3 1 B HOH 536 ? E HOH . 
4 1 B HOH 547 ? E HOH . 
# 
loop_
_space_group_symop.id 
_space_group_symop.operation_xyz 
1 x,y,z   
2 x,-y,-z 
3 -x,y,-z 
4 -x,-y,z 
# 
loop_
_pdbx_unobs_or_zero_occ_residues.id 
_pdbx_unobs_or_zero_occ_residues.PDB_model_num 
_pdbx_unobs_or_zero_occ_residues.polymer_flag 
_pdbx_unobs_or_zero_occ_residues.occupancy_flag 
_pdbx_unobs_or_zero_occ_residues.auth_asym_id 
_pdbx_unobs_or_zero_occ_residues.auth_comp_id 
_pdbx_unobs_or_zero_occ_residues.auth_seq_id 
_pdbx_unobs_or_zero_occ_residues.PDB_ins_code 
_pdbx_unobs_or_zero_occ_residues.label_asym_id 
_pdbx_unobs_or_zero_occ_residues.label_comp_id 
_pdbx_unobs_or_zero_occ_residues.label_seq_id 
1 1 Y 1 B GLY 406 ? B GLY 1  
2 1 Y 1 B ASP 485 ? B ASP 80 
# 
loop_
_chem_comp_atom.comp_id 
_chem_comp_atom.atom_id 
_chem_comp_atom.type_symbol 
_chem_comp_atom.pdbx_aromatic_flag 
_chem_comp_atom.pdbx_stereo_config 
_chem_comp_atom.pdbx_ordinal 
ALA N    N N N 1   
ALA CA   C N S 2   
ALA C    C N N 3   
ALA O    O N N 4   
ALA CB   C N N 5   
ALA OXT  O N N 6   
ALA H    H N N 7   
ALA H2   H N N 8   
ALA HA   H N N 9   
ALA HB1  H N N 10  
ALA HB2  H N N 11  
ALA HB3  H N N 12  
ALA HXT  H N N 13  
ARG N    N N N 14  
ARG CA   C N S 15  
ARG C    C N N 16  
ARG O    O N N 17  
ARG CB   C N N 18  
ARG CG   C N N 19  
ARG CD   C N N 20  
ARG NE   N N N 21  
ARG CZ   C N N 22  
ARG NH1  N N N 23  
ARG NH2  N N N 24  
ARG OXT  O N N 25  
ARG H    H N N 26  
ARG H2   H N N 27  
ARG HA   H N N 28  
ARG HB2  H N N 29  
ARG HB3  H N N 30  
ARG HG2  H N N 31  
ARG HG3  H N N 32  
ARG HD2  H N N 33  
ARG HD3  H N N 34  
ARG HE   H N N 35  
ARG HH11 H N N 36  
ARG HH12 H N N 37  
ARG HH21 H N N 38  
ARG HH22 H N N 39  
ARG HXT  H N N 40  
ASN N    N N N 41  
ASN CA   C N S 42  
ASN C    C N N 43  
ASN O    O N N 44  
ASN CB   C N N 45  
ASN CG   C N N 46  
ASN OD1  O N N 47  
ASN ND2  N N N 48  
ASN OXT  O N N 49  
ASN H    H N N 50  
ASN H2   H N N 51  
ASN HA   H N N 52  
ASN HB2  H N N 53  
ASN HB3  H N N 54  
ASN HD21 H N N 55  
ASN HD22 H N N 56  
ASN HXT  H N N 57  
ASP N    N N N 58  
ASP CA   C N S 59  
ASP C    C N N 60  
ASP O    O N N 61  
ASP CB   C N N 62  
ASP CG   C N N 63  
ASP OD1  O N N 64  
ASP OD2  O N N 65  
ASP OXT  O N N 66  
ASP H    H N N 67  
ASP H2   H N N 68  
ASP HA   H N N 69  
ASP HB2  H N N 70  
ASP HB3  H N N 71  
ASP HD2  H N N 72  
ASP HXT  H N N 73  
CYS N    N N N 74  
CYS CA   C N R 75  
CYS C    C N N 76  
CYS O    O N N 77  
CYS CB   C N N 78  
CYS SG   S N N 79  
CYS OXT  O N N 80  
CYS H    H N N 81  
CYS H2   H N N 82  
CYS HA   H N N 83  
CYS HB2  H N N 84  
CYS HB3  H N N 85  
CYS HG   H N N 86  
CYS HXT  H N N 87  
GLN N    N N N 88  
GLN CA   C N S 89  
GLN C    C N N 90  
GLN O    O N N 91  
GLN CB   C N N 92  
GLN CG   C N N 93  
GLN CD   C N N 94  
GLN OE1  O N N 95  
GLN NE2  N N N 96  
GLN OXT  O N N 97  
GLN H    H N N 98  
GLN H2   H N N 99  
GLN HA   H N N 100 
GLN HB2  H N N 101 
GLN HB3  H N N 102 
GLN HG2  H N N 103 
GLN HG3  H N N 104 
GLN HE21 H N N 105 
GLN HE22 H N N 106 
GLN HXT  H N N 107 
GLU N    N N N 108 
GLU CA   C N S 109 
GLU C    C N N 110 
GLU O    O N N 111 
GLU CB   C N N 112 
GLU CG   C N N 113 
GLU CD   C N N 114 
GLU OE1  O N N 115 
GLU OE2  O N N 116 
GLU OXT  O N N 117 
GLU H    H N N 118 
GLU H2   H N N 119 
GLU HA   H N N 120 
GLU HB2  H N N 121 
GLU HB3  H N N 122 
GLU HG2  H N N 123 
GLU HG3  H N N 124 
GLU HE2  H N N 125 
GLU HXT  H N N 126 
GLY N    N N N 127 
GLY CA   C N N 128 
GLY C    C N N 129 
GLY O    O N N 130 
GLY OXT  O N N 131 
GLY H    H N N 132 
GLY H2   H N N 133 
GLY HA2  H N N 134 
GLY HA3  H N N 135 
GLY HXT  H N N 136 
GOL C1   C N N 137 
GOL O1   O N N 138 
GOL C2   C N N 139 
GOL O2   O N N 140 
GOL C3   C N N 141 
GOL O3   O N N 142 
GOL H11  H N N 143 
GOL H12  H N N 144 
GOL HO1  H N N 145 
GOL H2   H N N 146 
GOL HO2  H N N 147 
GOL H31  H N N 148 
GOL H32  H N N 149 
GOL HO3  H N N 150 
HOH O    O N N 151 
HOH H1   H N N 152 
HOH H2   H N N 153 
ILE N    N N N 154 
ILE CA   C N S 155 
ILE C    C N N 156 
ILE O    O N N 157 
ILE CB   C N S 158 
ILE CG1  C N N 159 
ILE CG2  C N N 160 
ILE CD1  C N N 161 
ILE OXT  O N N 162 
ILE H    H N N 163 
ILE H2   H N N 164 
ILE HA   H N N 165 
ILE HB   H N N 166 
ILE HG12 H N N 167 
ILE HG13 H N N 168 
ILE HG21 H N N 169 
ILE HG22 H N N 170 
ILE HG23 H N N 171 
ILE HD11 H N N 172 
ILE HD12 H N N 173 
ILE HD13 H N N 174 
ILE HXT  H N N 175 
LEU N    N N N 176 
LEU CA   C N S 177 
LEU C    C N N 178 
LEU O    O N N 179 
LEU CB   C N N 180 
LEU CG   C N N 181 
LEU CD1  C N N 182 
LEU CD2  C N N 183 
LEU OXT  O N N 184 
LEU H    H N N 185 
LEU H2   H N N 186 
LEU HA   H N N 187 
LEU HB2  H N N 188 
LEU HB3  H N N 189 
LEU HG   H N N 190 
LEU HD11 H N N 191 
LEU HD12 H N N 192 
LEU HD13 H N N 193 
LEU HD21 H N N 194 
LEU HD22 H N N 195 
LEU HD23 H N N 196 
LEU HXT  H N N 197 
LYS N    N N N 198 
LYS CA   C N S 199 
LYS C    C N N 200 
LYS O    O N N 201 
LYS CB   C N N 202 
LYS CG   C N N 203 
LYS CD   C N N 204 
LYS CE   C N N 205 
LYS NZ   N N N 206 
LYS OXT  O N N 207 
LYS H    H N N 208 
LYS H2   H N N 209 
LYS HA   H N N 210 
LYS HB2  H N N 211 
LYS HB3  H N N 212 
LYS HG2  H N N 213 
LYS HG3  H N N 214 
LYS HD2  H N N 215 
LYS HD3  H N N 216 
LYS HE2  H N N 217 
LYS HE3  H N N 218 
LYS HZ1  H N N 219 
LYS HZ2  H N N 220 
LYS HZ3  H N N 221 
LYS HXT  H N N 222 
MET N    N N N 223 
MET CA   C N S 224 
MET C    C N N 225 
MET O    O N N 226 
MET CB   C N N 227 
MET CG   C N N 228 
MET SD   S N N 229 
MET CE   C N N 230 
MET OXT  O N N 231 
MET H    H N N 232 
MET H2   H N N 233 
MET HA   H N N 234 
MET HB2  H N N 235 
MET HB3  H N N 236 
MET HG2  H N N 237 
MET HG3  H N N 238 
MET HE1  H N N 239 
MET HE2  H N N 240 
MET HE3  H N N 241 
MET HXT  H N N 242 
PHE N    N N N 243 
PHE CA   C N S 244 
PHE C    C N N 245 
PHE O    O N N 246 
PHE CB   C N N 247 
PHE CG   C Y N 248 
PHE CD1  C Y N 249 
PHE CD2  C Y N 250 
PHE CE1  C Y N 251 
PHE CE2  C Y N 252 
PHE CZ   C Y N 253 
PHE OXT  O N N 254 
PHE H    H N N 255 
PHE H2   H N N 256 
PHE HA   H N N 257 
PHE HB2  H N N 258 
PHE HB3  H N N 259 
PHE HD1  H N N 260 
PHE HD2  H N N 261 
PHE HE1  H N N 262 
PHE HE2  H N N 263 
PHE HZ   H N N 264 
PHE HXT  H N N 265 
PRO N    N N N 266 
PRO CA   C N S 267 
PRO C    C N N 268 
PRO O    O N N 269 
PRO CB   C N N 270 
PRO CG   C N N 271 
PRO CD   C N N 272 
PRO OXT  O N N 273 
PRO H    H N N 274 
PRO HA   H N N 275 
PRO HB2  H N N 276 
PRO HB3  H N N 277 
PRO HG2  H N N 278 
PRO HG3  H N N 279 
PRO HD2  H N N 280 
PRO HD3  H N N 281 
PRO HXT  H N N 282 
SER N    N N N 283 
SER CA   C N S 284 
SER C    C N N 285 
SER O    O N N 286 
SER CB   C N N 287 
SER OG   O N N 288 
SER OXT  O N N 289 
SER H    H N N 290 
SER H2   H N N 291 
SER HA   H N N 292 
SER HB2  H N N 293 
SER HB3  H N N 294 
SER HG   H N N 295 
SER HXT  H N N 296 
THR N    N N N 297 
THR CA   C N S 298 
THR C    C N N 299 
THR O    O N N 300 
THR CB   C N R 301 
THR OG1  O N N 302 
THR CG2  C N N 303 
THR OXT  O N N 304 
THR H    H N N 305 
THR H2   H N N 306 
THR HA   H N N 307 
THR HB   H N N 308 
THR HG1  H N N 309 
THR HG21 H N N 310 
THR HG22 H N N 311 
THR HG23 H N N 312 
THR HXT  H N N 313 
TRP N    N N N 314 
TRP CA   C N S 315 
TRP C    C N N 316 
TRP O    O N N 317 
TRP CB   C N N 318 
TRP CG   C Y N 319 
TRP CD1  C Y N 320 
TRP CD2  C Y N 321 
TRP NE1  N Y N 322 
TRP CE2  C Y N 323 
TRP CE3  C Y N 324 
TRP CZ2  C Y N 325 
TRP CZ3  C Y N 326 
TRP CH2  C Y N 327 
TRP OXT  O N N 328 
TRP H    H N N 329 
TRP H2   H N N 330 
TRP HA   H N N 331 
TRP HB2  H N N 332 
TRP HB3  H N N 333 
TRP HD1  H N N 334 
TRP HE1  H N N 335 
TRP HE3  H N N 336 
TRP HZ2  H N N 337 
TRP HZ3  H N N 338 
TRP HH2  H N N 339 
TRP HXT  H N N 340 
TYR N    N N N 341 
TYR CA   C N S 342 
TYR C    C N N 343 
TYR O    O N N 344 
TYR CB   C N N 345 
TYR CG   C Y N 346 
TYR CD1  C Y N 347 
TYR CD2  C Y N 348 
TYR CE1  C Y N 349 
TYR CE2  C Y N 350 
TYR CZ   C Y N 351 
TYR OH   O N N 352 
TYR OXT  O N N 353 
TYR H    H N N 354 
TYR H2   H N N 355 
TYR HA   H N N 356 
TYR HB2  H N N 357 
TYR HB3  H N N 358 
TYR HD1  H N N 359 
TYR HD2  H N N 360 
TYR HE1  H N N 361 
TYR HE2  H N N 362 
TYR HH   H N N 363 
TYR HXT  H N N 364 
VAL N    N N N 365 
VAL CA   C N S 366 
VAL C    C N N 367 
VAL O    O N N 368 
VAL CB   C N N 369 
VAL CG1  C N N 370 
VAL CG2  C N N 371 
VAL OXT  O N N 372 
VAL H    H N N 373 
VAL H2   H N N 374 
VAL HA   H N N 375 
VAL HB   H N N 376 
VAL HG11 H N N 377 
VAL HG12 H N N 378 
VAL HG13 H N N 379 
VAL HG21 H N N 380 
VAL HG22 H N N 381 
VAL HG23 H N N 382 
VAL HXT  H N N 383 
# 
loop_
_chem_comp_bond.comp_id 
_chem_comp_bond.atom_id_1 
_chem_comp_bond.atom_id_2 
_chem_comp_bond.value_order 
_chem_comp_bond.pdbx_aromatic_flag 
_chem_comp_bond.pdbx_stereo_config 
_chem_comp_bond.pdbx_ordinal 
ALA N   CA   sing N N 1   
ALA N   H    sing N N 2   
ALA N   H2   sing N N 3   
ALA CA  C    sing N N 4   
ALA CA  CB   sing N N 5   
ALA CA  HA   sing N N 6   
ALA C   O    doub N N 7   
ALA C   OXT  sing N N 8   
ALA CB  HB1  sing N N 9   
ALA CB  HB2  sing N N 10  
ALA CB  HB3  sing N N 11  
ALA OXT HXT  sing N N 12  
ARG N   CA   sing N N 13  
ARG N   H    sing N N 14  
ARG N   H2   sing N N 15  
ARG CA  C    sing N N 16  
ARG CA  CB   sing N N 17  
ARG CA  HA   sing N N 18  
ARG C   O    doub N N 19  
ARG C   OXT  sing N N 20  
ARG CB  CG   sing N N 21  
ARG CB  HB2  sing N N 22  
ARG CB  HB3  sing N N 23  
ARG CG  CD   sing N N 24  
ARG CG  HG2  sing N N 25  
ARG CG  HG3  sing N N 26  
ARG CD  NE   sing N N 27  
ARG CD  HD2  sing N N 28  
ARG CD  HD3  sing N N 29  
ARG NE  CZ   sing N N 30  
ARG NE  HE   sing N N 31  
ARG CZ  NH1  sing N N 32  
ARG CZ  NH2  doub N N 33  
ARG NH1 HH11 sing N N 34  
ARG NH1 HH12 sing N N 35  
ARG NH2 HH21 sing N N 36  
ARG NH2 HH22 sing N N 37  
ARG OXT HXT  sing N N 38  
ASN N   CA   sing N N 39  
ASN N   H    sing N N 40  
ASN N   H2   sing N N 41  
ASN CA  C    sing N N 42  
ASN CA  CB   sing N N 43  
ASN CA  HA   sing N N 44  
ASN C   O    doub N N 45  
ASN C   OXT  sing N N 46  
ASN CB  CG   sing N N 47  
ASN CB  HB2  sing N N 48  
ASN CB  HB3  sing N N 49  
ASN CG  OD1  doub N N 50  
ASN CG  ND2  sing N N 51  
ASN ND2 HD21 sing N N 52  
ASN ND2 HD22 sing N N 53  
ASN OXT HXT  sing N N 54  
ASP N   CA   sing N N 55  
ASP N   H    sing N N 56  
ASP N   H2   sing N N 57  
ASP CA  C    sing N N 58  
ASP CA  CB   sing N N 59  
ASP CA  HA   sing N N 60  
ASP C   O    doub N N 61  
ASP C   OXT  sing N N 62  
ASP CB  CG   sing N N 63  
ASP CB  HB2  sing N N 64  
ASP CB  HB3  sing N N 65  
ASP CG  OD1  doub N N 66  
ASP CG  OD2  sing N N 67  
ASP OD2 HD2  sing N N 68  
ASP OXT HXT  sing N N 69  
CYS N   CA   sing N N 70  
CYS N   H    sing N N 71  
CYS N   H2   sing N N 72  
CYS CA  C    sing N N 73  
CYS CA  CB   sing N N 74  
CYS CA  HA   sing N N 75  
CYS C   O    doub N N 76  
CYS C   OXT  sing N N 77  
CYS CB  SG   sing N N 78  
CYS CB  HB2  sing N N 79  
CYS CB  HB3  sing N N 80  
CYS SG  HG   sing N N 81  
CYS OXT HXT  sing N N 82  
GLN N   CA   sing N N 83  
GLN N   H    sing N N 84  
GLN N   H2   sing N N 85  
GLN CA  C    sing N N 86  
GLN CA  CB   sing N N 87  
GLN CA  HA   sing N N 88  
GLN C   O    doub N N 89  
GLN C   OXT  sing N N 90  
GLN CB  CG   sing N N 91  
GLN CB  HB2  sing N N 92  
GLN CB  HB3  sing N N 93  
GLN CG  CD   sing N N 94  
GLN CG  HG2  sing N N 95  
GLN CG  HG3  sing N N 96  
GLN CD  OE1  doub N N 97  
GLN CD  NE2  sing N N 98  
GLN NE2 HE21 sing N N 99  
GLN NE2 HE22 sing N N 100 
GLN OXT HXT  sing N N 101 
GLU N   CA   sing N N 102 
GLU N   H    sing N N 103 
GLU N   H2   sing N N 104 
GLU CA  C    sing N N 105 
GLU CA  CB   sing N N 106 
GLU CA  HA   sing N N 107 
GLU C   O    doub N N 108 
GLU C   OXT  sing N N 109 
GLU CB  CG   sing N N 110 
GLU CB  HB2  sing N N 111 
GLU CB  HB3  sing N N 112 
GLU CG  CD   sing N N 113 
GLU CG  HG2  sing N N 114 
GLU CG  HG3  sing N N 115 
GLU CD  OE1  doub N N 116 
GLU CD  OE2  sing N N 117 
GLU OE2 HE2  sing N N 118 
GLU OXT HXT  sing N N 119 
GLY N   CA   sing N N 120 
GLY N   H    sing N N 121 
GLY N   H2   sing N N 122 
GLY CA  C    sing N N 123 
GLY CA  HA2  sing N N 124 
GLY CA  HA3  sing N N 125 
GLY C   O    doub N N 126 
GLY C   OXT  sing N N 127 
GLY OXT HXT  sing N N 128 
GOL C1  O1   sing N N 129 
GOL C1  C2   sing N N 130 
GOL C1  H11  sing N N 131 
GOL C1  H12  sing N N 132 
GOL O1  HO1  sing N N 133 
GOL C2  O2   sing N N 134 
GOL C2  C3   sing N N 135 
GOL C2  H2   sing N N 136 
GOL O2  HO2  sing N N 137 
GOL C3  O3   sing N N 138 
GOL C3  H31  sing N N 139 
GOL C3  H32  sing N N 140 
GOL O3  HO3  sing N N 141 
HOH O   H1   sing N N 142 
HOH O   H2   sing N N 143 
ILE N   CA   sing N N 144 
ILE N   H    sing N N 145 
ILE N   H2   sing N N 146 
ILE CA  C    sing N N 147 
ILE CA  CB   sing N N 148 
ILE CA  HA   sing N N 149 
ILE C   O    doub N N 150 
ILE C   OXT  sing N N 151 
ILE CB  CG1  sing N N 152 
ILE CB  CG2  sing N N 153 
ILE CB  HB   sing N N 154 
ILE CG1 CD1  sing N N 155 
ILE CG1 HG12 sing N N 156 
ILE CG1 HG13 sing N N 157 
ILE CG2 HG21 sing N N 158 
ILE CG2 HG22 sing N N 159 
ILE CG2 HG23 sing N N 160 
ILE CD1 HD11 sing N N 161 
ILE CD1 HD12 sing N N 162 
ILE CD1 HD13 sing N N 163 
ILE OXT HXT  sing N N 164 
LEU N   CA   sing N N 165 
LEU N   H    sing N N 166 
LEU N   H2   sing N N 167 
LEU CA  C    sing N N 168 
LEU CA  CB   sing N N 169 
LEU CA  HA   sing N N 170 
LEU C   O    doub N N 171 
LEU C   OXT  sing N N 172 
LEU CB  CG   sing N N 173 
LEU CB  HB2  sing N N 174 
LEU CB  HB3  sing N N 175 
LEU CG  CD1  sing N N 176 
LEU CG  CD2  sing N N 177 
LEU CG  HG   sing N N 178 
LEU CD1 HD11 sing N N 179 
LEU CD1 HD12 sing N N 180 
LEU CD1 HD13 sing N N 181 
LEU CD2 HD21 sing N N 182 
LEU CD2 HD22 sing N N 183 
LEU CD2 HD23 sing N N 184 
LEU OXT HXT  sing N N 185 
LYS N   CA   sing N N 186 
LYS N   H    sing N N 187 
LYS N   H2   sing N N 188 
LYS CA  C    sing N N 189 
LYS CA  CB   sing N N 190 
LYS CA  HA   sing N N 191 
LYS C   O    doub N N 192 
LYS C   OXT  sing N N 193 
LYS CB  CG   sing N N 194 
LYS CB  HB2  sing N N 195 
LYS CB  HB3  sing N N 196 
LYS CG  CD   sing N N 197 
LYS CG  HG2  sing N N 198 
LYS CG  HG3  sing N N 199 
LYS CD  CE   sing N N 200 
LYS CD  HD2  sing N N 201 
LYS CD  HD3  sing N N 202 
LYS CE  NZ   sing N N 203 
LYS CE  HE2  sing N N 204 
LYS CE  HE3  sing N N 205 
LYS NZ  HZ1  sing N N 206 
LYS NZ  HZ2  sing N N 207 
LYS NZ  HZ3  sing N N 208 
LYS OXT HXT  sing N N 209 
MET N   CA   sing N N 210 
MET N   H    sing N N 211 
MET N   H2   sing N N 212 
MET CA  C    sing N N 213 
MET CA  CB   sing N N 214 
MET CA  HA   sing N N 215 
MET C   O    doub N N 216 
MET C   OXT  sing N N 217 
MET CB  CG   sing N N 218 
MET CB  HB2  sing N N 219 
MET CB  HB3  sing N N 220 
MET CG  SD   sing N N 221 
MET CG  HG2  sing N N 222 
MET CG  HG3  sing N N 223 
MET SD  CE   sing N N 224 
MET CE  HE1  sing N N 225 
MET CE  HE2  sing N N 226 
MET CE  HE3  sing N N 227 
MET OXT HXT  sing N N 228 
PHE N   CA   sing N N 229 
PHE N   H    sing N N 230 
PHE N   H2   sing N N 231 
PHE CA  C    sing N N 232 
PHE CA  CB   sing N N 233 
PHE CA  HA   sing N N 234 
PHE C   O    doub N N 235 
PHE C   OXT  sing N N 236 
PHE CB  CG   sing N N 237 
PHE CB  HB2  sing N N 238 
PHE CB  HB3  sing N N 239 
PHE CG  CD1  doub Y N 240 
PHE CG  CD2  sing Y N 241 
PHE CD1 CE1  sing Y N 242 
PHE CD1 HD1  sing N N 243 
PHE CD2 CE2  doub Y N 244 
PHE CD2 HD2  sing N N 245 
PHE CE1 CZ   doub Y N 246 
PHE CE1 HE1  sing N N 247 
PHE CE2 CZ   sing Y N 248 
PHE CE2 HE2  sing N N 249 
PHE CZ  HZ   sing N N 250 
PHE OXT HXT  sing N N 251 
PRO N   CA   sing N N 252 
PRO N   CD   sing N N 253 
PRO N   H    sing N N 254 
PRO CA  C    sing N N 255 
PRO CA  CB   sing N N 256 
PRO CA  HA   sing N N 257 
PRO C   O    doub N N 258 
PRO C   OXT  sing N N 259 
PRO CB  CG   sing N N 260 
PRO CB  HB2  sing N N 261 
PRO CB  HB3  sing N N 262 
PRO CG  CD   sing N N 263 
PRO CG  HG2  sing N N 264 
PRO CG  HG3  sing N N 265 
PRO CD  HD2  sing N N 266 
PRO CD  HD3  sing N N 267 
PRO OXT HXT  sing N N 268 
SER N   CA   sing N N 269 
SER N   H    sing N N 270 
SER N   H2   sing N N 271 
SER CA  C    sing N N 272 
SER CA  CB   sing N N 273 
SER CA  HA   sing N N 274 
SER C   O    doub N N 275 
SER C   OXT  sing N N 276 
SER CB  OG   sing N N 277 
SER CB  HB2  sing N N 278 
SER CB  HB3  sing N N 279 
SER OG  HG   sing N N 280 
SER OXT HXT  sing N N 281 
THR N   CA   sing N N 282 
THR N   H    sing N N 283 
THR N   H2   sing N N 284 
THR CA  C    sing N N 285 
THR CA  CB   sing N N 286 
THR CA  HA   sing N N 287 
THR C   O    doub N N 288 
THR C   OXT  sing N N 289 
THR CB  OG1  sing N N 290 
THR CB  CG2  sing N N 291 
THR CB  HB   sing N N 292 
THR OG1 HG1  sing N N 293 
THR CG2 HG21 sing N N 294 
THR CG2 HG22 sing N N 295 
THR CG2 HG23 sing N N 296 
THR OXT HXT  sing N N 297 
TRP N   CA   sing N N 298 
TRP N   H    sing N N 299 
TRP N   H2   sing N N 300 
TRP CA  C    sing N N 301 
TRP CA  CB   sing N N 302 
TRP CA  HA   sing N N 303 
TRP C   O    doub N N 304 
TRP C   OXT  sing N N 305 
TRP CB  CG   sing N N 306 
TRP CB  HB2  sing N N 307 
TRP CB  HB3  sing N N 308 
TRP CG  CD1  doub Y N 309 
TRP CG  CD2  sing Y N 310 
TRP CD1 NE1  sing Y N 311 
TRP CD1 HD1  sing N N 312 
TRP CD2 CE2  doub Y N 313 
TRP CD2 CE3  sing Y N 314 
TRP NE1 CE2  sing Y N 315 
TRP NE1 HE1  sing N N 316 
TRP CE2 CZ2  sing Y N 317 
TRP CE3 CZ3  doub Y N 318 
TRP CE3 HE3  sing N N 319 
TRP CZ2 CH2  doub Y N 320 
TRP CZ2 HZ2  sing N N 321 
TRP CZ3 CH2  sing Y N 322 
TRP CZ3 HZ3  sing N N 323 
TRP CH2 HH2  sing N N 324 
TRP OXT HXT  sing N N 325 
TYR N   CA   sing N N 326 
TYR N   H    sing N N 327 
TYR N   H2   sing N N 328 
TYR CA  C    sing N N 329 
TYR CA  CB   sing N N 330 
TYR CA  HA   sing N N 331 
TYR C   O    doub N N 332 
TYR C   OXT  sing N N 333 
TYR CB  CG   sing N N 334 
TYR CB  HB2  sing N N 335 
TYR CB  HB3  sing N N 336 
TYR CG  CD1  doub Y N 337 
TYR CG  CD2  sing Y N 338 
TYR CD1 CE1  sing Y N 339 
TYR CD1 HD1  sing N N 340 
TYR CD2 CE2  doub Y N 341 
TYR CD2 HD2  sing N N 342 
TYR CE1 CZ   doub Y N 343 
TYR CE1 HE1  sing N N 344 
TYR CE2 CZ   sing Y N 345 
TYR CE2 HE2  sing N N 346 
TYR CZ  OH   sing N N 347 
TYR OH  HH   sing N N 348 
TYR OXT HXT  sing N N 349 
VAL N   CA   sing N N 350 
VAL N   H    sing N N 351 
VAL N   H2   sing N N 352 
VAL CA  C    sing N N 353 
VAL CA  CB   sing N N 354 
VAL CA  HA   sing N N 355 
VAL C   O    doub N N 356 
VAL C   OXT  sing N N 357 
VAL CB  CG1  sing N N 358 
VAL CB  CG2  sing N N 359 
VAL CB  HB   sing N N 360 
VAL CG1 HG11 sing N N 361 
VAL CG1 HG12 sing N N 362 
VAL CG1 HG13 sing N N 363 
VAL CG2 HG21 sing N N 364 
VAL CG2 HG22 sing N N 365 
VAL CG2 HG23 sing N N 366 
VAL OXT HXT  sing N N 367 
# 
_pdbx_audit_support.funding_organization   'Not funded' 
_pdbx_audit_support.country                ? 
_pdbx_audit_support.grant_number           ? 
_pdbx_audit_support.ordinal                1 
# 
_pdbx_initial_refinement_model.id               1 
_pdbx_initial_refinement_model.entity_id_list   ? 
_pdbx_initial_refinement_model.type             'experimental model' 
_pdbx_initial_refinement_model.source_name      PDB 
_pdbx_initial_refinement_model.accession_code   6K5U 
_pdbx_initial_refinement_model.details          ? 
# 
_space_group.name_H-M_alt     'P 2 2 2' 
_space_group.name_Hall        'P 2 2' 
_space_group.IT_number        16 
_space_group.crystal_system   orthorhombic 
_space_group.id               1 
# 
_atom_sites.entry_id                    8YNU 
_atom_sites.Cartn_transf_matrix[1][1]   ? 
_atom_sites.Cartn_transf_matrix[1][2]   ? 
_atom_sites.Cartn_transf_matrix[1][3]   ? 
_atom_sites.Cartn_transf_matrix[2][1]   ? 
_atom_sites.Cartn_transf_matrix[2][2]   ? 
_atom_sites.Cartn_transf_matrix[2][3]   ? 
_atom_sites.Cartn_transf_matrix[3][1]   ? 
_atom_sites.Cartn_transf_matrix[3][2]   ? 
_atom_sites.Cartn_transf_matrix[3][3]   ? 
_atom_sites.Cartn_transf_vector[1]      ? 
_atom_sites.Cartn_transf_vector[2]      ? 
_atom_sites.Cartn_transf_vector[3]      ? 
_atom_sites.Cartn_transform_axes        ? 
_atom_sites.fract_transf_matrix[1][1]   0.01367727 
_atom_sites.fract_transf_matrix[1][2]   -0.01781119 
_atom_sites.fract_transf_matrix[1][3]   0.00890791 
_atom_sites.fract_transf_matrix[2][1]   -0.00215479 
_atom_sites.fract_transf_matrix[2][2]   0.00576843 
_atom_sites.fract_transf_matrix[2][3]   0.01484233 
_atom_sites.fract_transf_matrix[3][1]   -0.00937284 
_atom_sites.fract_transf_matrix[3][2]   -0.00659590 
_atom_sites.fract_transf_matrix[3][3]   0.00120274 
_atom_sites.fract_transf_vector[1]      0.249828 
_atom_sites.fract_transf_vector[2]      -0.417045 
_atom_sites.fract_transf_vector[3]      0.196416 
_atom_sites.solution_primary            ? 
_atom_sites.solution_secondary          ? 
_atom_sites.solution_hydrogens          ? 
_atom_sites.special_details             ? 
# 
loop_
_atom_type.symbol 
_atom_type.scat_dispersion_real 
_atom_type.scat_dispersion_imag 
_atom_type.scat_Cromer_Mann_a1 
_atom_type.scat_Cromer_Mann_a2 
_atom_type.scat_Cromer_Mann_b1 
_atom_type.scat_Cromer_Mann_b2 
_atom_type.scat_Cromer_Mann_c 
_atom_type.scat_source 
_atom_type.scat_dispersion_source 
C ? ? 3.54356 2.42580 25.62398 1.50364  0.0 
;2-Gaussian fit: Grosse-Kunstleve RW, Sauter NK, Adams PD: Newsletter of the IUCr Commission on Crystallographic Computing 2004, 3, 22-31.
;
? 
N ? ? 4.01032 2.96436 19.97189 1.75589  0.0 
;2-Gaussian fit: Grosse-Kunstleve RW, Sauter NK, Adams PD: Newsletter of the IUCr Commission on Crystallographic Computing 2004, 3, 22-31.
;
? 
O ? ? 4.49882 3.47563 15.80542 1.70748  0.0 
;2-Gaussian fit: Grosse-Kunstleve RW, Sauter NK, Adams PD: Newsletter of the IUCr Commission on Crystallographic Computing 2004, 3, 22-31.
;
? 
S ? ? 9.55732 6.39887 1.23737  29.19336 0.0 
;2-Gaussian fit: Grosse-Kunstleve RW, Sauter NK, Adams PD: Newsletter of the IUCr Commission on Crystallographic Computing 2004, 3, 22-31.
;
? 
# 
loop_
_atom_site.group_PDB 
_atom_site.id 
_atom_site.type_symbol 
_atom_site.label_atom_id 
_atom_site.label_alt_id 
_atom_site.label_comp_id 
_atom_site.label_asym_id 
_atom_site.label_entity_id 
_atom_site.label_seq_id 
_atom_site.pdbx_PDB_ins_code 
_atom_site.Cartn_x 
_atom_site.Cartn_y 
_atom_site.Cartn_z 
_atom_site.occupancy 
_atom_site.B_iso_or_equiv 
_atom_site.pdbx_formal_charge 
_atom_site.auth_seq_id 
_atom_site.auth_comp_id 
_atom_site.auth_asym_id 
_atom_site.auth_atom_id 
_atom_site.pdbx_PDB_model_num 
ATOM   1    N N   . GLY A 1 1  ? -3.66200  18.61896  3.24096   1.000 36.04000 ? 406 GLY A N   1 
ATOM   2    C CA  . GLY A 1 1  ? -2.99088  19.35706  4.30740   1.000 30.32000 ? 406 GLY A CA  1 
ATOM   3    C C   . GLY A 1 1  ? -2.81395  18.51574  5.55649   1.000 27.19000 ? 406 GLY A C   1 
ATOM   4    O O   . GLY A 1 1  ? -1.76880  17.88227  5.73356   1.000 24.99000 ? 406 GLY A O   1 
ATOM   5    N N   . SER A 1 2  ? -3.83304  18.49479  6.42030   1.000 28.94000 ? 407 SER A N   1 
ATOM   6    C CA  . SER A 1 2  ? -3.76132  17.71205  7.64976   1.000 26.38000 ? 407 SER A CA  1 
ATOM   7    C C   . SER A 1 2  ? -3.66580  16.21806  7.33917   1.000 25.00000 ? 407 SER A C   1 
ATOM   8    O O   . SER A 1 2  ? -4.16760  15.74256  6.32083   1.000 25.26000 ? 407 SER A O   1 
ATOM   9    C CB  . SER A 1 2  ? -4.97958  17.99099  8.52941   1.000 31.20000 ? 407 SER A CB  1 
ATOM   10   O OG  . SER A 1 2  ? -6.18410  17.80482  7.79896   1.000 38.39000 ? 407 SER A OG  1 
ATOM   11   N N   . TRP A 1 3  ? -3.01225  15.47557  8.23579   1.000 19.91000 ? 408 TRP A N   1 
ATOM   12   C CA  . TRP A 1 3  ? -2.74338  14.05306  8.02977   1.000 19.32000 ? 408 TRP A CA  1 
ATOM   13   C C   . TRP A 1 3  ? -3.82224  13.19623  8.67276   1.000 22.91000 ? 408 TRP A C   1 
ATOM   14   O O   . TRP A 1 3  ? -4.38668  13.55543  9.71250   1.000 23.22000 ? 408 TRP A O   1 
ATOM   15   C CB  . TRP A 1 3  ? -1.38587  13.66332  8.62408   1.000 17.08000 ? 408 TRP A CB  1 
ATOM   16   C CG  . TRP A 1 3  ? -0.22688  14.04881  7.76449   1.000 14.62000 ? 408 TRP A CG  1 
ATOM   17   C CD1 . TRP A 1 3  ? 0.00367   15.26845  7.20486   1.000 17.38000 ? 408 TRP A CD1 1 
ATOM   18   C CD2 . TRP A 1 3  ? 0.87044   13.21616  7.38995   1.000 12.69000 ? 408 TRP A CD2 1 
ATOM   19   N NE1 . TRP A 1 3  ? 1.17294   15.24713  6.48431   1.000 13.55000 ? 408 TRP A NE1 1 
ATOM   20   C CE2 . TRP A 1 3  ? 1.72980   13.99928  6.58675   1.000 14.61000 ? 408 TRP A CE2 1 
ATOM   21   C CE3 . TRP A 1 3  ? 1.21545   11.88610  7.66140   1.000 14.34000 ? 408 TRP A CE3 1 
ATOM   22   C CZ2 . TRP A 1 3  ? 2.90123   13.49616  6.03860   1.000 13.42000 ? 408 TRP A CZ2 1 
ATOM   23   C CZ3 . TRP A 1 3  ? 2.39330   11.37478  7.10871   1.000 13.53000 ? 408 TRP A CZ3 1 
ATOM   24   C CH2 . TRP A 1 3  ? 3.22264   12.18469  6.30481   1.000 12.59000 ? 408 TRP A CH2 1 
ATOM   25   N N   . THR A 1 4  ? -4.09614  12.04449  8.05968   1.000 19.95000 ? 409 THR A N   1 
ATOM   26   C CA  . THR A 1 4  ? -4.93767  11.06241  8.72518   1.000 19.45000 ? 409 THR A CA  1 
ATOM   27   C C   . THR A 1 4  ? -4.12204  10.21457  9.69386   1.000 23.11000 ? 409 THR A C   1 
ATOM   28   O O   . THR A 1 4  ? -2.89072  10.15687  9.64063   1.000 19.53000 ? 409 THR A O   1 
ATOM   29   C CB  . THR A 1 4  ? -5.61146  10.12438  7.72956   1.000 20.09000 ? 409 THR A CB  1 
ATOM   30   O OG1 . THR A 1 4  ? -4.64709  9.18555   7.26006   1.000 19.15000 ? 409 THR A OG1 1 
ATOM   31   C CG2 . THR A 1 4  ? -6.21391  10.89692  6.56235   1.000 18.63000 ? 409 THR A CG2 1 
ATOM   32   N N   . LYS A 1 5  ? -4.84726  9.53642   10.58509  1.000 25.24000 ? 410 LYS A N   1 
ATOM   33   C CA  . LYS A 1 5  ? -4.22594  8.59322   11.50956  1.000 24.18000 ? 410 LYS A CA  1 
ATOM   34   C C   . LYS A 1 5  ? -3.52453  7.47620   10.75392  1.000 22.12000 ? 410 LYS A C   1 
ATOM   35   O O   . LYS A 1 5  ? -2.45650  7.01463   11.16090  1.000 22.75000 ? 410 LYS A O   1 
ATOM   36   C CB  . LYS A 1 5  ? -5.27922  8.01297   12.46019  1.000 32.74000 ? 410 LYS A CB  1 
ATOM   37   C CG  . LYS A 1 5  ? -5.92264  9.01530   13.45071  1.000 37.66000 ? 410 LYS A CG  1 
ATOM   38   C CD  . LYS A 1 5  ? -6.79642  10.07992  12.77693  1.000 44.37000 ? 410 LYS A CD  1 
ATOM   39   C CE  . LYS A 1 5  ? -7.66931  9.50914   11.64972  1.000 39.72000 ? 410 LYS A CE  1 
ATOM   40   N NZ  . LYS A 1 5  ? -8.10658  10.59637  10.73605  1.000 40.75000 ? 410 LYS A NZ  1 
ATOM   41   N N   . GLU A 1 6  ? -4.11023  7.04233   9.63578   1.000 19.94000 ? 411 GLU A N   1 
ATOM   42   C CA  . GLU A 1 6  ? -3.52074  5.97714   8.83833   1.000 22.10000 ? 411 GLU A CA  1 
ATOM   43   C C   . GLU A 1 6  ? -2.21603  6.42184   8.19342   1.000 19.95000 ? 411 GLU A C   1 
ATOM   44   O O   . GLU A 1 6  ? -1.26069  5.64253   8.11640   1.000 18.81000 ? 411 GLU A O   1 
ATOM   45   C CB  . GLU A 1 6  ? -4.51654  5.53214   7.76891   1.000 23.38000 ? 411 GLU A CB  1 
ATOM   46   C CG  . GLU A 1 6  ? -4.16060  4.22055   7.10585   1.000 31.86000 ? 411 GLU A CG  1 
ATOM   47   C CD  . GLU A 1 6  ? -5.12575  3.85938   5.97799   1.000 37.00000 ? 411 GLU A CD  1 
ATOM   48   O OE1 . GLU A 1 6  ? -5.82342  4.77190   5.45925   1.000 38.01000 ? 411 GLU A OE1 1 
ATOM   49   O OE2 . GLU A 1 6  ? -5.18182  2.66202   5.61455   1.000 38.90000 ? 411 GLU A OE2 1 
ATOM   50   N N   . GLU A 1 7  ? -2.17400  7.65976   7.70216   1.000 17.74000 ? 412 GLU A N   1 
ATOM   51   C CA  . GLU A 1 7  ? -0.93439  8.20071   7.15439   1.000 15.50000 ? 412 GLU A CA  1 
ATOM   52   C C   . GLU A 1 7  ? 0.15433   8.28423   8.22081   1.000 15.05000 ? 412 GLU A C   1 
ATOM   53   O O   . GLU A 1 7  ? 1.31353   7.93255   7.96713   1.000 15.65000 ? 412 GLU A O   1 
ATOM   54   C CB  . GLU A 1 7  ? -1.19664  9.58655   6.56905   1.000 15.05000 ? 412 GLU A CB  1 
ATOM   55   C CG  . GLU A 1 7  ? -2.05701  9.60756   5.30678   1.000 15.50000 ? 412 GLU A CG  1 
ATOM   56   C CD  . GLU A 1 7  ? -2.24053  11.02194  4.78241   1.000 17.28000 ? 412 GLU A CD  1 
ATOM   57   O OE1 . GLU A 1 7  ? -2.76403  11.87066  5.53932   1.000 19.00000 ? 412 GLU A OE1 1 
ATOM   58   O OE2 . GLU A 1 7  ? -1.83746  11.29789  3.63046   1.000 17.44000 ? 412 GLU A OE2 1 
ATOM   59   N N   . GLU A 1 8  ? -0.19589  8.75906   9.41776   1.000 15.58000 ? 413 GLU A N   1 
ATOM   60   C CA  . GLU A 1 8  ? 0.80656   8.87612   10.47486  1.000 17.48000 ? 413 GLU A CA  1 
ATOM   61   C C   . GLU A 1 8  ? 1.36160   7.50369   10.85715  1.000 17.54000 ? 413 GLU A C   1 
ATOM   62   O O   . GLU A 1 8  ? 2.57256   7.34382   11.04312  1.000 18.41000 ? 413 GLU A O   1 
ATOM   63   C CB  . GLU A 1 8  ? 0.20469   9.58734   11.68740  1.000 18.36000 ? 413 GLU A CB  1 
ATOM   64   C CG  . GLU A 1 8  ? -0.06325  11.07127  11.46153  1.000 19.85000 ? 413 GLU A CG  1 
ATOM   65   C CD  . GLU A 1 8  ? -0.36714  11.80681  12.75335  1.000 26.96000 ? 413 GLU A CD  1 
ATOM   66   O OE1 . GLU A 1 8  ? -0.36279  11.15119  13.81969  1.000 29.39000 ? 413 GLU A OE1 1 
ATOM   67   O OE2 . GLU A 1 8  ? -0.61930  13.02855  12.69771  1.000 25.83000 ? 413 GLU A OE2 1 
ATOM   68   N N   . GLU A 1 9  ? 0.49120   6.49632   10.95773  1.000 20.31000 ? 414 GLU A N   1 
ATOM   69   C CA  . GLU A 1 9  ? 0.93717   5.13962   11.27584  1.000 21.84000 ? 414 GLU A CA  1 
ATOM   70   C C   . GLU A 1 9  ? 1.84617   4.58195   10.19437  1.000 17.27000 ? 414 GLU A C   1 
ATOM   71   O O   . GLU A 1 9  ? 2.78967   3.84146   10.48706  1.000 18.69000 ? 414 GLU A O   1 
ATOM   72   C CB  . GLU A 1 9  ? -0.27309  4.21526   11.45398  1.000 24.64000 ? 414 GLU A CB  1 
ATOM   73   C CG  . GLU A 1 9  ? -1.21164  4.58748   12.58158  1.000 34.43000 ? 414 GLU A CG  1 
ATOM   74   C CD  . GLU A 1 9  ? -2.49445  3.75573   12.56811  1.000 43.75000 ? 414 GLU A CD  1 
ATOM   75   O OE1 . GLU A 1 9  ? -3.20248  3.73940   13.60087  1.000 46.59000 ? 414 GLU A OE1 1 
ATOM   76   O OE2 . GLU A 1 9  ? -2.79163  3.12132   11.52540  1.000 44.04000 ? 414 GLU A OE2 1 
ATOM   77   N N   . ALA A 1 10 ? 1.55864   4.90431   8.92629   1.000 17.77000 ? 415 ALA A N   1 
ATOM   78   C CA  . ALA A 1 10 ? 2.37963   4.41528   7.83243   1.000 15.74000 ? 415 ALA A CA  1 
ATOM   79   C C   . ALA A 1 10 ? 3.75815   5.05417   7.85031   1.000 16.92000 ? 415 ALA A C   1 
ATOM   80   O O   . ALA A 1 10 ? 4.75435   4.40075   7.53650   1.000 17.19000 ? 415 ALA A O   1 
ATOM   81   C CB  . ALA A 1 10 ? 1.68917   4.69054   6.50034   1.000 17.32000 ? 415 ALA A CB  1 
ATOM   82   N N   . LEU A 1 11 ? 3.82764   6.34500   8.17936   1.000 15.22000 ? 416 LEU A N   1 
ATOM   83   C CA  . LEU A 1 11 ? 5.12704   6.99673   8.27386   1.000 13.81000 ? 416 LEU A CA  1 
ATOM   84   C C   . LEU A 1 11 ? 5.97754   6.34838   9.36278   1.000 15.04000 ? 416 LEU A C   1 
ATOM   85   O O   . LEU A 1 11 ? 7.17513   6.10631   9.16627   1.000 16.47000 ? 416 LEU A O   1 
ATOM   86   C CB  . LEU A 1 11 ? 4.93318   8.49014   8.53359   1.000 14.17000 ? 416 LEU A CB  1 
ATOM   87   C CG  . LEU A 1 11 ? 6.20968   9.30750   8.76393   1.000 13.41000 ? 416 LEU A CG  1 
ATOM   88   C CD1 . LEU A 1 11 ? 7.20422   9.20154   7.59728   1.000 15.02000 ? 416 LEU A CD1 1 
ATOM   89   C CD2 . LEU A 1 11 ? 5.83434   10.77630  9.03611   1.000 12.83000 ? 416 LEU A CD2 1 
ATOM   90   N N   . LEU A 1 12 ? 5.36918   6.05831   10.51423  1.000 17.95000 ? 417 LEU A N   1 
ATOM   91   C CA  . LEU A 1 12 ? 6.11511   5.43198   11.59890  1.000 19.43000 ? 417 LEU A CA  1 
ATOM   92   C C   . LEU A 1 12 ? 6.54001   4.01153   11.23067  1.000 23.52000 ? 417 LEU A C   1 
ATOM   93   O O   . LEU A 1 12 ? 7.67232   3.60370   11.51351  1.000 19.27000 ? 417 LEU A O   1 
ATOM   94   C CB  . LEU A 1 12 ? 5.27546   5.44316   12.87792  1.000 18.42000 ? 417 LEU A CB  1 
ATOM   95   C CG  . LEU A 1 12 ? 4.93569   6.82433   13.45457  1.000 24.07000 ? 417 LEU A CG  1 
ATOM   96   C CD1 . LEU A 1 12 ? 3.98561   6.71521   14.64090  1.000 26.86000 ? 417 LEU A CD1 1 
ATOM   97   C CD2 . LEU A 1 12 ? 6.20052   7.56250   13.85907  1.000 26.68000 ? 417 LEU A CD2 1 
ATOM   98   N N   . ASP A 1 13 ? 5.65373   3.24724   10.58597  1.000 21.12000 ? 418 ASP A N   1 
ATOM   99   C CA  . ASP A 1 13 ? 6.03670   1.91477   10.12443  1.000 20.29000 ? 418 ASP A CA  1 
ATOM   100  C C   . ASP A 1 13 ? 7.13411   1.98894   9.07051   1.000 21.60000 ? 418 ASP A C   1 
ATOM   101  O O   . ASP A 1 13 ? 8.07727   1.19166   9.08748   1.000 23.29000 ? 418 ASP A O   1 
ATOM   102  C CB  . ASP A 1 13 ? 4.81053   1.17826   9.57982   1.000 22.16000 ? 418 ASP A CB  1 
ATOM   103  C CG  . ASP A 1 13 ? 5.11124   -0.27552  9.21085   1.000 29.38000 ? 418 ASP A CG  1 
ATOM   104  O OD1 . ASP A 1 13 ? 5.67337   -1.00328  10.06033  1.000 26.66000 ? 418 ASP A OD1 1 
ATOM   105  O OD2 . ASP A 1 13 ? 4.77513   -0.69338  8.07508   1.000 30.86000 ? 418 ASP A OD2 1 
ATOM   106  N N   . GLY A 1 14 ? 7.03487   2.94891   8.14818   1.000 18.85000 ? 419 GLY A N   1 
ATOM   107  C CA  . GLY A 1 14 ? 8.07648   3.11251   7.14992   1.000 20.26000 ? 419 GLY A CA  1 
ATOM   108  C C   . GLY A 1 14 ? 9.43846   3.42434   7.74613   1.000 20.97000 ? 419 GLY A C   1 
ATOM   109  O O   . GLY A 1 14 ? 10.44948  2.86001   7.32732   1.000 19.80000 ? 419 GLY A O   1 
ATOM   110  N N   . LEU A 1 15 ? 9.48418   4.34348   8.71638   1.000 20.44000 ? 420 LEU A N   1 
ATOM   111  C CA  . LEU A 1 15 ? 10.73852  4.65853   9.39207   1.000 19.48000 ? 420 LEU A CA  1 
ATOM   112  C C   . LEU A 1 15 ? 11.36241  3.42130   10.01762  1.000 22.54000 ? 420 LEU A C   1 
ATOM   113  O O   . LEU A 1 15 ? 12.57943  3.21938   9.93391   1.000 24.49000 ? 420 LEU A O   1 
ATOM   114  C CB  . LEU A 1 15 ? 10.49448  5.70723   10.47234  1.000 21.66000 ? 420 LEU A CB  1 
ATOM   115  C CG  . LEU A 1 15 ? 10.38011  7.10788   9.90380   1.000 18.83000 ? 420 LEU A CG  1 
ATOM   116  C CD1 . LEU A 1 15 ? 9.71412   7.96122   10.94570  1.000 19.51000 ? 420 LEU A CD1 1 
ATOM   117  C CD2 . LEU A 1 15 ? 11.76222  7.64383   9.50966   1.000 18.20000 ? 420 LEU A CD2 1 
ATOM   118  N N   . ASP A 1 16 ? 10.54375  2.60903   10.68107  1.000 24.09000 ? 421 ASP A N   1 
ATOM   119  C CA  . ASP A 1 16 ? 11.03495  1.37292   11.28476  1.000 28.43000 ? 421 ASP A CA  1 
ATOM   120  C C   . ASP A 1 16 ? 11.62273  0.42595   10.24083  1.000 30.17000 ? 421 ASP A C   1 
ATOM   121  O O   . ASP A 1 16 ? 12.66736  -0.19362  10.47088  1.000 31.39000 ? 421 ASP A O   1 
ATOM   122  C CB  . ASP A 1 16 ? 9.89961   0.70353   12.05566  1.000 28.62000 ? 421 ASP A CB  1 
ATOM   123  C CG  . ASP A 1 16 ? 10.27764  -0.66799  12.56779  1.000 42.19000 ? 421 ASP A CG  1 
ATOM   124  O OD1 . ASP A 1 16 ? 9.57724   -1.64823  12.22564  1.000 41.74000 ? 421 ASP A OD1 1 
ATOM   125  O OD2 . ASP A 1 16 ? 11.28002  -0.76552  13.30987  1.000 42.46000 ? 421 ASP A OD2 1 
ATOM   126  N N   . LEU A 1 17 ? 10.98825  0.32632   9.07123   1.000 26.01000 ? 422 LEU A N   1 
ATOM   127  C CA  . LEU A 1 17 ? 11.40426  -0.64824  8.07046   1.000 24.87000 ? 422 LEU A CA  1 
ATOM   128  C C   . LEU A 1 17 ? 12.64737  -0.21249  7.29883   1.000 30.09000 ? 422 LEU A C   1 
ATOM   129  O O   . LEU A 1 17 ? 13.48991  -1.05233  6.95939   1.000 30.08000 ? 422 LEU A O   1 
ATOM   130  C CB  . LEU A 1 17 ? 10.24585  -0.92097  7.10969   1.000 24.34000 ? 422 LEU A CB  1 
ATOM   131  C CG  . LEU A 1 17 ? 9.06625   -1.66498  7.73969   1.000 23.32000 ? 422 LEU A CG  1 
ATOM   132  C CD1 . LEU A 1 17 ? 7.86813   -1.66210  6.80244   1.000 25.65000 ? 422 LEU A CD1 1 
ATOM   133  C CD2 . LEU A 1 17 ? 9.47557   -3.08610  8.09917   1.000 28.95000 ? 422 LEU A CD2 1 
ATOM   134  N N   . VAL A 1 18 ? 12.78131  1.08247   6.98389   1.000 22.98000 ? 423 VAL A N   1 
ATOM   135  C CA  . VAL A 1 18 ? 13.92713  1.53763   6.20250   1.000 27.22000 ? 423 VAL A CA  1 
ATOM   136  C C   . VAL A 1 18 ? 15.12609  1.87031   7.07982   1.000 27.91000 ? 423 VAL A C   1 
ATOM   137  O O   . VAL A 1 18 ? 16.17433  2.27068   6.55023   1.000 29.19000 ? 423 VAL A O   1 
ATOM   138  C CB  . VAL A 1 18 ? 13.56918  2.75217   5.32123   1.000 29.13000 ? 423 VAL A CB  1 
ATOM   139  C CG1 . VAL A 1 18 ? 12.36875  2.42664   4.43333   1.000 24.15000 ? 423 VAL A CG1 1 
ATOM   140  C CG2 . VAL A 1 18 ? 13.29220  3.97042   6.18359   1.000 22.25000 ? 423 VAL A CG2 1 
ATOM   141  N N   . LYS A 1 19 ? 14.99809  1.70942   8.40021   1.000 28.27000 ? 424 LYS A N   1 
ATOM   142  C CA  . LYS A 1 19 ? 16.09548  1.86861   9.35511   1.000 32.96000 ? 424 LYS A CA  1 
ATOM   143  C C   . LYS A 1 19 ? 16.74290  3.24880   9.25481   1.000 36.19000 ? 424 LYS A C   1 
ATOM   144  O O   . LYS A 1 19 ? 17.96485  3.38072   9.17199   1.000 36.37000 ? 424 LYS A O   1 
ATOM   145  C CB  . LYS A 1 19 ? 17.14475  0.76926   9.17469   1.000 31.70000 ? 424 LYS A CB  1 
ATOM   146  C CG  . LYS A 1 19 ? 16.59316  -0.63752  9.02316   1.000 33.72000 ? 424 LYS A CG  1 
ATOM   147  C CD  . LYS A 1 19 ? 17.74421  -1.63578  8.87776   1.000 38.38000 ? 424 LYS A CD  1 
ATOM   148  C CE  . LYS A 1 19 ? 17.24571  -3.07038  8.73825   1.000 42.62000 ? 424 LYS A CE  1 
ATOM   149  N NZ  . LYS A 1 19 ? 18.38013  -4.03765  8.60439   1.000 45.88000 ? 424 LYS A NZ  1 
ATOM   150  N N   . GLY A 1 20 ? 15.91522  4.29079   9.25693   1.000 30.93000 ? 425 GLY A N   1 
ATOM   151  C CA  . GLY A 1 20 ? 16.43434  5.63690   9.30174   1.000 28.92000 ? 425 GLY A CA  1 
ATOM   152  C C   . GLY A 1 20 ? 15.65962  6.61629   8.44378   1.000 30.60000 ? 425 GLY A C   1 
ATOM   153  O O   . GLY A 1 20 ? 14.67035  6.26431   7.79170   1.000 26.62000 ? 425 GLY A O   1 
ATOM   154  N N   . PRO A 1 21 ? 16.10459  7.87689   8.42877   1.000 27.80000 ? 426 PRO A N   1 
ATOM   155  C CA  . PRO A 1 21 ? 15.36539  8.94925   7.73471   1.000 29.24000 ? 426 PRO A CA  1 
ATOM   156  C C   . PRO A 1 21 ? 15.63357  8.91285   6.23312   1.000 28.72000 ? 426 PRO A C   1 
ATOM   157  O O   . PRO A 1 21 ? 16.22089  9.80592   5.62809   1.000 28.73000 ? 426 PRO A O   1 
ATOM   158  C CB  . PRO A 1 21 ? 15.89949  10.20977  8.42341   1.000 26.14000 ? 426 PRO A CB  1 
ATOM   159  C CG  . PRO A 1 21 ? 17.30961  9.87044   8.75568   1.000 31.39000 ? 426 PRO A CG  1 
ATOM   160  C CD  . PRO A 1 21 ? 17.32452  8.38231   9.08502   1.000 31.48000 ? 426 PRO A CD  1 
ATOM   161  N N   . ARG A 1 22 ? 15.19053  7.82648   5.60905   1.000 28.32000 ? 427 ARG A N   1 
ATOM   162  C CA  . ARG A 1 22 ? 15.44439  7.53696   4.19833   1.000 29.28000 ? 427 ARG A CA  1 
ATOM   163  C C   . ARG A 1 22 ? 14.11951  7.66778   3.45388   1.000 22.29000 ? 427 ARG A C   1 
ATOM   164  O O   . ARG A 1 22 ? 13.42821  6.68730   3.18135   1.000 25.45000 ? 427 ARG A O   1 
ATOM   165  C CB  . ARG A 1 22 ? 16.05258  6.18056   4.08625   1.000 24.73000 ? 427 ARG A CB  1 
ATOM   166  C CG  . ARG A 1 22 ? 17.13041  6.00392   5.16450   1.000 32.99000 ? 427 ARG A CG  1 
ATOM   167  C CD  . ARG A 1 22 ? 17.91139  4.71368   5.06587   1.000 30.06000 ? 427 ARG A CD  1 
ATOM   168  N NE  . ARG A 1 22 ? 18.37796  4.45526   3.71075   1.000 33.79000 ? 427 ARG A NE  1 
ATOM   169  C CZ  . ARG A 1 22 ? 18.09143  3.34759   3.03974   1.000 35.80000 ? 427 ARG A CZ  1 
ATOM   170  N NH1 . ARG A 1 22 ? 17.35420  2.40764   3.61848   1.000 33.03000 ? 427 ARG A NH1 1 
ATOM   171  N NH2 . ARG A 1 22 ? 18.54891  3.16941   1.80477   1.000 36.80000 ? 427 ARG A NH2 1 
ATOM   172  N N   . TRP A 1 23 ? 13.78158  8.91455   3.11622   1.000 23.22000 ? 428 TRP A N   1 
ATOM   173  C CA  . TRP A 1 23 ? 12.40541  9.26187   2.78578   1.000 19.27000 ? 428 TRP A CA  1 
ATOM   174  C C   . TRP A 1 23 ? 11.96330  8.63221   1.47334   1.000 24.95000 ? 428 TRP A C   1 
ATOM   175  O O   . TRP A 1 23 ? 10.80860  8.21017   1.34198   1.000 22.11000 ? 428 TRP A O   1 
ATOM   176  C CB  . TRP A 1 23 ? 12.26056  10.78435  2.74360   1.000 22.64000 ? 428 TRP A CB  1 
ATOM   177  C CG  . TRP A 1 23 ? 12.83782  11.41086  3.98053   1.000 21.55000 ? 428 TRP A CG  1 
ATOM   178  C CD1 . TRP A 1 23 ? 13.94164  12.20834  4.05928   1.000 25.16000 ? 428 TRP A CD1 1 
ATOM   179  C CD2 . TRP A 1 23 ? 12.36241  11.24686  5.32639   1.000 21.29000 ? 428 TRP A CD2 1 
ATOM   180  N NE1 . TRP A 1 23 ? 14.17553  12.56638  5.37343   1.000 23.29000 ? 428 TRP A NE1 1 
ATOM   181  C CE2 . TRP A 1 23 ? 13.22130  11.98808  6.16771   1.000 20.65000 ? 428 TRP A CE2 1 
ATOM   182  C CE3 . TRP A 1 23 ? 11.28515  10.55652  5.89842   1.000 17.88000 ? 428 TRP A CE3 1 
ATOM   183  C CZ2 . TRP A 1 23 ? 13.04021  12.05703  7.54912   1.000 19.84000 ? 428 TRP A CZ2 1 
ATOM   184  C CZ3 . TRP A 1 23 ? 11.10539  10.62823  7.26705   1.000 16.69000 ? 428 TRP A CZ3 1 
ATOM   185  C CH2 . TRP A 1 23 ? 11.98521  11.36603  8.08025   1.000 17.68000 ? 428 TRP A CH2 1 
ATOM   186  N N   . SER A 1 24 ? 12.86517  8.55398   0.49357   1.000 23.28000 ? 429 SER A N   1 
ATOM   187  C CA  . SER A 1 24 ? 12.50444  7.93863   -0.77689  1.000 24.81000 ? 429 SER A CA  1 
ATOM   188  C C   . SER A 1 24 ? 12.14798  6.47178   -0.59959  1.000 25.42000 ? 429 SER A C   1 
ATOM   189  O O   . SER A 1 24 ? 11.25312  5.96374   -1.28558  1.000 25.47000 ? 429 SER A O   1 
ATOM   190  C CB  . SER A 1 24 ? 13.64370  8.08466   -1.78121  1.000 28.48000 ? 429 SER A CB  1 
ATOM   191  O OG  . SER A 1 24 ? 13.35644  7.33496   -2.94765  1.000 40.18000 ? 429 SER A OG  1 
ATOM   192  N N   . GLN A 1 25 ? 12.82127  5.78221   0.32914   1.000 21.33000 ? 430 GLN A N   1 
ATOM   193  C CA  . GLN A 1 25 ? 12.53544  4.37477   0.56830   1.000 21.98000 ? 430 GLN A CA  1 
ATOM   194  C C   . GLN A 1 25 ? 11.19960  4.17696   1.26107   1.000 23.39000 ? 430 GLN A C   1 
ATOM   195  O O   . GLN A 1 25 ? 10.52457  3.16634   1.03617   1.000 21.07000 ? 430 GLN A O   1 
ATOM   196  C CB  . GLN A 1 25 ? 13.64787  3.75562   1.40566   1.000 29.60000 ? 430 GLN A CB  1 
ATOM   197  C CG  . GLN A 1 25 ? 14.90976  3.52660   0.63203   1.000 33.08000 ? 430 GLN A CG  1 
ATOM   198  C CD  . GLN A 1 25 ? 15.61908  2.26654   1.06991   1.000 41.23000 ? 430 GLN A CD  1 
ATOM   199  O OE1 . GLN A 1 25 ? 16.75589  2.01277   0.66125   1.000 47.14000 ? 430 GLN A OE1 1 
ATOM   200  N NE2 . GLN A 1 25 ? 14.95478  1.46306   1.90176   1.000 40.48000 ? 430 GLN A NE2 1 
ATOM   201  N N   . ILE A 1 26 ? 10.79124  5.12820   2.09770   1.000 20.64000 ? 431 ILE A N   1 
ATOM   202  C CA  . ILE A 1 26 ? 9.45667   5.04855   2.67219   1.000 18.97000 ? 431 ILE A CA  1 
ATOM   203  C C   . ILE A 1 26 ? 8.40792   5.15235   1.57450   1.000 15.52000 ? 431 ILE A C   1 
ATOM   204  O O   . ILE A 1 26 ? 7.37492   4.47247   1.61947   1.000 18.30000 ? 431 ILE A O   1 
ATOM   205  C CB  . ILE A 1 26 ? 9.27251   6.12894   3.75101   1.000 16.97000 ? 431 ILE A CB  1 
ATOM   206  C CG1 . ILE A 1 26 ? 10.19856  5.82840   4.93117   1.000 18.61000 ? 431 ILE A CG1 1 
ATOM   207  C CG2 . ILE A 1 26 ? 7.82367   6.16606   4.21913   1.000 17.93000 ? 431 ILE A CG2 1 
ATOM   208  C CD1 . ILE A 1 26 ? 10.18946  6.90685   6.02208   1.000 19.05000 ? 431 ILE A CD1 1 
ATOM   209  N N   . LEU A 1 27 ? 8.66409   5.98033   0.56127   1.000 16.82000 ? 432 LEU A N   1 
ATOM   210  C CA  . LEU A 1 27 ? 7.71010   6.10357   -0.53455  1.000 16.94000 ? 432 LEU A CA  1 
ATOM   211  C C   . LEU A 1 27 ? 7.72971   4.87386   -1.43415  1.000 22.47000 ? 432 LEU A C   1 
ATOM   212  O O   . LEU A 1 27 ? 6.72260   4.57473   -2.08879  1.000 19.02000 ? 432 LEU A O   1 
ATOM   213  C CB  . LEU A 1 27 ? 7.98077   7.37254   -1.34462  1.000 17.46000 ? 432 LEU A CB  1 
ATOM   214  C CG  . LEU A 1 27 ? 7.58592   8.66283   -0.61290  1.000 19.83000 ? 432 LEU A CG  1 
ATOM   215  C CD1 . LEU A 1 27 ? 7.84351   9.89335   -1.47705  1.000 23.50000 ? 432 LEU A CD1 1 
ATOM   216  C CD2 . LEU A 1 27 ? 6.12936   8.62371   -0.18230  1.000 20.59000 ? 432 LEU A CD2 1 
ATOM   217  N N   . GLU A 1 28 ? 8.84492   4.13662   -1.47183  1.000 19.88000 ? 433 GLU A N   1 
ATOM   218  C CA  . GLU A 1 28 ? 8.82170   2.85914   -2.18153  1.000 22.31000 ? 433 GLU A CA  1 
ATOM   219  C C   . GLU A 1 28 ? 7.84454   1.88927   -1.53830  1.000 20.76000 ? 433 GLU A C   1 
ATOM   220  O O   . GLU A 1 28 ? 7.25259   1.05443   -2.23085  1.000 22.53000 ? 433 GLU A O   1 
ATOM   221  C CB  . GLU A 1 28 ? 10.21160  2.22934   -2.22000  1.000 21.56000 ? 433 GLU A CB  1 
ATOM   222  C CG  . GLU A 1 28 ? 11.20108  2.94150   -3.08825  1.000 24.86000 ? 433 GLU A CG  1 
ATOM   223  C CD  . GLU A 1 28 ? 12.58647  2.35221   -2.94932  1.000 34.07000 ? 433 GLU A CD  1 
ATOM   224  O OE1 . GLU A 1 28 ? 12.70493  1.25369   -2.36878  1.000 39.84000 ? 433 GLU A OE1 1 
ATOM   225  O OE2 . GLU A 1 28 ? 13.55310  2.98824   -3.41670  1.000 42.22000 ? 433 GLU A OE2 1 
ATOM   226  N N   . LEU A 1 29 ? 7.66093   1.98692   -0.22037  1.000 18.42000 ? 434 LEU A N   1 
ATOM   227  C CA  . LEU A 1 29 ? 6.76714   1.12535   0.53579   1.000 19.10000 ? 434 LEU A CA  1 
ATOM   228  C C   . LEU A 1 29 ? 5.32773   1.61068   0.52687   1.000 20.06000 ? 434 LEU A C   1 
ATOM   229  O O   . LEU A 1 29 ? 4.39756   0.80003   0.46437   1.000 20.65000 ? 434 LEU A O   1 
ATOM   230  C CB  . LEU A 1 29 ? 7.23612   1.03291   1.98769   1.000 20.01000 ? 434 LEU A CB  1 
ATOM   231  C CG  . LEU A 1 29 ? 8.51559   0.27336   2.29325   1.000 23.55000 ? 434 LEU A CG  1 
ATOM   232  C CD1 . LEU A 1 29 ? 8.91688   0.48660   3.74429   1.000 23.30000 ? 434 LEU A CD1 1 
ATOM   233  C CD2 . LEU A 1 29 ? 8.31354   -1.21000  2.00246   1.000 23.91000 ? 434 LEU A CD2 1 
ATOM   234  N N   . TYR A 1 30 ? 5.12641   2.92482   0.62674   1.000 18.42000 ? 435 TYR A N   1 
ATOM   235  C CA  . TYR A 1 30 ? 3.81501   3.47930   0.93108   1.000 18.43000 ? 435 TYR A CA  1 
ATOM   236  C C   . TYR A 1 30 ? 3.38467   4.59844   -0.00265  1.000 14.83000 ? 435 TYR A C   1 
ATOM   237  O O   . TYR A 1 30 ? 2.28742   5.13681   0.17663   1.000 17.96000 ? 435 TYR A O   1 
ATOM   238  C CB  . TYR A 1 30 ? 3.78935   4.02245   2.36838   1.000 17.63000 ? 435 TYR A CB  1 
ATOM   239  C CG  . TYR A 1 30 ? 3.63626   2.98674   3.44806   1.000 19.62000 ? 435 TYR A CG  1 
ATOM   240  C CD1 . TYR A 1 30 ? 2.49018   2.19890   3.52400   1.000 21.13000 ? 435 TYR A CD1 1 
ATOM   241  C CD2 . TYR A 1 30 ? 4.63074   2.80175   4.39621   1.000 18.38000 ? 435 TYR A CD2 1 
ATOM   242  C CE1 . TYR A 1 30 ? 2.33383   1.26226   4.50841   1.000 21.88000 ? 435 TYR A CE1 1 
ATOM   243  C CE2 . TYR A 1 30 ? 4.48359   1.86316   5.40329   1.000 22.15000 ? 435 TYR A CE2 1 
ATOM   244  C CZ  . TYR A 1 30 ? 3.32497   1.10011   5.45044   1.000 24.33000 ? 435 TYR A CZ  1 
ATOM   245  O OH  . TYR A 1 30 ? 3.16524   0.16154   6.43620   1.000 26.27000 ? 435 TYR A OH  1 
ATOM   246  N N   . GLY A 1 31 ? 4.21368   4.98751   -0.96134  1.000 15.93000 ? 436 GLY A N   1 
ATOM   247  C CA  . GLY A 1 31 ? 3.87928   6.06673   -1.86455  1.000 15.61000 ? 436 GLY A CA  1 
ATOM   248  C C   . GLY A 1 31 ? 3.09482   5.56937   -3.05941  1.000 19.18000 ? 436 GLY A C   1 
ATOM   249  O O   . GLY A 1 31 ? 2.43291   4.52573   -2.99891  1.000 17.91000 ? 436 GLY A O   1 
ATOM   250  N N   . PRO A 1 32 ? 3.13256   6.31934   -4.16172  1.000 19.25000 ? 437 PRO A N   1 
ATOM   251  C CA  . PRO A 1 32 ? 2.46971   5.85240   -5.38215  1.000 22.21000 ? 437 PRO A CA  1 
ATOM   252  C C   . PRO A 1 32 ? 3.09656   4.54096   -5.82080  1.000 22.85000 ? 437 PRO A C   1 
ATOM   253  O O   . PRO A 1 32 ? 4.32452   4.40779   -5.87334  1.000 23.24000 ? 437 PRO A O   1 
ATOM   254  C CB  . PRO A 1 32 ? 2.71930   6.98205   -6.39231  1.000 25.83000 ? 437 PRO A CB  1 
ATOM   255  C CG  . PRO A 1 32 ? 3.69191   7.90428   -5.77048  1.000 27.74000 ? 437 PRO A CG  1 
ATOM   256  C CD  . PRO A 1 32 ? 3.71263   7.66672   -4.30560  1.000 22.29000 ? 437 PRO A CD  1 
ATOM   257  N N   . GLY A 1 33 ? 2.24271   3.55236   -6.08238  1.000 23.95000 ? 438 GLY A N   1 
ATOM   258  C CA  . GLY A 1 33 ? 2.72789   2.22241   -6.39474  1.000 27.26000 ? 438 GLY A CA  1 
ATOM   259  C C   . GLY A 1 33 ? 3.45142   1.55325   -5.25012  1.000 25.71000 ? 438 GLY A C   1 
ATOM   260  O O   . GLY A 1 33 ? 4.29034   0.67468   -5.48518  1.000 23.78000 ? 438 GLY A O   1 
ATOM   261  N N   . GLY A 1 34 ? 3.14937   1.94865   -4.01747  1.000 22.54000 ? 439 GLY A N   1 
ATOM   262  C CA  . GLY A 1 34 ? 3.91245   1.45763   -2.88113  1.000 20.27000 ? 439 GLY A CA  1 
ATOM   263  C C   . GLY A 1 34 ? 3.81534   -0.04991  -2.73590  1.000 23.36000 ? 439 GLY A C   1 
ATOM   264  O O   . GLY A 1 34 ? 2.76972   -0.65826  -2.98147  1.000 22.69000 ? 439 GLY A O   1 
ATOM   265  N N   . LYS A 1 35 ? 4.92457   -0.65461  -2.30412  1.000 21.30000 ? 440 LYS A N   1 
ATOM   266  C CA  . LYS A 1 35 ? 4.97396   -2.10878  -2.17134  1.000 21.32000 ? 440 LYS A CA  1 
ATOM   267  C C   . LYS A 1 35 ? 3.97543   -2.61175  -1.13671  1.000 23.59000 ? 440 LYS A C   1 
ATOM   268  O O   . LYS A 1 35 ? 3.33515   -3.65493  -1.33632  1.000 25.07000 ? 440 LYS A O   1 
ATOM   269  C CB  . LYS A 1 35 ? 6.39692   -2.54557  -1.82315  1.000 23.97000 ? 440 LYS A CB  1 
ATOM   270  C CG  . LYS A 1 35 ? 7.38911   -2.25158  -2.93231  1.000 28.99000 ? 440 LYS A CG  1 
ATOM   271  C CD  . LYS A 1 35 ? 6.80335   -2.62580  -4.28909  1.000 34.03000 ? 440 LYS A CD  1 
ATOM   272  C CE  . LYS A 1 35 ? 7.79453   -2.41515  -5.42230  1.000 34.93000 ? 440 LYS A CE  1 
ATOM   273  N NZ  . LYS A 1 35 ? 7.14610   -2.68886  -6.74497  1.000 35.81000 ? 440 LYS A NZ  1 
ATOM   274  N N   . LYS A 1 36 ? 3.80254   -1.87537  -0.03622  1.000 20.86000 ? 441 LYS A N   1 
ATOM   275  C CA  . LYS A 1 36 ? 2.85114   -2.26685  0.99982   1.000 20.20000 ? 441 LYS A CA  1 
ATOM   276  C C   . LYS A 1 36 ? 1.44507   -1.72537  0.73465   1.000 19.64000 ? 441 LYS A C   1 
ATOM   277  O O   . LYS A 1 36 ? 0.46097   -2.46263  0.85558   1.000 23.51000 ? 441 LYS A O   1 
ATOM   278  C CB  . LYS A 1 36 ? 3.34103   -1.80093  2.38067   1.000 22.95000 ? 441 LYS A CB  1 
ATOM   279  C CG  . LYS A 1 36 ? 4.58145   -2.53590  2.87129   1.000 26.68000 ? 441 LYS A CG  1 
ATOM   280  C CD  . LYS A 1 36 ? 4.85251   -2.29193  4.34777   1.000 26.23000 ? 441 LYS A CD  1 
ATOM   281  C CE  . LYS A 1 36 ? 3.73811   -2.81863  5.23082   1.000 28.82000 ? 441 LYS A CE  1 
ATOM   282  N NZ  . LYS A 1 36 ? 4.22673   -3.06930  6.62906   1.000 34.44000 ? 441 LYS A NZ  1 
ATOM   283  N N   . SER A 1 37 ? 1.32968   -0.44463  0.41069   1.000 20.34000 ? 442 SER A N   1 
ATOM   284  C CA  . SER A 1 37 ? 0.04858   0.20589   0.13644   1.000 20.18000 ? 442 SER A CA  1 
ATOM   285  C C   . SER A 1 37 ? 0.36047   1.57089   -0.45813  1.000 19.14000 ? 442 SER A C   1 
ATOM   286  O O   . SER A 1 37 ? 1.52704   1.95292   -0.58774  1.000 18.60000 ? 442 SER A O   1 
ATOM   287  C CB  . SER A 1 37 ? -0.82635  0.33397   1.38873   1.000 24.47000 ? 442 SER A CB  1 
ATOM   288  O OG  . SER A 1 37 ? -0.44497  1.45060   2.18696   1.000 20.71000 ? 442 SER A OG  1 
ATOM   289  N N   . GLU A 1 38 ? -0.69382  2.31047   -0.82393  1.000 17.81000 ? 443 GLU A N   1 
ATOM   290  C CA  . GLU A 1 38 ? -0.53481  3.65889   -1.34980  1.000 18.27000 ? 443 GLU A CA  1 
ATOM   291  C C   . GLU A 1 38 ? -0.98400  4.71976   -0.34517  1.000 15.76000 ? 443 GLU A C   1 
ATOM   292  O O   . GLU A 1 38 ? -1.33121  5.83131   -0.73014  1.000 16.40000 ? 443 GLU A O   1 
ATOM   293  C CB  . GLU A 1 38 ? -1.28274  3.81220   -2.67748  1.000 20.88000 ? 443 GLU A CB  1 
ATOM   294  C CG  . GLU A 1 38 ? -0.66805  2.99007   -3.83315  1.000 21.75000 ? 443 GLU A CG  1 
ATOM   295  C CD  . GLU A 1 38 ? -1.11024  3.46822   -5.22212  1.000 27.60000 ? 443 GLU A CD  1 
ATOM   296  O OE1 . GLU A 1 38 ? -2.30257  3.32117   -5.55677  1.000 31.16000 ? 443 GLU A OE1 1 
ATOM   297  O OE2 . GLU A 1 38 ? -0.27451  4.01080   -5.97641  1.000 28.66000 ? 443 GLU A OE2 1 
ATOM   298  N N   . VAL A 1 39 ? -0.93381  4.40953   0.95086   1.000 16.66000 ? 444 VAL A N   1 
ATOM   299  C CA  . VAL A 1 39 ? -1.54892  5.31191   1.92045   1.000 15.52000 ? 444 VAL A CA  1 
ATOM   300  C C   . VAL A 1 39 ? -0.83237  6.66569   1.96496   1.000 13.78000 ? 444 VAL A C   1 
ATOM   301  O O   . VAL A 1 39 ? -1.45896  7.69089   2.25397   1.000 15.57000 ? 444 VAL A O   1 
ATOM   302  C CB  . VAL A 1 39 ? -1.61690  4.63283   3.30046   1.000 19.33000 ? 444 VAL A CB  1 
ATOM   303  C CG1 . VAL A 1 39 ? -0.26095  4.22237   3.74995   1.000 23.99000 ? 444 VAL A CG1 1 
ATOM   304  C CG2 . VAL A 1 39 ? -2.27294  5.56244   4.33040   1.000 22.86000 ? 444 VAL A CG2 1 
ATOM   305  N N   . LEU A 1 40 ? 0.46387   6.70658   1.64573   1.000 14.07000 ? 445 LEU A N   1 
ATOM   306  C CA  . LEU A 1 40 ? 1.22115   7.95672   1.60218   1.000 12.75000 ? 445 LEU A CA  1 
ATOM   307  C C   . LEU A 1 40 ? 1.39485   8.48839   0.18006   1.000 15.26000 ? 445 LEU A C   1 
ATOM   308  O O   . LEU A 1 40 ? 2.29102   9.30148   -0.06647  1.000 14.57000 ? 445 LEU A O   1 
ATOM   309  C CB  . LEU A 1 40 ? 2.58836   7.76652   2.27409   1.000 13.90000 ? 445 LEU A CB  1 
ATOM   310  C CG  . LEU A 1 40 ? 2.54759   7.52834   3.78334   1.000 16.01000 ? 445 LEU A CG  1 
ATOM   311  C CD1 . LEU A 1 40 ? 3.96020   7.29453   4.38784   1.000 15.49000 ? 445 LEU A CD1 1 
ATOM   312  C CD2 . LEU A 1 40 ? 1.83634   8.68868   4.46983   1.000 13.98000 ? 445 LEU A CD2 1 
ATOM   313  N N   . LYS A 1 41 ? 0.54670   8.06407   -0.76554  1.000 15.12000 ? 446 LYS A N   1 
ATOM   314  C CA  . LYS A 1 41 ? 0.77432   8.46290   -2.15095  1.000 15.75000 ? 446 LYS A CA  1 
ATOM   315  C C   . LYS A 1 41 ? 0.69226   9.97179   -2.36278  1.000 17.86000 ? 446 LYS A C   1 
ATOM   316  O O   . LYS A 1 41 ? 1.27043   10.47070  -3.33236  1.000 18.35000 ? 446 LYS A O   1 
ATOM   317  C CB  . LYS A 1 41 ? -0.19502  7.73533   -3.08830  1.000 20.39000 ? 446 LYS A CB  1 
ATOM   318  C CG  . LYS A 1 41 ? -1.64085  8.08431   -2.93690  1.000 22.80000 ? 446 LYS A CG  1 
ATOM   319  C CD  . LYS A 1 41 ? -2.44777  7.48507   -4.10842  1.000 27.05000 ? 446 LYS A CD  1 
ATOM   320  C CE  . LYS A 1 41 ? -1.96784  8.04957   -5.43606  1.000 27.96000 ? 446 LYS A CE  1 
ATOM   321  N NZ  . LYS A 1 41 ? -2.98350  7.94415   -6.54182  1.000 37.89000 ? 446 LYS A NZ  1 
ATOM   322  N N   . TYR A 1 42 ? 0.02019   10.71951  -1.48750  1.000 15.91000 ? 447 TYR A N   1 
ATOM   323  C CA  . TYR A 1 42 ? -0.09942  12.16404  -1.66462  1.000 15.20000 ? 447 TYR A CA  1 
ATOM   324  C C   . TYR A 1 42 ? 0.85676   12.96596  -0.78621  1.000 18.75000 ? 447 TYR A C   1 
ATOM   325  O O   . TYR A 1 42 ? 0.69464   14.18460  -0.65543  1.000 19.43000 ? 447 TYR A O   1 
ATOM   326  C CB  . TYR A 1 42 ? -1.53864  12.61501  -1.41981  1.000 17.28000 ? 447 TYR A CB  1 
ATOM   327  C CG  . TYR A 1 42 ? -2.46898  11.99735  -2.42779  1.000 17.18000 ? 447 TYR A CG  1 
ATOM   328  C CD1 . TYR A 1 42 ? -2.39628  12.36025  -3.76109  1.000 19.33000 ? 447 TYR A CD1 1 
ATOM   329  C CD2 . TYR A 1 42 ? -3.35904  11.00749  -2.05862  1.000 19.12000 ? 447 TYR A CD2 1 
ATOM   330  C CE1 . TYR A 1 42 ? -3.23402  11.77954  -4.70719  1.000 19.53000 ? 447 TYR A CE1 1 
ATOM   331  C CE2 . TYR A 1 42 ? -4.20430  10.42172  -2.99518  1.000 19.38000 ? 447 TYR A CE2 1 
ATOM   332  C CZ  . TYR A 1 42 ? -4.12642  10.81367  -4.31088  1.000 21.14000 ? 447 TYR A CZ  1 
ATOM   333  O OH  . TYR A 1 42 ? -4.95206  10.23626  -5.25000  1.000 28.31000 ? 447 TYR A OH  1 
ATOM   334  N N   . ARG A 1 43 ? 1.85759   12.32685  -0.19982  1.000 15.95000 ? 448 ARG A N   1 
ATOM   335  C CA  . ARG A 1 43 ? 2.87506   13.02622  0.57469   1.000 14.75000 ? 448 ARG A CA  1 
ATOM   336  C C   . ARG A 1 43 ? 4.21446   12.85348  -0.12945  1.000 15.88000 ? 448 ARG A C   1 
ATOM   337  O O   . ARG A 1 43 ? 4.63878   11.71704  -0.38185  1.000 18.43000 ? 448 ARG A O   1 
ATOM   338  C CB  . ARG A 1 43 ? 2.94218   12.47689  2.00400   1.000 14.33000 ? 448 ARG A CB  1 
ATOM   339  C CG  . ARG A 1 43 ? 1.60517   12.40811  2.73414   1.000 14.49000 ? 448 ARG A CG  1 
ATOM   340  C CD  . ARG A 1 43 ? 0.95695   13.79697  2.85594   1.000 14.94000 ? 448 ARG A CD  1 
ATOM   341  N NE  . ARG A 1 43 ? -0.34862  13.69384  3.49898   1.000 15.55000 ? 448 ARG A NE  1 
ATOM   342  C CZ  . ARG A 1 43 ? -1.06061  14.73605  3.91514   1.000 17.26000 ? 448 ARG A CZ  1 
ATOM   343  N NH1 . ARG A 1 43 ? -0.59485  15.96985  3.75225   1.000 18.35000 ? 448 ARG A NH1 1 
ATOM   344  N NH2 . ARG A 1 43 ? -2.23155  14.54900  4.49558   1.000 18.75000 ? 448 ARG A NH2 1 
ATOM   345  N N   . ASN A 1 44 ? 4.87876   13.96601  -0.45456  1.000 15.43000 ? 449 ASN A N   1 
ATOM   346  C CA  . ASN A 1 44 ? 6.18789   13.84821  -1.08375  1.000 17.36000 ? 449 ASN A CA  1 
ATOM   347  C C   . ASN A 1 44 ? 7.28388   13.78380  -0.01508  1.000 16.23000 ? 449 ASN A C   1 
ATOM   348  O O   . ASN A 1 44 ? 7.02443   13.82433  1.19386   1.000 13.48000 ? 449 ASN A O   1 
ATOM   349  C CB  . ASN A 1 44 ? 6.42271   14.96679  -2.10692  1.000 18.68000 ? 449 ASN A CB  1 
ATOM   350  C CG  . ASN A 1 44 ? 6.41899   16.36892  -1.50803  1.000 19.68000 ? 449 ASN A CG  1 
ATOM   351  O OD1 . ASN A 1 44 ? 6.68937   16.57247  -0.32558  1.000 15.80000 ? 449 ASN A OD1 1 
ATOM   352  N ND2 . ASN A 1 44 ? 6.13258   17.35380  -2.35353  1.000 18.42000 ? 449 ASN A ND2 1 
ATOM   353  N N   . GLN A 1 45 ? 8.53057   13.64031  -0.46689  1.000 16.17000 ? 450 GLN A N   1 
ATOM   354  C CA  . GLN A 1 45 ? 9.62556   13.45019  0.47944   1.000 17.32000 ? 450 GLN A CA  1 
ATOM   355  C C   . GLN A 1 45 ? 9.75122   14.63017  1.43353   1.000 15.88000 ? 450 GLN A C   1 
ATOM   356  O O   . GLN A 1 45 ? 10.02261  14.44115  2.62687   1.000 13.68000 ? 450 GLN A O   1 
ATOM   357  C CB  . GLN A 1 45 ? 10.93238  13.23505  -0.27033  1.000 19.24000 ? 450 GLN A CB  1 
ATOM   358  C CG  . GLN A 1 45 ? 11.02525  11.88344  -0.93220  1.000 23.29000 ? 450 GLN A CG  1 
ATOM   359  C CD  . GLN A 1 45 ? 12.39532  11.65181  -1.51914  1.000 34.76000 ? 450 GLN A CD  1 
ATOM   360  O OE1 . GLN A 1 45 ? 13.41008  11.96158  -0.89025  1.000 35.14000 ? 450 GLN A OE1 1 
ATOM   361  N NE2 . GLN A 1 45 ? 12.43530  11.11765  -2.73807  1.000 35.15000 ? 450 GLN A NE2 1 
ATOM   362  N N   . VAL A 1 46 ? 9.56324   15.85113  0.92522   1.000 13.97000 ? 451 VAL A N   1 
ATOM   363  C CA  . VAL A 1 46 ? 9.58166   17.03294  1.78184   1.000 13.96000 ? 451 VAL A CA  1 
ATOM   364  C C   . VAL A 1 46 ? 8.52044   16.91131  2.86704   1.000 13.62000 ? 451 VAL A C   1 
ATOM   365  O O   . VAL A 1 46 ? 8.77435   17.21181  4.04082   1.000 14.22000 ? 451 VAL A O   1 
ATOM   366  C CB  . VAL A 1 46 ? 9.38543   18.30945  0.93894   1.000 17.30000 ? 451 VAL A CB  1 
ATOM   367  C CG1 . VAL A 1 46 ? 8.74030   19.40288  1.78338   1.000 22.56000 ? 451 VAL A CG1 1 
ATOM   368  C CG2 . VAL A 1 46 ? 10.70868  18.77826  0.35989   1.000 22.41000 ? 451 VAL A CG2 1 
ATOM   369  N N   . GLN A 1 47 ? 7.32492   16.43804  2.50065   1.000 12.22000 ? 452 GLN A N   1 
ATOM   370  C CA  . GLN A 1 47 ? 6.24389   16.29782  3.47327   1.000 11.60000 ? 452 GLN A CA  1 
ATOM   371  C C   . GLN A 1 47 ? 6.52246   15.19737  4.49571   1.000 12.71000 ? 452 GLN A C   1 
ATOM   372  O O   . GLN A 1 47 ? 6.17038   15.33918  5.67242   1.000 11.87000 ? 452 GLN A O   1 
ATOM   373  C CB  . GLN A 1 47 ? 4.92747   16.03018  2.74633   1.000 11.93000 ? 452 GLN A CB  1 
ATOM   374  C CG  . GLN A 1 47 ? 4.42344   17.28571  2.06286   1.000 12.99000 ? 452 GLN A CG  1 
ATOM   375  C CD  . GLN A 1 47 ? 3.21536   17.05809  1.21159   1.000 17.16000 ? 452 GLN A CD  1 
ATOM   376  O OE1 . GLN A 1 47 ? 3.25049   16.26846  0.27853   1.000 16.48000 ? 452 GLN A OE1 1 
ATOM   377  N NE2 . GLN A 1 47 ? 2.14588   17.79029  1.49171   1.000 21.74000 ? 452 GLN A NE2 1 
ATOM   378  N N   . LEU A 1 48 ? 7.11515   14.07987  4.06876   1.000 12.16000 ? 453 LEU A N   1 
ATOM   379  C CA  . LEU A 1 48 ? 7.43792   13.01921  5.02153   1.000 11.18000 ? 453 LEU A CA  1 
ATOM   380  C C   . LEU A 1 48 ? 8.43232   13.51548  6.05458   1.000 11.60000 ? 453 LEU A C   1 
ATOM   381  O O   . LEU A 1 48 ? 8.26888   13.27980  7.26356   1.000 12.49000 ? 453 LEU A O   1 
ATOM   382  C CB  . LEU A 1 48 ? 8.03189   11.80863  4.29531   1.000 14.49000 ? 453 LEU A CB  1 
ATOM   383  C CG  . LEU A 1 48 ? 7.18410   11.07038  3.26932   1.000 14.93000 ? 453 LEU A CG  1 
ATOM   384  C CD1 . LEU A 1 48 ? 7.91451   9.75793   2.93271   1.000 16.38000 ? 453 LEU A CD1 1 
ATOM   385  C CD2 . LEU A 1 48 ? 5.78331   10.82179  3.80025   1.000 14.67000 ? 453 LEU A CD2 1 
ATOM   386  N N   . LYS A 1 49 ? 9.47902   14.19786  5.58406   1.000 11.37000 ? 454 LYS A N   1 
ATOM   387  C CA  . LYS A 1 49 ? 10.51303  14.69237  6.48497   1.000 11.79000 ? 454 LYS A CA  1 
ATOM   388  C C   . LYS A 1 49 ? 9.93897   15.68900  7.47695   1.000 11.82000 ? 454 LYS A C   1 
ATOM   389  O O   . LYS A 1 49 ? 10.18283  15.59073  8.68516   1.000 12.35000 ? 454 LYS A O   1 
ATOM   390  C CB  . LYS A 1 49 ? 11.64154  15.33994  5.69449   1.000 15.08000 ? 454 LYS A CB  1 
ATOM   391  C CG  . LYS A 1 49 ? 12.78567  15.81679  6.59985   1.000 19.14000 ? 454 LYS A CG  1 
ATOM   392  C CD  . LYS A 1 49 ? 13.90358  16.45783  5.79630   1.000 21.56000 ? 454 LYS A CD  1 
ATOM   393  C CE  . LYS A 1 49 ? 15.05032  16.88065  6.70354   1.000 32.92000 ? 454 LYS A CE  1 
ATOM   394  N NZ  . LYS A 1 49 ? 14.53168  17.63458  7.87909   1.000 34.69000 ? 454 LYS A NZ  1 
ATOM   395  N N   . ASP A 1 50 ? 9.14844   16.64560  6.99365   1.000 11.98000 ? 455 ASP A N   1 
ATOM   396  C CA  . ASP A 1 50 ? 8.65517   17.64577  7.92561   1.000 11.89000 ? 455 ASP A CA  1 
ATOM   397  C C   . ASP A 1 50 ? 7.67300   17.04037  8.90932   1.000 12.58000 ? 455 ASP A C   1 
ATOM   398  O O   . ASP A 1 50 ? 7.64813   17.42967  10.08390  1.000 11.22000 ? 455 ASP A O   1 
ATOM   399  C CB  . ASP A 1 50 ? 8.00820   18.81120  7.20552   1.000 12.30000 ? 455 ASP A CB  1 
ATOM   400  C CG  . ASP A 1 50 ? 7.78138   19.96864  8.15401   1.000 15.31000 ? 455 ASP A CG  1 
ATOM   401  O OD1 . ASP A 1 50 ? 8.79888   20.53888  8.59437   1.000 17.32000 ? 455 ASP A OD1 1 
ATOM   402  O OD2 . ASP A 1 50 ? 6.62398   20.25201  8.50703   1.000 16.49000 ? 455 ASP A OD2 1 
ATOM   403  N N   . LYS A 1 51 ? 6.84874   16.09774  8.45012   1.000 9.86000  ? 456 LYS A N   1 
ATOM   404  C CA  . LYS A 1 51 ? 5.88692   15.47721  9.35606   1.000 11.00000 ? 456 LYS A CA  1 
ATOM   405  C C   . LYS A 1 51 ? 6.59194   14.64410  10.41555  1.000 12.17000 ? 456 LYS A C   1 
ATOM   406  O O   . LYS A 1 51 ? 6.17327   14.63371  11.58003  1.000 10.46000 ? 456 LYS A O   1 
ATOM   407  C CB  . LYS A 1 51 ? 4.90102   14.61888  8.57863   1.000 10.80000 ? 456 LYS A CB  1 
ATOM   408  C CG  . LYS A 1 51 ? 3.84789   13.93730  9.45390   1.000 12.10000 ? 456 LYS A CG  1 
ATOM   409  C CD  . LYS A 1 51 ? 3.00029   14.96782  10.19595  1.000 13.34000 ? 456 LYS A CD  1 
ATOM   410  C CE  . LYS A 1 51 ? 1.82730   14.31399  10.91203  1.000 15.01000 ? 456 LYS A CE  1 
ATOM   411  N NZ  . LYS A 1 51 ? 1.01347   15.36012  11.63885  1.000 15.70000 ? 456 LYS A NZ  1 
ATOM   412  N N   . ALA A 1 52 ? 7.65826   13.92701  10.04031  1.000 10.22000 ? 457 ALA A N   1 
ATOM   413  C CA  . ALA A 1 52 ? 8.38906   13.15886  11.04365  1.000 10.00000 ? 457 ALA A CA  1 
ATOM   414  C C   . ALA A 1 52 ? 8.96510   14.07505  12.11585  1.000 11.76000 ? 457 ALA A C   1 
ATOM   415  O O   . ALA A 1 52 ? 8.89594   13.76812  13.31424  1.000 11.57000 ? 457 ALA A O   1 
ATOM   416  C CB  . ALA A 1 52 ? 9.49618   12.33334  10.39169  1.000 13.14000 ? 457 ALA A CB  1 
ATOM   417  N N   . ARG A 1 53 ? 9.51129   15.21830  11.69994  1.000 10.86000 ? 458 ARG A N   1 
ATOM   418  C CA  . ARG A 1 53 ? 10.02113  16.18132  12.66638  1.000 10.46000 ? 458 ARG A CA  1 
ATOM   419  C C   . ARG A 1 53 ? 8.89108   16.75258  13.51777  1.000 13.56000 ? 458 ARG A C   1 
ATOM   420  O O   . ARG A 1 53 ? 9.04970   16.92992  14.72991  1.000 11.59000 ? 458 ARG A O   1 
ATOM   421  C CB  . ARG A 1 53 ? 10.78114  17.29092  11.93082  1.000 11.44000 ? 458 ARG A CB  1 
ATOM   422  C CG  . ARG A 1 53 ? 12.03491  16.79346  11.18348  1.000 12.56000 ? 458 ARG A CG  1 
ATOM   423  C CD  . ARG A 1 53 ? 12.95927  17.95327  10.74891  1.000 19.49000 ? 458 ARG A CD  1 
ATOM   424  N NE  . ARG A 1 53 ? 12.23331  18.95896  9.97442   1.000 20.81000 ? 458 ARG A NE  1 
ATOM   425  C CZ  . ARG A 1 53 ? 12.24718  20.27160  10.21006  1.000 22.30000 ? 458 ARG A CZ  1 
ATOM   426  N NH1 . ARG A 1 53 ? 12.97691  20.79783  11.19412  1.000 19.79000 ? 458 ARG A NH1 1 
ATOM   427  N NH2 . ARG A 1 53 ? 11.53169  21.07689  9.43377   1.000 20.23000 ? 458 ARG A NH2 1 
ATOM   428  N N   . ASN A 1 54 ? 7.73666   17.02933  12.90916  1.000 10.87000 ? 459 ASN A N   1 
ATOM   429  C CA  . ASN A 1 54 ? 6.62396   17.59948  13.66931  1.000 13.06000 ? 459 ASN A CA  1 
ATOM   430  C C   . ASN A 1 54 ? 6.01606   16.56743  14.61658  1.000 12.01000 ? 459 ASN A C   1 
ATOM   431  O O   . ASN A 1 54 ? 5.59597   16.90736  15.72699  1.000 12.55000 ? 459 ASN A O   1 
ATOM   432  C CB  . ASN A 1 54 ? 5.56311   18.15103  12.70981  1.000 11.32000 ? 459 ASN A CB  1 
ATOM   433  C CG  . ASN A 1 54 ? 4.59066   19.11896  13.39094  1.000 16.73000 ? 459 ASN A CG  1 
ATOM   434  O OD1 . ASN A 1 54 ? 4.93883   19.78635  14.36977  1.000 16.24000 ? 459 ASN A OD1 1 
ATOM   435  N ND2 . ASN A 1 54 ? 3.37645   19.22144  12.84571  1.000 16.12000 ? 459 ASN A ND2 1 
ATOM   436  N N   . MET A 1 55 ? 5.98552   15.29817  14.21118  1.000 11.83000 ? 460 MET A N   1 
ATOM   437  C CA  . MET A 1 55 ? 5.48902   14.27279  15.11466  1.000 12.25000 ? 460 MET A CA  1 
ATOM   438  C C   . MET A 1 55 ? 6.43357   14.08949  16.28659  1.000 12.70000 ? 460 MET A C   1 
ATOM   439  O O   . MET A 1 55 ? 5.98463   13.91433  17.42302  1.000 12.85000 ? 460 MET A O   1 
ATOM   440  C CB  . MET A 1 55 ? 5.30048   12.94622  14.37081  1.000 11.49000 ? 460 MET A CB  1 
ATOM   441  C CG  . MET A 1 55 ? 4.11743   12.96062  13.42261  1.000 13.43000 ? 460 MET A CG  1 
ATOM   442  S SD  . MET A 1 55 ? 3.94532   11.37165  12.56551  1.000 18.00000 ? 460 MET A SD  1 
ATOM   443  C CE  . MET A 1 55 ? 3.40734   10.33011  13.90988  1.000 18.53000 ? 460 MET A CE  1 
ATOM   444  N N   . LYS A 1 56 ? 7.74552   14.08393  16.02667  1.000 11.13000 ? 461 LYS A N   1 
ATOM   445  C CA  . LYS A 1 56 ? 8.69295   13.96492  17.13288  1.000 11.01000 ? 461 LYS A CA  1 
ATOM   446  C C   . LYS A 1 56 ? 8.52729   15.14313  18.07785  1.000 10.33000 ? 461 LYS A C   1 
ATOM   447  O O   . LYS A 1 56 ? 8.49831   14.97662  19.30545  1.000 11.36000 ? 461 LYS A O   1 
ATOM   448  C CB  . LYS A 1 56 ? 10.13164  13.89208  16.61978  1.000 10.54000 ? 461 LYS A CB  1 
ATOM   449  C CG  . LYS A 1 56 ? 11.11738  13.47829  17.72054  1.000 13.09000 ? 461 LYS A CG  1 
ATOM   450  C CD  . LYS A 1 56 ? 12.56182  13.60427  17.25984  1.000 12.60000 ? 461 LYS A CD  1 
ATOM   451  C CE  . LYS A 1 56 ? 13.51983  13.00232  18.30086  1.000 14.04000 ? 461 LYS A CE  1 
ATOM   452  N NZ  . LYS A 1 56 ? 14.94508  13.32954  17.90315  1.000 14.79000 ? 461 LYS A NZ  1 
ATOM   453  N N   . LEU A 1 57 ? 8.36616   16.33491  17.51333  1.000 10.55000 ? 462 LEU A N   1 
ATOM   454  C CA  . LEU A 1 57 ? 8.14121   17.51965  18.32914  1.000 11.70000 ? 462 LEU A CA  1 
ATOM   455  C C   . LEU A 1 57 ? 6.85193   17.39629  19.13181  1.000 12.19000 ? 462 LEU A C   1 
ATOM   456  O O   . LEU A 1 57 ? 6.80472   17.80870  20.29741  1.000 13.53000 ? 462 LEU A O   1 
ATOM   457  C CB  . LEU A 1 57 ? 8.10255   18.75859  17.43494  1.000 12.27000 ? 462 LEU A CB  1 
ATOM   458  C CG  . LEU A 1 57 ? 7.83132   20.11866  18.09470  1.000 13.81000 ? 462 LEU A CG  1 
ATOM   459  C CD1 . LEU A 1 57 ? 8.81069   20.34044  19.22035  1.000 15.61000 ? 462 LEU A CD1 1 
ATOM   460  C CD2 . LEU A 1 57 ? 7.92766   21.22906  17.05894  1.000 17.64000 ? 462 LEU A CD2 1 
ATOM   461  N N   . PHE A 1 58 ? 5.79855   16.82047  18.53468  1.000 12.96000 ? 463 PHE A N   1 
ATOM   462  C CA  . PHE A 1 58 ? 4.54279   16.66262  19.26576  1.000 11.97000 ? 463 PHE A CA  1 
ATOM   463  C C   . PHE A 1 58 ? 4.72648   15.79995  20.50790  1.000 12.94000 ? 463 PHE A C   1 
ATOM   464  O O   . PHE A 1 58 ? 4.24079   16.14459  21.59287  1.000 13.36000 ? 463 PHE A O   1 
ATOM   465  C CB  . PHE A 1 58 ? 3.44035   16.05273  18.39651  1.000 13.36000 ? 463 PHE A CB  1 
ATOM   466  C CG  . PHE A 1 58 ? 2.17556   15.82947  19.16794  1.000 16.86000 ? 463 PHE A CG  1 
ATOM   467  C CD1 . PHE A 1 58 ? 1.30352   16.88184  19.38911  1.000 19.83000 ? 463 PHE A CD1 1 
ATOM   468  C CD2 . PHE A 1 58 ? 1.90722   14.60184  19.75334  1.000 22.17000 ? 463 PHE A CD2 1 
ATOM   469  C CE1 . PHE A 1 58 ? 0.15052   16.69296  20.14717  1.000 24.72000 ? 463 PHE A CE1 1 
ATOM   470  C CE2 . PHE A 1 58 ? 0.76243   14.41330  20.51029  1.000 26.07000 ? 463 PHE A CE2 1 
ATOM   471  C CZ  . PHE A 1 58 ? -0.10601  15.46436  20.70434  1.000 25.29000 ? 463 PHE A CZ  1 
ATOM   472  N N   . PHE A 1 59 ? 5.38815   14.64740  20.36874  1.000 12.07000 ? 464 PHE A N   1 
ATOM   473  C CA  . PHE A 1 59 ? 5.58986   13.80858  21.54684  1.000 12.60000 ? 464 PHE A CA  1 
ATOM   474  C C   . PHE A 1 59 ? 6.44875   14.52875  22.57931  1.000 12.57000 ? 464 PHE A C   1 
ATOM   475  O O   . PHE A 1 59 ? 6.15973   14.47877  23.78016  1.000 13.44000 ? 464 PHE A O   1 
ATOM   476  C CB  . PHE A 1 59 ? 6.22915   12.47453  21.15776  1.000 13.52000 ? 464 PHE A CB  1 
ATOM   477  C CG  . PHE A 1 59 ? 5.33755   11.59994  20.31698  1.000 15.37000 ? 464 PHE A CG  1 
ATOM   478  C CD1 . PHE A 1 59 ? 4.16612   11.06839  20.84394  1.000 21.88000 ? 464 PHE A CD1 1 
ATOM   479  C CD2 . PHE A 1 59 ? 5.66870   11.32296  19.00247  1.000 14.94000 ? 464 PHE A CD2 1 
ATOM   480  C CE1 . PHE A 1 59 ? 3.33231   10.25940  20.05642  1.000 25.26000 ? 464 PHE A CE1 1 
ATOM   481  C CE2 . PHE A 1 59 ? 4.83961   10.52502  18.19726  1.000 16.83000 ? 464 PHE A CE2 1 
ATOM   482  C CZ  . PHE A 1 59 ? 3.66964   9.99267   18.73124  1.000 20.57000 ? 464 PHE A CZ  1 
ATOM   483  N N   . LEU A 1 60 ? 7.50596   15.21238  22.13040  1.000 13.51000 ? 465 LEU A N   1 
ATOM   484  C CA  . LEU A 1 60 ? 8.37518   15.91718  23.07289  1.000 12.46000 ? 465 LEU A CA  1 
ATOM   485  C C   . LEU A 1 60 ? 7.61957   17.02243  23.80142  1.000 13.71000 ? 465 LEU A C   1 
ATOM   486  O O   . LEU A 1 60 ? 7.72685   17.16749  25.03057  1.000 15.47000 ? 465 LEU A O   1 
ATOM   487  C CB  . LEU A 1 60 ? 9.58665   16.49774  22.34107  1.000 11.86000 ? 465 LEU A CB  1 
ATOM   488  C CG  . LEU A 1 60 ? 10.59835  15.43804  21.87453  1.000 12.11000 ? 465 LEU A CG  1 
ATOM   489  C CD1 . LEU A 1 60 ? 11.64974  16.06279  20.96156  1.000 13.89000 ? 465 LEU A CD1 1 
ATOM   490  C CD2 . LEU A 1 60 ? 11.25935  14.76387  23.08888  1.000 15.04000 ? 465 LEU A CD2 1 
ATOM   491  N N   . LYS A 1 61 ? 6.85753   17.82354  23.06114  1.000 13.75000 ? 466 LYS A N   1 
ATOM   492  C CA  . LYS A 1 61 ? 6.23470   18.98145  23.68563  1.000 11.79000 ? 466 LYS A CA  1 
ATOM   493  C C   . LYS A 1 61 ? 5.09131   18.58101  24.59443  1.000 14.60000 ? 466 LYS A C   1 
ATOM   494  O O   . LYS A 1 61 ? 4.77801   19.32272  25.53063  1.000 14.47000 ? 466 LYS A O   1 
ATOM   495  C CB  . LYS A 1 61 ? 5.75102   19.97143  22.62438  1.000 15.67000 ? 466 LYS A CB  1 
ATOM   496  C CG  . LYS A 1 61 ? 4.46350   19.58833  21.92052  1.000 12.86000 ? 466 LYS A CG  1 
ATOM   497  C CD  . LYS A 1 61 ? 4.15951   20.60033  20.82808  1.000 19.13000 ? 466 LYS A CD  1 
ATOM   498  C CE  . LYS A 1 61 ? 2.78903   20.33747  20.22351  1.000 23.53000 ? 466 LYS A CE  1 
ATOM   499  N NZ  . LYS A 1 61 ? 2.61951   21.21393  19.03329  1.000 24.73000 ? 466 LYS A NZ  1 
ATOM   500  N N   . SER A 1 62 ? 4.47927   17.42195  24.35301  1.000 12.80000 ? 467 SER A N   1 
ATOM   501  C CA  . SER A 1 62 ? 3.38498   16.92058  25.17716  1.000 15.42000 ? 467 SER A CA  1 
ATOM   502  C C   . SER A 1 62 ? 3.86118   16.01496  26.30740  1.000 16.32000 ? 467 SER A C   1 
ATOM   503  O O   . SER A 1 62 ? 3.02669   15.51637  27.08266  1.000 17.12000 ? 467 SER A O   1 
ATOM   504  C CB  . SER A 1 62 ? 2.37085   16.16666  24.30201  1.000 15.61000 ? 467 SER A CB  1 
ATOM   505  O OG  . SER A 1 62 ? 2.95401   15.01967  23.68700  1.000 16.75000 ? 467 SER A OG  1 
ATOM   506  N N   . GLY A 1 63 ? 5.16636   15.79679  26.41927  1.000 15.05000 ? 468 GLY A N   1 
ATOM   507  C CA  . GLY A 1 63 ? 5.70606   14.93548  27.45381  1.000 15.13000 ? 468 GLY A CA  1 
ATOM   508  C C   . GLY A 1 63 ? 5.40905   13.46696  27.25172  1.000 19.21000 ? 468 GLY A C   1 
ATOM   509  O O   . GLY A 1 63 ? 5.39779   12.70440  28.22311  1.000 20.61000 ? 468 GLY A O   1 
ATOM   510  N N   . GLN A 1 64 ? 5.17360   13.03987  26.01615  1.000 16.20000 ? 469 GLN A N   1 
ATOM   511  C CA  . GLN A 1 64 ? 4.87188   11.64349  25.73229  1.000 16.85000 ? 469 GLN A CA  1 
ATOM   512  C C   . GLN A 1 64 ? 6.11038   10.90892  25.22320  1.000 19.13000 ? 469 GLN A C   1 
ATOM   513  O O   . GLN A 1 64 ? 7.10481   11.51247  24.81362  1.000 15.59000 ? 469 GLN A O   1 
ATOM   514  C CB  . GLN A 1 64 ? 3.73540   11.53654  24.71135  1.000 17.70000 ? 469 GLN A CB  1 
ATOM   515  C CG  . GLN A 1 64 ? 2.40914   12.09697  25.21042  1.000 21.57000 ? 469 GLN A CG  1 
ATOM   516  C CD  . GLN A 1 64 ? 1.32437   12.02213  24.15528  1.000 29.20000 ? 469 GLN A CD  1 
ATOM   517  O OE1 . GLN A 1 64 ? 0.63243   13.00068  23.88995  1.000 33.73000 ? 469 GLN A OE1 1 
ATOM   518  N NE2 . GLN A 1 64 ? 1.16549   10.85254  23.55500  1.000 35.26000 ? 469 GLN A NE2 1 
ATOM   519  N N   . VAL A 1 65 ? 6.03420   9.57789   25.24441  1.000 19.81000 ? 470 VAL A N   1 
ATOM   520  C CA  . VAL A 1 65 ? 7.15937   8.76081   24.79858  1.000 18.22000 ? 470 VAL A CA  1 
ATOM   521  C C   . VAL A 1 65 ? 7.37325   8.94186   23.29986  1.000 15.68000 ? 470 VAL A C   1 
ATOM   522  O O   . VAL A 1 65 ? 6.42684   8.87877   22.50599  1.000 17.50000 ? 470 VAL A O   1 
ATOM   523  C CB  . VAL A 1 65 ? 6.91150   7.28825   25.15843  1.000 21.69000 ? 470 VAL A CB  1 
ATOM   524  C CG1 . VAL A 1 65 ? 8.01666   6.40928   24.60057  1.000 24.61000 ? 470 VAL A CG1 1 
ATOM   525  C CG2 . VAL A 1 65 ? 6.81935   7.13722   26.66857  1.000 23.22000 ? 470 VAL A CG2 1 
ATOM   526  N N   . VAL A 1 66 ? 8.61976   9.19168   22.90520  1.000 16.89000 ? 471 VAL A N   1 
ATOM   527  C CA  . VAL A 1 66 ? 8.98353   9.22359   21.48837  1.000 13.72000 ? 471 VAL A CA  1 
ATOM   528  C C   . VAL A 1 66 ? 9.15668   7.78936   20.99909  1.000 15.48000 ? 471 VAL A C   1 
ATOM   529  O O   . VAL A 1 66 ? 10.04733  7.08259   21.48645  1.000 15.58000 ? 471 VAL A O   1 
ATOM   530  C CB  . VAL A 1 66 ? 10.27553  10.02251  21.25934  1.000 16.55000 ? 471 VAL A CB  1 
ATOM   531  C CG1 . VAL A 1 66 ? 10.64673  10.01043  19.78382  1.000 16.49000 ? 471 VAL A CG1 1 
ATOM   532  C CG2 . VAL A 1 66 ? 10.12106  11.44896  21.77492  1.000 18.53000 ? 471 VAL A CG2 1 
ATOM   533  N N   . PRO A 1 67 ? 8.36894   7.33537   20.02616  1.000 16.76000 ? 472 PRO A N   1 
ATOM   534  C CA  . PRO A 1 67 ? 8.55730   5.97955   19.49130  1.000 19.53000 ? 472 PRO A CA  1 
ATOM   535  C C   . PRO A 1 67 ? 9.96287   5.77650   18.94497  1.000 18.35000 ? 472 PRO A C   1 
ATOM   536  O O   . PRO A 1 67 ? 10.58430  6.69828   18.41819  1.000 15.98000 ? 472 PRO A O   1 
ATOM   537  C CB  . PRO A 1 67 ? 7.51822   5.88991   18.36626  1.000 20.25000 ? 472 PRO A CB  1 
ATOM   538  C CG  . PRO A 1 67 ? 6.55340   7.00596   18.59685  1.000 21.87000 ? 472 PRO A CG  1 
ATOM   539  C CD  . PRO A 1 67 ? 7.27891   8.07299   19.36146  1.000 16.78000 ? 472 PRO A CD  1 
ATOM   540  N N   . ALA A 1 68 ? 10.45264  4.53140   19.04743  1.000 16.49000 ? 473 ALA A N   1 
ATOM   541  C CA  . ALA A 1 68 ? 11.79441  4.21937   18.56558  1.000 17.57000 ? 473 ALA A CA  1 
ATOM   542  C C   . ALA A 1 68 ? 12.01045  4.68707   17.13224  1.000 17.61000 ? 473 ALA A C   1 
ATOM   543  O O   . ALA A 1 68 ? 13.09713  5.16815   16.78907  1.000 19.08000 ? 473 ALA A O   1 
ATOM   544  C CB  . ALA A 1 68 ? 12.05846  2.71147   18.66813  1.000 17.98000 ? 473 ALA A CB  1 
ATOM   545  N N   . ALA A 1 69 ? 10.97398  4.59358   16.29382  1.000 19.50000 ? 474 ALA A N   1 
ATOM   546  C CA  . ALA A 1 69 ? 11.12641  4.92976   14.87962  1.000 23.62000 ? 474 ALA A CA  1 
ATOM   547  C C   . ALA A 1 69 ? 11.46108  6.40334   14.66514  1.000 21.15000 ? 474 ALA A C   1 
ATOM   548  O O   . ALA A 1 69 ? 12.09877  6.75614   13.66463  1.000 25.45000 ? 474 ALA A O   1 
ATOM   549  C CB  . ALA A 1 69 ? 9.85086   4.57534   14.11980  1.000 24.55000 ? 474 ALA A CB  1 
ATOM   550  N N   . LEU A 1 70 ? 11.03703  7.27307   15.57448  1.000 17.45000 ? 475 LEU A N   1 
ATOM   551  C CA  . LEU A 1 70 ? 11.30074  8.69166   15.43494  1.000 16.23000 ? 475 LEU A CA  1 
ATOM   552  C C   . LEU A 1 70 ? 12.61108  9.10745   16.07420  1.000 15.66000 ? 475 LEU A C   1 
ATOM   553  O O   . LEU A 1 70 ? 13.04125  10.24494  15.88186  1.000 14.60000 ? 475 LEU A O   1 
ATOM   554  C CB  . LEU A 1 70 ? 10.15571  9.51643   16.04597  1.000 16.43000 ? 475 LEU A CB  1 
ATOM   555  C CG  . LEU A 1 70 ? 8.89154   9.60353   15.19957  1.000 16.44000 ? 475 LEU A CG  1 
ATOM   556  C CD1 . LEU A 1 70 ? 7.80495   10.30418  16.00698  1.000 15.69000 ? 475 LEU A CD1 1 
ATOM   557  C CD2 . LEU A 1 70 ? 9.18783   10.32060  13.88126  1.000 17.96000 ? 475 LEU A CD2 1 
ATOM   558  N N   . GLN A 1 71 ? 13.26208  8.21978   16.82550  1.000 15.32000 ? 476 GLN A N   1 
ATOM   559  C CA  . GLN A 1 71 ? 14.50865  8.61908   17.46190  1.000 15.54000 ? 476 GLN A CA  1 
ATOM   560  C C   . GLN A 1 71 ? 15.63567  8.78035   16.45530  1.000 15.61000 ? 476 GLN A C   1 
ATOM   561  O O   . GLN A 1 71 ? 16.62829  9.45399   16.76091  1.000 17.73000 ? 476 GLN A O   1 
ATOM   562  C CB  . GLN A 1 71 ? 14.86370  7.61712   18.56652  1.000 16.30000 ? 476 GLN A CB  1 
ATOM   563  C CG  . GLN A 1 71 ? 13.83882  7.67271   19.68988  1.000 19.92000 ? 476 GLN A CG  1 
ATOM   564  C CD  . GLN A 1 71 ? 14.00879  6.57941   20.71977  1.000 26.68000 ? 476 GLN A CD  1 
ATOM   565  O OE1 . GLN A 1 71 ? 15.10349  6.02647   20.88139  1.000 25.49000 ? 476 GLN A OE1 1 
ATOM   566  N NE2 . GLN A 1 71 ? 12.91663  6.25152   21.42917  1.000 21.14000 ? 476 GLN A NE2 1 
ATOM   567  N N   . CYS A 1 72 ? 15.48116  8.26053   15.26534  1.000 16.59000 ? 477 CYS A N   1 
ATOM   568  C CA  . CYS A 1 72 ? 16.47631  8.43528   14.24410  1.000 18.20000 ? 477 CYS A CA  1 
ATOM   569  C C   . CYS A 1 72 ? 16.32530  9.77440   13.52201  1.000 19.68000 ? 477 CYS A C   1 
ATOM   570  O O   . CYS A 1 72 ? 17.10749  10.11427  12.72397  1.000 20.98000 ? 477 CYS A O   1 
ATOM   571  C CB  . CYS A 1 72 ? 16.42716  7.34190   13.22090  1.000 25.43000 ? 477 CYS A CB  1 
ATOM   572  S SG  . CYS A 1 72 ? 14.87524  7.35484   12.35072  1.000 46.43000 ? 477 CYS A SG  1 
ATOM   573  N N   . VAL A 1 73 ? 15.24765  10.47021  13.78803  1.000 16.16000 ? 478 VAL A N   1 
ATOM   574  C CA  . VAL A 1 73 ? 15.04110  11.81165  13.23994  1.000 15.87000 ? 478 VAL A CA  1 
ATOM   575  C C   . VAL A 1 73 ? 15.69077  12.78472  14.22061  1.000 16.95000 ? 478 VAL A C   1 
ATOM   576  O O   . VAL A 1 73 ? 15.14070  13.06682  15.28482  1.000 17.48000 ? 478 VAL A O   1 
ATOM   577  C CB  . VAL A 1 73 ? 13.55388  12.11160  13.03954  1.000 16.74000 ? 478 VAL A CB  1 
ATOM   578  C CG1 . VAL A 1 73 ? 13.35631  13.53541  12.51488  1.000 18.08000 ? 478 VAL A CG1 1 
ATOM   579  C CG2 . VAL A 1 73 ? 12.92681  11.09334  12.08296  1.000 17.67000 ? 478 VAL A CG2 1 
ATOM   580  N N   . THR A 1 74 ? 16.86383  13.29797  13.87423  1.000 16.19000 ? 479 THR A N   1 
ATOM   581  C CA  . THR A 1 74 ? 17.64747  14.07628  14.82120  1.000 16.36000 ? 479 THR A CA  1 
ATOM   582  C C   . THR A 1 74 ? 17.76859  15.51403  14.35580  1.000 17.56000 ? 479 THR A C   1 
ATOM   583  O O   . THR A 1 74 ? 17.39319  15.86593  13.23562  1.000 18.64000 ? 479 THR A O   1 
ATOM   584  C CB  . THR A 1 74 ? 19.05129  13.47584  15.02343  1.000 18.87000 ? 479 THR A CB  1 
ATOM   585  O OG1 . THR A 1 74 ? 19.76558  13.51537  13.78336  1.000 18.13000 ? 479 THR A OG1 1 
ATOM   586  C CG2 . THR A 1 74 ? 18.95080  12.02468  15.50896  1.000 20.79000 ? 479 THR A CG2 1 
ATOM   587  N N   . GLY A 1 75 ? 18.29744  16.34585  15.23957  1.000 16.78000 ? 480 GLY A N   1 
ATOM   588  C CA  . GLY A 1 75 ? 18.53958  17.73307  14.91314  1.000 16.85000 ? 480 GLY A CA  1 
ATOM   589  C C   . GLY A 1 75 ? 17.33295  18.63176  15.12381  1.000 15.17000 ? 480 GLY A C   1 
ATOM   590  O O   . GLY A 1 75 ? 16.37731  18.32567  15.83806  1.000 15.85000 ? 480 GLY A O   1 
ATOM   591  N N   . ASP A 1 76 ? 17.41192  19.78478  14.47387  1.000 12.50000 ? 481 ASP A N   1 
ATOM   592  C CA  . ASP A 1 76 ? 16.41328  20.83942  14.61190  1.000 13.51000 ? 481 ASP A CA  1 
ATOM   593  C C   . ASP A 1 76 ? 15.06105  20.34978  14.10354  1.000 14.41000 ? 481 ASP A C   1 
ATOM   594  O O   . ASP A 1 76 ? 14.96354  19.80324  13.00045  1.000 16.39000 ? 481 ASP A O   1 
ATOM   595  C CB  . ASP A 1 76 ? 16.90899  22.04670  13.81842  1.000 16.77000 ? 481 ASP A CB  1 
ATOM   596  C CG  . ASP A 1 76 ? 16.18524  23.33137  14.14080  1.000 19.41000 ? 481 ASP A CG  1 
ATOM   597  O OD1 . ASP A 1 76 ? 15.12058  23.32169  14.78791  1.000 15.26000 ? 481 ASP A OD1 1 
ATOM   598  O OD2 . ASP A 1 76 ? 16.69679  24.38126  13.69985  1.000 21.97000 ? 481 ASP A OD2 1 
ATOM   599  N N   . LEU A 1 77 ? 14.01737  20.52046  14.91636  1.000 11.40000 ? 482 LEU A N   1 
ATOM   600  C CA  . LEU A 1 77 ? 12.67495  20.09050  14.55295  1.000 11.21000 ? 482 LEU A CA  1 
ATOM   601  C C   . LEU A 1 77 ? 11.77173  21.25110  14.15698  1.000 13.37000 ? 482 LEU A C   1 
ATOM   602  O O   . LEU A 1 77 ? 10.59879  21.02367  13.84881  1.000 12.56000 ? 482 LEU A O   1 
ATOM   603  C CB  . LEU A 1 77 ? 12.02236  19.33473  15.70900  1.000 10.97000 ? 482 LEU A CB  1 
ATOM   604  C CG  . LEU A 1 77 ? 12.83971  18.18665  16.29984  1.000 11.15000 ? 482 LEU A CG  1 
ATOM   605  C CD1 . LEU A 1 77 ? 12.07690  17.64573  17.50687  1.000 14.67000 ? 482 LEU A CD1 1 
ATOM   606  C CD2 . LEU A 1 77 ? 13.09784  17.09083  15.25291  1.000 11.94000 ? 482 LEU A CD2 1 
ATOM   607  N N   . ARG A 1 78 ? 12.28125  22.47626  14.17269  1.000 12.95000 ? 483 ARG A N   1 
ATOM   608  C CA  . ARG A 1 78 ? 11.43188  23.63037  13.91157  1.000 10.93000 ? 483 ARG A CA  1 
ATOM   609  C C   . ARG A 1 78 ? 11.05532  23.71383  12.44084  1.000 13.06000 ? 483 ARG A C   1 
ATOM   610  O O   . ARG A 1 78 ? 11.81100  23.30946  11.55144  1.000 14.44000 ? 483 ARG A O   1 
ATOM   611  C CB  . ARG A 1 78 ? 12.12658  24.91758  14.35012  1.000 13.76000 ? 483 ARG A CB  1 
ATOM   612  C CG  . ARG A 1 78 ? 12.28565  25.00007  15.86010  1.000 12.94000 ? 483 ARG A CG  1 
ATOM   613  C CD  . ARG A 1 78 ? 13.17417  26.16417  16.26205  1.000 16.14000 ? 483 ARG A CD  1 
ATOM   614  N NE  . ARG A 1 78 ? 14.57050  25.95403  15.87303  1.000 15.20000 ? 483 ARG A NE  1 
ATOM   615  C CZ  . ARG A 1 78 ? 15.55684  26.76648  16.22988  1.000 20.18000 ? 483 ARG A CZ  1 
ATOM   616  N NH1 . ARG A 1 78 ? 15.28365  27.83425  16.96723  1.000 22.37000 ? 483 ARG A NH1 1 
ATOM   617  N NH2 . ARG A 1 78 ? 16.80365  26.52538  15.83768  1.000 18.45000 ? 483 ARG A NH2 1 
ATOM   618  N N   . ARG A 1 79 ? 9.85705   24.25230  12.21675  1.000 11.99000 ? 484 ARG A N   1 
ATOM   619  C CA  . ARG A 1 79 ? 9.31842   24.50451  10.88751  1.000 13.08000 ? 484 ARG A CA  1 
ATOM   620  C C   . ARG A 1 79 ? 10.20959  25.46326  10.10728  1.000 13.93000 ? 484 ARG A C   1 
ATOM   621  O O   . ARG A 1 79 ? 10.69768  26.46197  10.64962  1.000 14.20000 ? 484 ARG A O   1 
ATOM   622  C CB  . ARG A 1 79 ? 7.92655   25.11238  11.05873  1.000 11.22000 ? 484 ARG A CB  1 
ATOM   623  C CG  . ARG A 1 79 ? 7.03973   25.10429  9.83315   1.000 11.95000 ? 484 ARG A CG  1 
ATOM   624  C CD  . ARG A 1 79 ? 5.69480   25.62757  10.27033  1.000 12.95000 ? 484 ARG A CD  1 
ATOM   625  N NE  . ARG A 1 79 ? 4.70135   25.63357  9.20136   1.000 12.38000 ? 484 ARG A NE  1 
ATOM   626  C CZ  . ARG A 1 79 ? 3.48963   26.15000  9.35523   1.000 14.69000 ? 484 ARG A CZ  1 
ATOM   627  N NH1 . ARG A 1 79 ? 3.15792   26.69351  10.51735  1.000 13.67000 ? 484 ARG A NH1 1 
ATOM   628  N NH2 . ARG A 1 79 ? 2.60555   26.10505  8.36091   1.000 13.62000 ? 484 ARG A NH2 1 
ATOM   629  N N   . ASP A 1 80 ? 10.40668  25.17480  8.81566   1.000 14.98000 ? 485 ASP A N   1 
ATOM   630  C CA  . ASP A 1 80 ? 11.21425  26.05617  7.96568   1.000 14.61000 ? 485 ASP A CA  1 
ATOM   631  C C   . ASP A 1 80 ? 10.59612  27.46637  7.88326   1.000 19.28000 ? 485 ASP A C   1 
ATOM   632  O O   . ASP A 1 80 ? 9.35355   27.60524  7.83403   1.000 17.45000 ? 485 ASP A O   1 
ATOM   633  C CB  . ASP A 1 80 ? 11.35010  25.48769  6.53906   1.000 16.49000 ? 485 ASP A CB  1 
ATOM   634  C CG  . ASP A 1 80 ? 12.15139  24.18719  6.47551   1.000 21.53000 ? 485 ASP A CG  1 
ATOM   635  O OD1 . ASP A 1 80 ? 12.82595  23.82700  7.46695   1.000 19.21000 ? 485 ASP A OD1 1 
ATOM   636  O OD2 . ASP A 1 80 ? 12.10238  23.51853  5.40636   1.000 19.72000 ? 485 ASP A OD2 1 
ATOM   637  N N   . SER B 1 2  ? -15.62741 -0.53772  -15.92586 1.000 46.02000 ? 407 SER B N   1 
ATOM   638  C CA  . SER B 1 2  ? -15.90788 -1.95806  -16.10855 1.000 40.42000 ? 407 SER B CA  1 
ATOM   639  C C   . SER B 1 2  ? -14.66967 -2.69624  -16.61086 1.000 36.95000 ? 407 SER B C   1 
ATOM   640  O O   . SER B 1 2  ? -13.82405 -2.11338  -17.29709 1.000 37.88000 ? 407 SER B O   1 
ATOM   641  C CB  . SER B 1 2  ? -17.07154 -2.15502  -17.07788 1.000 42.80000 ? 407 SER B CB  1 
ATOM   642  O OG  . SER B 1 2  ? -17.20696 -3.51605  -17.44336 1.000 47.18000 ? 407 SER B OG  1 
ATOM   643  N N   . TRP B 1 3  ? -14.59219 -3.98889  -16.29319 1.000 31.60000 ? 408 TRP B N   1 
ATOM   644  C CA  . TRP B 1 3  ? -13.39109 -4.78816  -16.49999 1.000 28.68000 ? 408 TRP B CA  1 
ATOM   645  C C   . TRP B 1 3  ? -13.45561 -5.54313  -17.81826 1.000 30.95000 ? 408 TRP B C   1 
ATOM   646  O O   . TRP B 1 3  ? -14.44595 -6.22495  -18.10304 1.000 33.23000 ? 408 TRP B O   1 
ATOM   647  C CB  . TRP B 1 3  ? -13.21484 -5.78496  -15.35189 1.000 25.29000 ? 408 TRP B CB  1 
ATOM   648  C CG  . TRP B 1 3  ? -12.61868 -5.18330  -14.12313 1.000 23.43000 ? 408 TRP B CG  1 
ATOM   649  C CD1 . TRP B 1 3  ? -13.18568 -4.25262  -13.30370 1.000 24.21000 ? 408 TRP B CD1 1 
ATOM   650  C CD2 . TRP B 1 3  ? -11.32873 -5.47454  -13.57257 1.000 21.35000 ? 408 TRP B CD2 1 
ATOM   651  N NE1 . TRP B 1 3  ? -12.32149 -3.93810  -12.27954 1.000 21.59000 ? 408 TRP B NE1 1 
ATOM   652  C CE2 . TRP B 1 3  ? -11.17735 -4.67761  -12.42040 1.000 19.42000 ? 408 TRP B CE2 1 
ATOM   653  C CE3 . TRP B 1 3  ? -10.28976 -6.33235  -13.94581 1.000 19.82000 ? 408 TRP B CE3 1 
ATOM   654  C CZ2 . TRP B 1 3  ? -10.02235 -4.70365  -11.63956 1.000 17.04000 ? 408 TRP B CZ2 1 
ATOM   655  C CZ3 . TRP B 1 3  ? -9.14631  -6.36674  -13.16665 1.000 21.55000 ? 408 TRP B CZ3 1 
ATOM   656  C CH2 . TRP B 1 3  ? -9.02317  -5.55608  -12.02500 1.000 20.22000 ? 408 TRP B CH2 1 
ATOM   657  N N   . THR B 1 4  ? -12.38419 -5.46205  -18.59607 1.000 27.83000 ? 409 THR B N   1 
ATOM   658  C CA  . THR B 1 4  ? -12.29465 -6.25266  -19.80991 1.000 31.66000 ? 409 THR B CA  1 
ATOM   659  C C   . THR B 1 4  ? -11.85552 -7.68411  -19.49514 1.000 35.17000 ? 409 THR B C   1 
ATOM   660  O O   . THR B 1 4  ? -11.37556 -8.00420  -18.40138 1.000 30.62000 ? 409 THR B O   1 
ATOM   661  C CB  . THR B 1 4  ? -11.32493 -5.61764  -20.80478 1.000 33.78000 ? 409 THR B CB  1 
ATOM   662  O OG1 . THR B 1 4  ? -9.98054  -5.78921  -20.34263 1.000 29.22000 ? 409 THR B OG1 1 
ATOM   663  C CG2 . THR B 1 4  ? -11.61515 -4.13423  -20.96764 1.000 33.89000 ? 409 THR B CG2 1 
ATOM   664  N N   . LYS B 1 5  ? -12.02873 -8.55374  -20.48798 1.000 32.70000 ? 410 LYS B N   1 
ATOM   665  C CA  . LYS B 1 5  ? -11.61906 -9.94560  -20.33902 1.000 35.61000 ? 410 LYS B CA  1 
ATOM   666  C C   . LYS B 1 5  ? -10.11052 -10.06205 -20.17328 1.000 34.51000 ? 410 LYS B C   1 
ATOM   667  O O   . LYS B 1 5  ? -9.62527  -10.92193 -19.42111 1.000 31.89000 ? 410 LYS B O   1 
ATOM   668  C CB  . LYS B 1 5  ? -12.09011 -10.76806 -21.54501 1.000 39.86000 ? 410 LYS B CB  1 
ATOM   669  C CG  . LYS B 1 5  ? -13.49881 -11.35407 -21.40268 1.000 46.92000 ? 410 LYS B CG  1 
ATOM   670  C CD  . LYS B 1 5  ? -14.54362 -10.29599 -21.05941 1.000 46.36000 ? 410 LYS B CD  1 
ATOM   671  C CE  . LYS B 1 5  ? -15.54283 -10.79989 -20.02559 1.000 51.27000 ? 410 LYS B CE  1 
ATOM   672  N NZ  . LYS B 1 5  ? -16.48214 -9.71761  -19.58979 1.000 50.38000 ? 410 LYS B NZ  1 
ATOM   673  N N   . GLU B 1 6  ? -9.35098  -9.21233  -20.87178 1.000 29.10000 ? 411 GLU B N   1 
ATOM   674  C CA  . GLU B 1 6  ? -7.90346  -9.20891  -20.70626 1.000 33.38000 ? 411 GLU B CA  1 
ATOM   675  C C   . GLU B 1 6  ? -7.51472  -8.75947  -19.30338 1.000 28.24000 ? 411 GLU B C   1 
ATOM   676  O O   . GLU B 1 6  ? -6.56232  -9.29369  -18.72039 1.000 27.75000 ? 411 GLU B O   1 
ATOM   677  C CB  . GLU B 1 6  ? -7.25309  -8.30766  -21.75245 1.000 32.04000 ? 411 GLU B CB  1 
ATOM   678  C CG  . GLU B 1 6  ? -7.38762  -8.80958  -23.18680 1.000 39.40000 ? 411 GLU B CG  1 
ATOM   679  C CD  . GLU B 1 6  ? -8.62087  -8.26080  -23.89526 1.000 43.77000 ? 411 GLU B CD  1 
ATOM   680  O OE1 . GLU B 1 6  ? -8.66389  -8.32747  -25.14229 1.000 51.11000 ? 411 GLU B OE1 1 
ATOM   681  O OE2 . GLU B 1 6  ? -9.54473  -7.76546  -23.21395 1.000 41.70000 ? 411 GLU B OE2 1 
ATOM   682  N N   . GLU B 1 7  ? -8.23182  -7.77138  -18.75433 1.000 26.30000 ? 412 GLU B N   1 
ATOM   683  C CA  . GLU B 1 7  ? -7.97410  -7.34190  -17.38004 1.000 23.40000 ? 412 GLU B CA  1 
ATOM   684  C C   . GLU B 1 7  ? -8.25932  -8.46981  -16.39846 1.000 25.37000 ? 412 GLU B C   1 
ATOM   685  O O   . GLU B 1 7  ? -7.47583  -8.72854  -15.47719 1.000 20.03000 ? 412 GLU B O   1 
ATOM   686  C CB  . GLU B 1 7  ? -8.82821  -6.12217  -17.03077 1.000 22.39000 ? 412 GLU B CB  1 
ATOM   687  C CG  . GLU B 1 7  ? -8.35017  -4.79991  -17.59976 1.000 23.07000 ? 412 GLU B CG  1 
ATOM   688  C CD  . GLU B 1 7  ? -9.17582  -3.63046  -17.09365 1.000 26.17000 ? 412 GLU B CD  1 
ATOM   689  O OE1 . GLU B 1 7  ? -10.40888 -3.61666  -17.32350 1.000 27.04000 ? 412 GLU B OE1 1 
ATOM   690  O OE2 . GLU B 1 7  ? -8.59452  -2.72291  -16.45905 1.000 25.77000 ? 412 GLU B OE2 1 
ATOM   691  N N   . GLU B 1 8  ? -9.39951  -9.14136  -16.56824 1.000 24.72000 ? 413 GLU B N   1 
ATOM   692  C CA  . GLU B 1 8  ? -9.75374  -10.22285 -15.65911 1.000 26.29000 ? 413 GLU B CA  1 
ATOM   693  C C   . GLU B 1 8  ? -8.75477  -11.36380 -15.75056 1.000 26.10000 ? 413 GLU B C   1 
ATOM   694  O O   . GLU B 1 8  ? -8.34609  -11.91654 -14.72505 1.000 24.42000 ? 413 GLU B O   1 
ATOM   695  C CB  . GLU B 1 8  ? -11.17036 -10.72392 -15.95585 1.000 29.61000 ? 413 GLU B CB  1 
ATOM   696  C CG  . GLU B 1 8  ? -12.26807 -9.76557  -15.52737 1.000 28.37000 ? 413 GLU B CG  1 
ATOM   697  C CD  . GLU B 1 8  ? -13.65902 -10.34517 -15.71949 1.000 36.73000 ? 413 GLU B CD  1 
ATOM   698  O OE1 . GLU B 1 8  ? -13.76001 -11.51050 -16.16145 1.000 41.14000 ? 413 GLU B OE1 1 
ATOM   699  O OE2 . GLU B 1 8  ? -14.64553 -9.63406  -15.43536 1.000 36.84000 ? 413 GLU B OE2 1 
ATOM   700  N N   . GLU B 1 9  ? -8.35093  -11.72914 -16.97362 1.000 27.22000 ? 414 GLU B N   1 
ATOM   701  C CA  . GLU B 1 9  ? -7.36281  -12.78887 -17.15451 1.000 28.67000 ? 414 GLU B CA  1 
ATOM   702  C C   . GLU B 1 9  ? -6.03470  -12.42257 -16.51401 1.000 27.03000 ? 414 GLU B C   1 
ATOM   703  O O   . GLU B 1 9  ? -5.35605  -13.27927 -15.93313 1.000 23.30000 ? 414 GLU B O   1 
ATOM   704  C CB  . GLU B 1 9  ? -7.15065  -13.06451 -18.64163 1.000 31.77000 ? 414 GLU B CB  1 
ATOM   705  C CG  . GLU B 1 9  ? -8.25391  -13.86271 -19.29490 1.000 37.51000 ? 414 GLU B CG  1 
ATOM   706  C CD  . GLU B 1 9  ? -8.10653  -13.93325 -20.80402 1.000 44.75000 ? 414 GLU B CD  1 
ATOM   707  O OE1 . GLU B 1 9  ? -7.25086  -13.20288 -21.35990 1.000 45.53000 ? 414 GLU B OE1 1 
ATOM   708  O OE2 . GLU B 1 9  ? -8.85441  -14.71483 -21.43273 1.000 48.20000 ? 414 GLU B OE2 1 
ATOM   709  N N   . ALA B 1 10 ? -5.62726  -11.15490 -16.63898 1.000 23.69000 ? 415 ALA B N   1 
ATOM   710  C CA  . ALA B 1 10 ? -4.35891  -10.75454 -16.04747 1.000 21.33000 ? 415 ALA B CA  1 
ATOM   711  C C   . ALA B 1 10 ? -4.42650  -10.80474 -14.53072 1.000 19.56000 ? 415 ALA B C   1 
ATOM   712  O O   . ALA B 1 10 ? -3.44768  -11.17103 -13.87492 1.000 19.74000 ? 415 ALA B O   1 
ATOM   713  C CB  . ALA B 1 10 ? -3.96920  -9.35874  -16.51821 1.000 19.66000 ? 415 ALA B CB  1 
ATOM   714  N N   . LEU B 1 11 ? -5.56468  -10.42765 -13.95475 1.000 18.07000 ? 416 LEU B N   1 
ATOM   715  C CA  . LEU B 1 11 ? -5.68322  -10.46983 -12.50374 1.000 17.86000 ? 416 LEU B CA  1 
ATOM   716  C C   . LEU B 1 11 ? -5.62271  -11.90444 -12.00452 1.000 18.82000 ? 416 LEU B C   1 
ATOM   717  O O   . LEU B 1 11 ? -4.92723  -12.20449 -11.02800 1.000 19.30000 ? 416 LEU B O   1 
ATOM   718  C CB  . LEU B 1 11 ? -6.97489  -9.79239  -12.05162 1.000 17.98000 ? 416 LEU B CB  1 
ATOM   719  C CG  . LEU B 1 11 ? -7.20142  -9.72532  -10.53640 1.000 18.07000 ? 416 LEU B CG  1 
ATOM   720  C CD1 . LEU B 1 11 ? -5.94739  -9.24140  -9.78024  1.000 16.28000 ? 416 LEU B CD1 1 
ATOM   721  C CD2 . LEU B 1 11 ? -8.37877  -8.78929  -10.24722 1.000 22.92000 ? 416 LEU B CD2 1 
ATOM   722  N N   . LEU B 1 12 ? -6.34286  -12.81157 -12.67460 1.000 22.09000 ? 417 LEU B N   1 
ATOM   723  C CA  . LEU B 1 12 ? -6.27804  -14.22036 -12.28765 1.000 22.05000 ? 417 LEU B CA  1 
ATOM   724  C C   . LEU B 1 12 ? -4.87022  -14.77295 -12.44338 1.000 23.74000 ? 417 LEU B C   1 
ATOM   725  O O   . LEU B 1 12 ? -4.37831  -15.48725 -11.55953 1.000 24.00000 ? 417 LEU B O   1 
ATOM   726  C CB  . LEU B 1 12 ? -7.26863  -15.05925 -13.10038 1.000 25.63000 ? 417 LEU B CB  1 
ATOM   727  C CG  . LEU B 1 12 ? -8.75994  -14.97242 -12.77683 1.000 30.87000 ? 417 LEU B CG  1 
ATOM   728  C CD1 . LEU B 1 12 ? -9.05269  -15.36763 -11.33299 1.000 32.48000 ? 417 LEU B CD1 1 
ATOM   729  C CD2 . LEU B 1 12 ? -9.33795  -13.63414 -13.11345 1.000 35.97000 ? 417 LEU B CD2 1 
ATOM   730  N N   . ASP B 1 13 ? -4.20579  -14.46390 -13.56159 1.000 21.87000 ? 418 ASP B N   1 
ATOM   731  C CA  . ASP B 1 13 ? -2.84246  -14.94696 -13.75947 1.000 24.64000 ? 418 ASP B CA  1 
ATOM   732  C C   . ASP B 1 13 ? -1.90071  -14.35263 -12.72345 1.000 23.73000 ? 418 ASP B C   1 
ATOM   733  O O   . ASP B 1 13 ? -1.07267  -15.06699 -12.15238 1.000 25.97000 ? 418 ASP B O   1 
ATOM   734  C CB  . ASP B 1 13 ? -2.36241  -14.62388 -15.17406 1.000 23.35000 ? 418 ASP B CB  1 
ATOM   735  C CG  . ASP B 1 13 ? -0.94749  -15.09580 -15.42616 1.000 30.29000 ? 418 ASP B CG  1 
ATOM   736  O OD1 . ASP B 1 13 ? -0.68247  -16.29501 -15.20419 1.000 33.12000 ? 418 ASP B OD1 1 
ATOM   737  O OD2 . ASP B 1 13 ? -0.09747  -14.27870 -15.83793 1.000 33.49000 ? 418 ASP B OD2 1 
ATOM   738  N N   . GLY B 1 14 ? -2.03648  -13.05178 -12.44432 1.000 20.34000 ? 419 GLY B N   1 
ATOM   739  C CA  . GLY B 1 14 ? -1.22580  -12.44457 -11.40094 1.000 21.01000 ? 419 GLY B CA  1 
ATOM   740  C C   . GLY B 1 14 ? -1.44916  -13.08151 -10.04255 1.000 19.14000 ? 419 GLY B C   1 
ATOM   741  O O   . GLY B 1 14 ? -0.49509  -13.38012 -9.31378  1.000 20.49000 ? 419 GLY B O   1 
ATOM   742  N N   . LEU B 1 15 ? -2.71742  -13.28053 -9.67296  1.000 19.93000 ? 420 LEU B N   1 
ATOM   743  C CA  . LEU B 1 15 ? -3.01913  -13.95913 -8.41585  1.000 20.58000 ? 420 LEU B CA  1 
ATOM   744  C C   . LEU B 1 15 ? -2.36608  -15.33383 -8.36490  1.000 23.65000 ? 420 LEU B C   1 
ATOM   745  O O   . LEU B 1 15 ? -1.84353  -15.74175 -7.32502  1.000 24.99000 ? 420 LEU B O   1 
ATOM   746  C CB  . LEU B 1 15 ? -4.53159  -14.08504 -8.23571  1.000 21.30000 ? 420 LEU B CB  1 
ATOM   747  C CG  . LEU B 1 15 ? -5.28091  -12.81343 -7.82968  1.000 18.13000 ? 420 LEU B CG  1 
ATOM   748  C CD1 . LEU B 1 15 ? -6.76414  -12.94446 -8.16840  1.000 21.71000 ? 420 LEU B CD1 1 
ATOM   749  C CD2 . LEU B 1 15 ? -5.08810  -12.53348 -6.35365  1.000 21.70000 ? 420 LEU B CD2 1 
ATOM   750  N N   . ASP B 1 16 ? -2.39856  -16.05960 -9.48416  1.000 25.04000 ? 421 ASP B N   1 
ATOM   751  C CA  . ASP B 1 16 ? -1.74476  -17.36327 -9.57439  1.000 28.27000 ? 421 ASP B CA  1 
ATOM   752  C C   . ASP B 1 16 ? -0.24320  -17.25969 -9.32953  1.000 27.94000 ? 421 ASP B C   1 
ATOM   753  O O   . ASP B 1 16 ? 0.33589   -18.08688 -8.61542  1.000 30.17000 ? 421 ASP B O   1 
ATOM   754  C CB  . ASP B 1 16 ? -2.01939  -17.96200 -10.95465 1.000 31.00000 ? 421 ASP B CB  1 
ATOM   755  C CG  . ASP B 1 16 ? -2.13201  -19.47398 -10.93552 1.000 44.44000 ? 421 ASP B CG  1 
ATOM   756  O OD1 . ASP B 1 16 ? -2.01150  -20.08104 -9.84738  1.000 42.74000 ? 421 ASP B OD1 1 
ATOM   757  O OD2 . ASP B 1 16 ? -2.35069  -20.05175 -12.02349 1.000 48.98000 ? 421 ASP B OD2 1 
ATOM   758  N N   . LEU B 1 17 ? 0.40481   -16.24786 -9.91235  1.000 27.79000 ? 422 LEU B N   1 
ATOM   759  C CA  . LEU B 1 17 ? 1.85968   -16.16401 -9.87122  1.000 26.70000 ? 422 LEU B CA  1 
ATOM   760  C C   . LEU B 1 17 ? 2.37622   -15.69045 -8.51870  1.000 31.95000 ? 422 LEU B C   1 
ATOM   761  O O   . LEU B 1 17 ? 3.44947   -16.11681 -8.07917  1.000 30.73000 ? 422 LEU B O   1 
ATOM   762  C CB  . LEU B 1 17 ? 2.35520   -15.23338 -10.97619 1.000 27.01000 ? 422 LEU B CB  1 
ATOM   763  C CG  . LEU B 1 17 ? 2.08320   -15.73168 -12.39836 1.000 27.50000 ? 422 LEU B CG  1 
ATOM   764  C CD1 . LEU B 1 17 ? 2.39191   -14.65080 -13.40697 1.000 26.89000 ? 422 LEU B CD1 1 
ATOM   765  C CD2 . LEU B 1 17 ? 2.89435   -16.98305 -12.69069 1.000 32.01000 ? 422 LEU B CD2 1 
ATOM   766  N N   . VAL B 1 18 ? 1.64395   -14.78897 -7.85375  1.000 28.34000 ? 423 VAL B N   1 
ATOM   767  C CA  . VAL B 1 18 ? 2.05424   -14.29113 -6.54450  1.000 30.24000 ? 423 VAL B CA  1 
ATOM   768  C C   . VAL B 1 18 ? 1.40822   -15.06770 -5.41298  1.000 31.85000 ? 423 VAL B C   1 
ATOM   769  O O   . VAL B 1 18 ? 1.56832   -14.69243 -4.24399  1.000 35.65000 ? 423 VAL B O   1 
ATOM   770  C CB  . VAL B 1 18 ? 1.74084   -12.78478 -6.39809  1.000 27.83000 ? 423 VAL B CB  1 
ATOM   771  C CG1 . VAL B 1 18 ? 2.19949   -12.03166 -7.63323  1.000 28.57000 ? 423 VAL B CG1 1 
ATOM   772  C CG2 . VAL B 1 18 ? 0.24953   -12.56188 -6.15233  1.000 27.26000 ? 423 VAL B CG2 1 
ATOM   773  N N   . LYS B 1 19 ? 0.73513   -16.14504 -5.68203  1.000 30.04000 ? 424 LYS B N   1 
ATOM   774  C CA  . LYS B 1 19 ? 0.03227   -16.87271 -4.67737  1.000 31.08000 ? 424 LYS B CA  1 
ATOM   775  C C   . LYS B 1 19 ? 0.82470   -17.66178 -3.63422  1.000 40.31000 ? 424 LYS B C   1 
ATOM   776  O O   . LYS B 1 19 ? 0.26074   -18.02972 -2.61171  1.000 41.45000 ? 424 LYS B O   1 
ATOM   777  C CB  . LYS B 1 19 ? -0.94506  -17.77892 -5.34401  1.000 39.10000 ? 424 LYS B CB  1 
ATOM   778  C CG  . LYS B 1 19 ? -1.28617  -19.01066 -4.60085  1.000 39.48000 ? 424 LYS B CG  1 
ATOM   779  C CD  . LYS B 1 19 ? -0.93663  -20.17811 -5.44319  1.000 42.48000 ? 424 LYS B CD  1 
ATOM   780  C CE  . LYS B 1 19 ? -2.08979  -20.59641 -6.29899  1.000 37.99000 ? 424 LYS B CE  1 
ATOM   781  N NZ  . LYS B 1 19 ? -1.63141  -21.57068 -7.29372  1.000 44.83000 ? 424 LYS B NZ  1 
ATOM   782  N N   . GLY B 1 20 ? -3.23846  -12.23470 2.76199   1.000 46.45000 ? 425 GLY B N   1 
ATOM   783  C CA  . GLY B 1 20 ? -3.88050  -11.74314 1.54666   1.000 35.75000 ? 425 GLY B CA  1 
ATOM   784  C C   . GLY B 1 20 ? -2.86552  -11.55687 0.45561   1.000 34.68000 ? 425 GLY B C   1 
ATOM   785  O O   . GLY B 1 20 ? -1.72163  -11.47816 0.74699   1.000 34.92000 ? 425 GLY B O   1 
ATOM   786  N N   . PRO B 1 21 ? -3.30181  -11.49382 -0.80690  1.000 29.87000 ? 426 PRO B N   1 
ATOM   787  C CA  . PRO B 1 21 ? -2.38395  -11.33795 -1.92081  1.000 25.10000 ? 426 PRO B CA  1 
ATOM   788  C C   . PRO B 1 21 ? -1.60909  -10.03940 -1.89726  1.000 24.84000 ? 426 PRO B C   1 
ATOM   789  O O   . PRO B 1 21 ? -2.04885  -9.07998  -1.41372  1.000 25.10000 ? 426 PRO B O   1 
ATOM   790  C CB  . PRO B 1 21 ? -3.28683  -11.40867 -3.11679  1.000 24.93000 ? 426 PRO B CB  1 
ATOM   791  C CG  . PRO B 1 21 ? -4.50595  -12.01527 -2.66395  1.000 26.53000 ? 426 PRO B CG  1 
ATOM   792  C CD  . PRO B 1 21 ? -4.66817  -11.64220 -1.25940  1.000 27.65000 ? 426 PRO B CD  1 
ATOM   793  N N   . ARG B 1 22 ? -0.40136  -10.07812 -2.39435  1.000 23.25000 ? 427 ARG B N   1 
ATOM   794  C CA  . ARG B 1 22 ? 0.42229   -8.90932  -2.45295  1.000 25.17000 ? 427 ARG B CA  1 
ATOM   795  C C   . ARG B 1 22 ? 0.05111   -8.18172  -3.73152  1.000 22.80000 ? 427 ARG B C   1 
ATOM   796  O O   . ARG B 1 22 ? 0.59523   -8.43014  -4.74364  1.000 21.07000 ? 427 ARG B O   1 
ATOM   797  C CB  . ARG B 1 22 ? 1.89052   -9.24993  -2.47011  1.000 30.12000 ? 427 ARG B CB  1 
ATOM   798  C CG  . ARG B 1 22 ? 2.75129   -8.06424  -2.09899  1.000 30.28000 ? 427 ARG B CG  1 
ATOM   799  C CD  . ARG B 1 22 ? 2.41776   -7.51400  -0.74162  1.000 36.43000 ? 427 ARG B CD  1 
ATOM   800  N NE  . ARG B 1 22 ? 2.74011   -8.42543  0.35555   1.000 42.88000 ? 427 ARG B NE  1 
ATOM   801  C CZ  . ARG B 1 22 ? 1.87501   -8.87777  1.25130   1.000 41.08000 ? 427 ARG B CZ  1 
ATOM   802  N NH1 . ARG B 1 22 ? 0.62551   -8.49468  1.19384   1.000 39.88000 ? 427 ARG B NH1 1 
ATOM   803  N NH2 . ARG B 1 22 ? 2.27116   -9.70219  2.20302   1.000 40.90000 ? 427 ARG B NH2 1 
ATOM   804  N N   . TRP B 1 23 ? -0.85946  -7.22905  -3.59088  1.000 20.22000 ? 428 TRP B N   1 
ATOM   805  C CA  . TRP B 1 23 ? -1.39632  -6.53933  -4.75860  1.000 19.01000 ? 428 TRP B CA  1 
ATOM   806  C C   . TRP B 1 23 ? -0.31145  -5.79668  -5.53066  1.000 17.11000 ? 428 TRP B C   1 
ATOM   807  O O   . TRP B 1 23 ? -0.37261  -5.71062  -6.76173  1.000 16.55000 ? 428 TRP B O   1 
ATOM   808  C CB  . TRP B 1 23 ? -2.50968  -5.58541  -4.32309  1.000 17.44000 ? 428 TRP B CB  1 
ATOM   809  C CG  . TRP B 1 23 ? -3.52952  -6.28236  -3.48357  1.000 18.53000 ? 428 TRP B CG  1 
ATOM   810  C CD1 . TRP B 1 23 ? -3.73818  -6.11607  -2.14724  1.000 22.08000 ? 428 TRP B CD1 1 
ATOM   811  C CD2 . TRP B 1 23 ? -4.46253  -7.28383  -3.91512  1.000 18.64000 ? 428 TRP B CD2 1 
ATOM   812  N NE1 . TRP B 1 23 ? -4.74404  -6.94677  -1.72140  1.000 21.47000 ? 428 TRP B NE1 1 
ATOM   813  C CE2 . TRP B 1 23 ? -5.20805  -7.67130  -2.78579  1.000 19.07000 ? 428 TRP B CE2 1 
ATOM   814  C CE3 . TRP B 1 23 ? -4.73448  -7.89215  -5.14511  1.000 18.44000 ? 428 TRP B CE3 1 
ATOM   815  C CZ2 . TRP B 1 23 ? -6.20941  -8.64352  -2.84238  1.000 18.65000 ? 428 TRP B CZ2 1 
ATOM   816  C CZ3 . TRP B 1 23 ? -5.74531  -8.84515  -5.20838  1.000 16.67000 ? 428 TRP B CZ3 1 
ATOM   817  C CH2 . TRP B 1 23 ? -6.46889  -9.21129  -4.05925  1.000 19.05000 ? 428 TRP B CH2 1 
ATOM   818  N N   . SER B 1 24 ? 0.68000   -5.23546  -4.83508  1.000 18.44000 ? 429 SER B N   1 
ATOM   819  C CA  . SER B 1 24 ? 1.72749   -4.51779  -5.55630  1.000 17.08000 ? 429 SER B CA  1 
ATOM   820  C C   . SER B 1 24 ? 2.52062   -5.44959  -6.45938  1.000 17.95000 ? 429 SER B C   1 
ATOM   821  O O   . SER B 1 24 ? 3.01896   -5.01883  -7.50501  1.000 19.32000 ? 429 SER B O   1 
ATOM   822  C CB  . SER B 1 24 ? 2.66352   -3.80598  -4.57218  1.000 21.05000 ? 429 SER B CB  1 
ATOM   823  O OG  . SER B 1 24 ? 3.36486   -4.74500  -3.76763  1.000 22.43000 ? 429 SER B OG  1 
ATOM   824  N N   . GLN B 1 25 ? 2.64244   -6.72767  -6.08031  1.000 18.74000 ? 430 GLN B N   1 
ATOM   825  C CA  . GLN B 1 25 ? 3.36149   -7.68190  -6.91722  1.000 19.86000 ? 430 GLN B CA  1 
ATOM   826  C C   . GLN B 1 25 ? 2.59653   -8.01403  -8.19404  1.000 17.88000 ? 430 GLN B C   1 
ATOM   827  O O   . GLN B 1 25 ? 3.21230   -8.26831  -9.23571  1.000 18.03000 ? 430 GLN B O   1 
ATOM   828  C CB  . GLN B 1 25 ? 3.64802   -8.95365  -6.13019  1.000 21.53000 ? 430 GLN B CB  1 
ATOM   829  C CG  . GLN B 1 25 ? 4.87594   -9.68592  -6.59407  1.000 35.12000 ? 430 GLN B CG  1 
ATOM   830  C CD  . GLN B 1 25 ? 5.29264   -10.75975 -5.61389  1.000 36.76000 ? 430 GLN B CD  1 
ATOM   831  O OE1 . GLN B 1 25 ? 5.48082   -10.49144 -4.41982  1.000 40.89000 ? 430 GLN B OE1 1 
ATOM   832  N NE2 . GLN B 1 25 ? 5.43147   -11.98334 -6.10664  1.000 38.49000 ? 430 GLN B NE2 1 
ATOM   833  N N   . ILE B 1 26 ? 1.26461   -8.04415  -8.13211  1.000 16.36000 ? 431 ILE B N   1 
ATOM   834  C CA  . ILE B 1 26 ? 0.47976   -8.18575  -9.35270  1.000 15.94000 ? 431 ILE B CA  1 
ATOM   835  C C   . ILE B 1 26 ? 0.71580   -6.99260  -10.26392 1.000 14.69000 ? 431 ILE B C   1 
ATOM   836  O O   . ILE B 1 26 ? 0.79294   -7.13006  -11.48982 1.000 15.61000 ? 431 ILE B O   1 
ATOM   837  C CB  . ILE B 1 26 ? -1.00974  -8.35583  -9.00591  1.000 13.83000 ? 431 ILE B CB  1 
ATOM   838  C CG1 . ILE B 1 26 ? -1.18901  -9.68576  -8.26822  1.000 16.36000 ? 431 ILE B CG1 1 
ATOM   839  C CG2 . ILE B 1 26 ? -1.87389  -8.29503  -10.26146 1.000 15.21000 ? 431 ILE B CG2 1 
ATOM   840  C CD1 . ILE B 1 26 ? -2.55507  -9.89544  -7.67484  1.000 18.06000 ? 431 ILE B CD1 1 
ATOM   841  N N   . LEU B 1 27 ? 0.82705   -5.79725  -9.68275  1.000 14.12000 ? 432 LEU B N   1 
ATOM   842  C CA  . LEU B 1 27 ? 1.06487   -4.62177  -10.50456 1.000 16.17000 ? 432 LEU B CA  1 
ATOM   843  C C   . LEU B 1 27 ? 2.50429   -4.56468  -11.00851 1.000 17.95000 ? 432 LEU B C   1 
ATOM   844  O O   . LEU B 1 27 ? 2.76787   -3.91425  -12.02743 1.000 17.70000 ? 432 LEU B O   1 
ATOM   845  C CB  . LEU B 1 27 ? 0.68193   -3.36175  -9.72145  1.000 17.12000 ? 432 LEU B CB  1 
ATOM   846  C CG  . LEU B 1 27 ? -0.84297  -3.24534  -9.48789  1.000 16.44000 ? 432 LEU B CG  1 
ATOM   847  C CD1 . LEU B 1 27 ? -1.18598  -2.11040  -8.53345  1.000 20.85000 ? 432 LEU B CD1 1 
ATOM   848  C CD2 . LEU B 1 27 ? -1.60962  -3.06412  -10.79883 1.000 16.28000 ? 432 LEU B CD2 1 
ATOM   849  N N   . GLU B 1 28 ? 3.43719   -5.25073  -10.34660 1.000 17.98000 ? 433 GLU B N   1 
ATOM   850  C CA  . GLU B 1 28 ? 4.77001   -5.38551  -10.93220 1.000 18.69000 ? 433 GLU B CA  1 
ATOM   851  C C   . GLU B 1 28 ? 4.72312   -6.18372  -12.22568 1.000 20.06000 ? 433 GLU B C   1 
ATOM   852  O O   . GLU B 1 28 ? 5.53783   -5.96006  -13.12974 1.000 20.25000 ? 433 GLU B O   1 
ATOM   853  C CB  . GLU B 1 28 ? 5.72419   -6.03939  -9.93759  1.000 19.37000 ? 433 GLU B CB  1 
ATOM   854  C CG  . GLU B 1 28 ? 6.19917   -5.10554  -8.85661  1.000 24.36000 ? 433 GLU B CG  1 
ATOM   855  C CD  . GLU B 1 28 ? 6.85753   -5.83760  -7.70243  1.000 32.55000 ? 433 GLU B CD  1 
ATOM   856  O OE1 . GLU B 1 28 ? 7.24027   -7.01381  -7.88371  1.000 33.85000 ? 433 GLU B OE1 1 
ATOM   857  O OE2 . GLU B 1 28 ? 6.99104   -5.23642  -6.61318  1.000 35.58000 ? 433 GLU B OE2 1 
ATOM   858  N N   . LEU B 1 29 ? 3.76820   -7.10324  -12.34040 1.000 17.01000 ? 434 LEU B N   1 
ATOM   859  C CA  . LEU B 1 29 ? 3.61850   -7.91484  -13.54077 1.000 17.58000 ? 434 LEU B CA  1 
ATOM   860  C C   . LEU B 1 29 ? 2.73757   -7.24774  -14.59158 1.000 17.80000 ? 434 LEU B C   1 
ATOM   861  O O   . LEU B 1 29 ? 2.98867   -7.38861  -15.79306 1.000 18.89000 ? 434 LEU B O   1 
ATOM   862  C CB  . LEU B 1 29 ? 3.02378   -9.27588  -13.17392 1.000 18.29000 ? 434 LEU B CB  1 
ATOM   863  C CG  . LEU B 1 29 ? 3.84795   -10.15380 -12.22696 1.000 21.08000 ? 434 LEU B CG  1 
ATOM   864  C CD1 . LEU B 1 29 ? 2.98441   -11.27683 -11.68202 1.000 21.43000 ? 434 LEU B CD1 1 
ATOM   865  C CD2 . LEU B 1 29 ? 5.06851   -10.71349 -12.94196 1.000 23.05000 ? 434 LEU B CD2 1 
ATOM   866  N N   . TYR B 1 30 ? 1.68873   -6.54042  -14.16238 1.000 16.01000 ? 435 TYR B N   1 
ATOM   867  C CA  . TYR B 1 30 ? 0.64805   -6.09869  -15.06868 1.000 15.46000 ? 435 TYR B CA  1 
ATOM   868  C C   . TYR B 1 30 ? 0.29980   -4.61957  -14.95032 1.000 15.65000 ? 435 TYR B C   1 
ATOM   869  O O   . TYR B 1 30 ? -0.59102  -4.15498  -15.67487 1.000 17.66000 ? 435 TYR B O   1 
ATOM   870  C CB  . TYR B 1 30 ? -0.61389  -6.93482  -14.83816 1.000 16.63000 ? 435 TYR B CB  1 
ATOM   871  C CG  . TYR B 1 30 ? -0.50193  -8.33301  -15.40553 1.000 18.24000 ? 435 TYR B CG  1 
ATOM   872  C CD1 . TYR B 1 30 ? -0.37841  -8.52286  -16.77756 1.000 21.65000 ? 435 TYR B CD1 1 
ATOM   873  C CD2 . TYR B 1 30 ? -0.52634  -9.45506  -14.58216 1.000 19.12000 ? 435 TYR B CD2 1 
ATOM   874  C CE1 . TYR B 1 30 ? -0.29312  -9.79747  -17.32538 1.000 24.11000 ? 435 TYR B CE1 1 
ATOM   875  C CE2 . TYR B 1 30 ? -0.44675  -10.73801 -15.12433 1.000 23.09000 ? 435 TYR B CE2 1 
ATOM   876  C CZ  . TYR B 1 30 ? -0.33166  -10.89563 -16.50035 1.000 26.33000 ? 435 TYR B CZ  1 
ATOM   877  O OH  . TYR B 1 30 ? -0.24630  -12.15064 -17.07419 1.000 28.68000 ? 435 TYR B OH  1 
ATOM   878  N N   . GLY B 1 31 ? 0.95186   -3.87543  -14.05680 1.000 14.82000 ? 436 GLY B N   1 
ATOM   879  C CA  . GLY B 1 31 ? 0.65380   -2.46663  -13.86593 1.000 17.07000 ? 436 GLY B CA  1 
ATOM   880  C C   . GLY B 1 31 ? 1.46525   -1.56908  -14.77902 1.000 16.64000 ? 436 GLY B C   1 
ATOM   881  O O   . GLY B 1 31 ? 1.93587   -1.98929  -15.84007 1.000 18.54000 ? 436 GLY B O   1 
ATOM   882  N N   . PRO B 1 32 ? 1.63094   -0.30392  -14.39679 1.000 18.89000 ? 437 PRO B N   1 
ATOM   883  C CA  . PRO B 1 32 ? 2.47325   0.59072   -15.20034 1.000 20.23000 ? 437 PRO B CA  1 
ATOM   884  C C   . PRO B 1 32 ? 3.90522   0.07340   -15.23311 1.000 20.94000 ? 437 PRO B C   1 
ATOM   885  O O   . PRO B 1 32 ? 4.49954   -0.22703  -14.19427 1.000 21.22000 ? 437 PRO B O   1 
ATOM   886  C CB  . PRO B 1 32 ? 2.35800   1.93811   -14.47728 1.000 20.50000 ? 437 PRO B CB  1 
ATOM   887  C CG  . PRO B 1 32 ? 1.98495   1.60316   -13.09884 1.000 23.05000 ? 437 PRO B CG  1 
ATOM   888  C CD  . PRO B 1 32 ? 1.15400   0.34533   -13.16368 1.000 20.80000 ? 437 PRO B CD  1 
ATOM   889  N N   . GLY B 1 33 ? 4.44253   -0.06724  -16.44509 1.000 23.51000 ? 438 GLY B N   1 
ATOM   890  C CA  . GLY B 1 33 ? 5.75457   -0.67838  -16.59523 1.000 24.49000 ? 438 GLY B CA  1 
ATOM   891  C C   . GLY B 1 33 ? 5.79735   -2.13243  -16.19713 1.000 24.59000 ? 438 GLY B C   1 
ATOM   892  O O   . GLY B 1 33 ? 6.86633   -2.64460  -15.84938 1.000 22.57000 ? 438 GLY B O   1 
ATOM   893  N N   . GLY B 1 34 ? 4.65680   -2.81639  -16.23656 1.000 20.34000 ? 439 GLY B N   1 
ATOM   894  C CA  . GLY B 1 34 ? 4.61377   -4.19961  -15.79291 1.000 20.06000 ? 439 GLY B CA  1 
ATOM   895  C C   . GLY B 1 34 ? 5.46499   -5.11396  -16.65538 1.000 24.38000 ? 439 GLY B C   1 
ATOM   896  O O   . GLY B 1 34 ? 5.66100   -4.88988  -17.85620 1.000 24.77000 ? 439 GLY B O   1 
ATOM   897  N N   . LYS B 1 35 ? 5.95273   -6.18360  -16.02811 1.000 22.28000 ? 440 LYS B N   1 
ATOM   898  C CA  . LYS B 1 35 ? 6.89281   -7.07736  -16.69837 1.000 23.87000 ? 440 LYS B CA  1 
ATOM   899  C C   . LYS B 1 35 ? 6.22562   -7.90576  -17.78869 1.000 22.65000 ? 440 LYS B C   1 
ATOM   900  O O   . LYS B 1 35 ? 6.87221   -8.23967  -18.78736 1.000 27.66000 ? 440 LYS B O   1 
ATOM   901  C CB  . LYS B 1 35 ? 7.56784   -7.97923  -15.66524 1.000 27.39000 ? 440 LYS B CB  1 
ATOM   902  C CG  . LYS B 1 35 ? 8.66083   -7.25239  -14.88936 1.000 36.31000 ? 440 LYS B CG  1 
ATOM   903  C CD  . LYS B 1 35 ? 9.16065   -8.04653  -13.69184 1.000 39.91000 ? 440 LYS B CD  1 
ATOM   904  C CE  . LYS B 1 35 ? 10.37494  -7.36705  -13.06400 1.000 41.26000 ? 440 LYS B CE  1 
ATOM   905  N NZ  . LYS B 1 35 ? 11.54414  -7.32285  -14.00058 1.000 44.46000 ? 440 LYS B NZ  1 
ATOM   906  N N   . LYS B 1 36 ? 4.95392   -8.26439  -17.62174 1.000 20.77000 ? 441 LYS B N   1 
ATOM   907  C CA  . LYS B 1 36 ? 4.22529   -9.05302  -18.60869 1.000 20.23000 ? 441 LYS B CA  1 
ATOM   908  C C   . LYS B 1 36 ? 3.38812   -8.19696  -19.54687 1.000 23.70000 ? 441 LYS B C   1 
ATOM   909  O O   . LYS B 1 36 ? 3.39510   -8.41785  -20.76135 1.000 27.10000 ? 441 LYS B O   1 
ATOM   910  C CB  . LYS B 1 36 ? 3.33469   -10.09168 -17.90775 1.000 22.52000 ? 441 LYS B CB  1 
ATOM   911  C CG  . LYS B 1 36 ? 4.13345   -11.07823 -17.03593 1.000 23.58000 ? 441 LYS B CG  1 
ATOM   912  C CD  . LYS B 1 36 ? 3.29464   -12.26098 -16.57787 1.000 30.31000 ? 441 LYS B CD  1 
ATOM   913  C CE  . LYS B 1 36 ? 2.84371   -13.11289 -17.75974 1.000 31.71000 ? 441 LYS B CE  1 
ATOM   914  N NZ  . LYS B 1 36 ? 2.24129   -14.40994 -17.31279 1.000 38.40000 ? 441 LYS B NZ  1 
ATOM   915  N N   . SER B 1 37 ? 2.66389   -7.22159  -19.01773 1.000 21.28000 ? 442 SER B N   1 
ATOM   916  C CA  . SER B 1 37 ? 1.95884   -6.24294  -19.83498 1.000 21.80000 ? 442 SER B CA  1 
ATOM   917  C C   . SER B 1 37 ? 1.61186   -5.07465  -18.92980 1.000 19.48000 ? 442 SER B C   1 
ATOM   918  O O   . SER B 1 37 ? 2.00650   -5.03501  -17.76413 1.000 18.65000 ? 442 SER B O   1 
ATOM   919  C CB  . SER B 1 37 ? 0.71169   -6.83448  -20.50501 1.000 20.75000 ? 442 SER B CB  1 
ATOM   920  O OG  . SER B 1 37 ? -0.40042  -6.93134  -19.62305 1.000 21.81000 ? 442 SER B OG  1 
ATOM   921  N N   . GLU B 1 38 ? 0.88436   -4.11043  -19.48378 1.000 18.12000 ? 443 GLU B N   1 
ATOM   922  C CA  . GLU B 1 38 ? 0.38533   -2.98612  -18.70159 1.000 18.50000 ? 443 GLU B CA  1 
ATOM   923  C C   . GLU B 1 38 ? -1.13282  -2.97042  -18.62279 1.000 15.57000 ? 443 GLU B C   1 
ATOM   924  O O   . GLU B 1 38 ? -1.71951  -1.92123  -18.34164 1.000 16.48000 ? 443 GLU B O   1 
ATOM   925  C CB  . GLU B 1 38 ? 0.88567   -1.66904  -19.28807 1.000 20.65000 ? 443 GLU B CB  1 
ATOM   926  C CG  . GLU B 1 38 ? 2.38521   -1.52264  -19.27451 1.000 21.76000 ? 443 GLU B CG  1 
ATOM   927  C CD  . GLU B 1 38 ? 2.79065   -0.14214  -19.69696 1.000 27.96000 ? 443 GLU B CD  1 
ATOM   928  O OE1 . GLU B 1 38 ? 2.56553   0.19545   -20.88394 1.000 29.00000 ? 443 GLU B OE1 1 
ATOM   929  O OE2 . GLU B 1 38 ? 3.29912   0.61203   -18.84226 1.000 29.47000 ? 443 GLU B OE2 1 
ATOM   930  N N   . VAL B 1 39 ? -1.78299  -4.11204  -18.85487 1.000 18.29000 ? 444 VAL B N   1 
ATOM   931  C CA  . VAL B 1 39 ? -3.23474  -4.11914  -18.99683 1.000 18.13000 ? 444 VAL B CA  1 
ATOM   932  C C   . VAL B 1 39 ? -3.93437  -3.66590  -17.71879 1.000 16.38000 ? 444 VAL B C   1 
ATOM   933  O O   . VAL B 1 39 ? -5.06149  -3.16764  -17.77185 1.000 17.24000 ? 444 VAL B O   1 
ATOM   934  C CB  . VAL B 1 39 ? -3.71207  -5.51201  -19.45154 1.000 22.62000 ? 444 VAL B CB  1 
ATOM   935  C CG1 . VAL B 1 39 ? -3.47989  -6.52549  -18.37112 1.000 23.16000 ? 444 VAL B CG1 1 
ATOM   936  C CG2 . VAL B 1 39 ? -5.18321  -5.48076  -19.85049 1.000 28.23000 ? 444 VAL B CG2 1 
ATOM   937  N N   . LEU B 1 40 ? -3.29524  -3.82206  -16.55521 1.000 16.50000 ? 445 LEU B N   1 
ATOM   938  C CA  . LEU B 1 40 ? -3.91547  -3.41851  -15.29504 1.000 13.00000 ? 445 LEU B CA  1 
ATOM   939  C C   . LEU B 1 40 ? -3.40933  -2.06511  -14.80349 1.000 14.43000 ? 445 LEU B C   1 
ATOM   940  O O   . LEU B 1 40 ? -3.61417  -1.72660  -13.63313 1.000 12.86000 ? 445 LEU B O   1 
ATOM   941  C CB  . LEU B 1 40 ? -3.68193  -4.48348  -14.20848 1.000 12.65000 ? 445 LEU B CB  1 
ATOM   942  C CG  . LEU B 1 40 ? -4.37936  -5.83023  -14.43916 1.000 13.75000 ? 445 LEU B CG  1 
ATOM   943  C CD1 . LEU B 1 40 ? -4.03057  -6.79214  -13.28822 1.000 16.19000 ? 445 LEU B CD1 1 
ATOM   944  C CD2 . LEU B 1 40 ? -5.89229  -5.64084  -14.57434 1.000 16.02000 ? 445 LEU B CD2 1 
ATOM   945  N N   . LYS B 1 41 ? -2.75997  -1.27416  -15.66729 1.000 13.02000 ? 446 LYS B N   1 
ATOM   946  C CA  . LYS B 1 41 ? -2.05594  -0.10397  -15.14617 1.000 14.38000 ? 446 LYS B CA  1 
ATOM   947  C C   . LYS B 1 41 ? -2.99443  0.92263   -14.51107 1.000 13.95000 ? 446 LYS B C   1 
ATOM   948  O O   . LYS B 1 41 ? -2.56618  1.66029   -13.61504 1.000 14.56000 ? 446 LYS B O   1 
ATOM   949  C CB  . LYS B 1 41 ? -1.20547  0.56052   -16.23801 1.000 13.65000 ? 446 LYS B CB  1 
ATOM   950  C CG  . LYS B 1 41 ? -1.95075  1.36394   -17.29505 1.000 12.84000 ? 446 LYS B CG  1 
ATOM   951  C CD  . LYS B 1 41 ? -0.91583  1.81145   -18.33101 1.000 14.39000 ? 446 LYS B CD  1 
ATOM   952  C CE  . LYS B 1 41 ? -1.46265  2.81826   -19.33218 1.000 17.15000 ? 446 LYS B CE  1 
ATOM   953  N NZ  . LYS B 1 41 ? -0.34039  3.12850   -20.29669 1.000 15.99000 ? 446 LYS B NZ  1 
ATOM   954  N N   . TYR B 1 42 ? -4.26372  0.99239   -14.93681 1.000 13.68000 ? 447 TYR B N   1 
ATOM   955  C CA  . TYR B 1 42 ? -5.16207  1.97960   -14.33904 1.000 13.88000 ? 447 TYR B CA  1 
ATOM   956  C C   . TYR B 1 42 ? -5.81346  1.49158   -13.05627 1.000 15.57000 ? 447 TYR B C   1 
ATOM   957  O O   . TYR B 1 42 ? -6.49939  2.27764   -12.39494 1.000 14.84000 ? 447 TYR B O   1 
ATOM   958  C CB  . TYR B 1 42 ? -6.27106  2.39081   -15.31269 1.000 14.77000 ? 447 TYR B CB  1 
ATOM   959  C CG  . TYR B 1 42 ? -5.73949  3.00590   -16.58320 1.000 17.47000 ? 447 TYR B CG  1 
ATOM   960  C CD1 . TYR B 1 42 ? -5.30600  4.33224   -16.61459 1.000 17.12000 ? 447 TYR B CD1 1 
ATOM   961  C CD2 . TYR B 1 42 ? -5.66738  2.25703   -17.75191 1.000 15.22000 ? 447 TYR B CD2 1 
ATOM   962  C CE1 . TYR B 1 42 ? -4.82021  4.89279   -17.79368 1.000 16.45000 ? 447 TYR B CE1 1 
ATOM   963  C CE2 . TYR B 1 42 ? -5.18016  2.80065   -18.92638 1.000 15.88000 ? 447 TYR B CE2 1 
ATOM   964  C CZ  . TYR B 1 42 ? -4.75511  4.11536   -18.94366 1.000 16.63000 ? 447 TYR B CZ  1 
ATOM   965  O OH  . TYR B 1 42 ? -4.29210  4.64967   -20.13751 1.000 18.22000 ? 447 TYR B OH  1 
ATOM   966  N N   . ARG B 1 43 ? -5.60437  0.23654   -12.67564 1.000 14.04000 ? 448 ARG B N   1 
ATOM   967  C CA  . ARG B 1 43 ? -6.24185  -0.29544  -11.47771 1.000 13.17000 ? 448 ARG B CA  1 
ATOM   968  C C   . ARG B 1 43 ? -5.30387  -0.10919  -10.29447 1.000 15.43000 ? 448 ARG B C   1 
ATOM   969  O O   . ARG B 1 43 ? -4.17124  -0.59328  -10.32190 1.000 16.57000 ? 448 ARG B O   1 
ATOM   970  C CB  . ARG B 1 43 ? -6.58075  -1.77391  -11.66794 1.000 14.49000 ? 448 ARG B CB  1 
ATOM   971  C CG  . ARG B 1 43 ? -7.42960  -2.05930  -12.90148 1.000 13.93000 ? 448 ARG B CG  1 
ATOM   972  C CD  . ARG B 1 43 ? -8.84143  -1.48520  -12.76443 1.000 17.38000 ? 448 ARG B CD  1 
ATOM   973  N NE  . ARG B 1 43 ? -9.64008  -1.73143  -13.96693 1.000 17.25000 ? 448 ARG B NE  1 
ATOM   974  C CZ  . ARG B 1 43 ? -10.91324 -1.35584  -14.10611 1.000 21.04000 ? 448 ARG B CZ  1 
ATOM   975  N NH1 . ARG B 1 43 ? -11.54219 -0.74205  -13.11189 1.000 19.99000 ? 448 ARG B NH1 1 
ATOM   976  N NH2 . ARG B 1 43 ? -11.56297 -1.60679  -15.23752 1.000 23.44000 ? 448 ARG B NH2 1 
ATOM   977  N N   . ASN B 1 44 ? -5.76895  0.57377   -9.25354  1.000 12.36000 ? 449 ASN B N   1 
ATOM   978  C CA  . ASN B 1 44 ? -4.94387  0.65559   -8.05692  1.000 15.63000 ? 449 ASN B CA  1 
ATOM   979  C C   . ASN B 1 44 ? -5.16465  -0.59556  -7.20106  1.000 15.27000 ? 449 ASN B C   1 
ATOM   980  O O   . ASN B 1 44 ? -5.97165  -1.47213  -7.52752  1.000 12.85000 ? 449 ASN B O   1 
ATOM   981  C CB  . ASN B 1 44 ? -5.18988  1.97270   -7.30211  1.000 15.99000 ? 449 ASN B CB  1 
ATOM   982  C CG  . ASN B 1 44 ? -6.61468  2.12455   -6.77439  1.000 16.64000 ? 449 ASN B CG  1 
ATOM   983  O OD1 . ASN B 1 44 ? -7.25244  1.15983   -6.37079  1.000 15.22000 ? 449 ASN B OD1 1 
ATOM   984  N ND2 . ASN B 1 44 ? -7.10829  3.37138   -6.75358  1.000 15.70000 ? 449 ASN B ND2 1 
ATOM   985  N N   . GLN B 1 45 ? -4.40202  -0.70609  -6.10873  1.000 15.29000 ? 450 GLN B N   1 
ATOM   986  C CA  . GLN B 1 45 ? -4.41901  -1.93846  -5.32477  1.000 16.45000 ? 450 GLN B CA  1 
ATOM   987  C C   . GLN B 1 45 ? -5.78265  -2.19186  -4.70321  1.000 14.99000 ? 450 GLN B C   1 
ATOM   988  O O   . GLN B 1 45 ? -6.19359  -3.34985  -4.55967  1.000 17.61000 ? 450 GLN B O   1 
ATOM   989  C CB  . GLN B 1 45 ? -3.32943  -1.89521  -4.24257  1.000 15.09000 ? 450 GLN B CB  1 
ATOM   990  C CG  . GLN B 1 45 ? -1.93754  -1.63514  -4.81823  1.000 16.13000 ? 450 GLN B CG  1 
ATOM   991  C CD  . GLN B 1 45 ? -0.84002  -1.57925  -3.75820  1.000 20.77000 ? 450 GLN B CD  1 
ATOM   992  O OE1 . GLN B 1 45 ? -0.98388  -2.14775  -2.68877  1.000 21.71000 ? 450 GLN B OE1 1 
ATOM   993  N NE2 . GLN B 1 45 ? 0.26360   -0.90895  -4.07177  1.000 19.01000 ? 450 GLN B NE2 1 
ATOM   994  N N   . VAL B 1 46 ? -6.50155  -1.12972  -4.33694  1.000 15.10000 ? 451 VAL B N   1 
ATOM   995  C CA  . VAL B 1 46 ? -7.84228  -1.28907  -3.78759  1.000 14.90000 ? 451 VAL B CA  1 
ATOM   996  C C   . VAL B 1 46 ? -8.80247  -1.81824  -4.84944  1.000 18.01000 ? 451 VAL B C   1 
ATOM   997  O O   . VAL B 1 46 ? -9.63402  -2.68829  -4.57464  1.000 14.70000 ? 451 VAL B O   1 
ATOM   998  C CB  . VAL B 1 46 ? -8.31410  0.04752   -3.18139  1.000 15.22000 ? 451 VAL B CB  1 
ATOM   999  C CG1 . VAL B 1 46 ? -9.79143  -0.02482  -2.76905  1.000 17.53000 ? 451 VAL B CG1 1 
ATOM   1000 C CG2 . VAL B 1 46 ? -7.44074  0.40830   -1.97575  1.000 19.42000 ? 451 VAL B CG2 1 
ATOM   1001 N N   . GLN B 1 47 ? -8.68893  -1.32792  -6.08560  1.000 13.02000 ? 452 GLN B N   1 
ATOM   1002 C CA  . GLN B 1 47 ? -9.51412  -1.87381  -7.15492  1.000 13.19000 ? 452 GLN B CA  1 
ATOM   1003 C C   . GLN B 1 47 ? -9.21032  -3.34254  -7.40936  1.000 14.70000 ? 452 GLN B C   1 
ATOM   1004 O O   . GLN B 1 47 ? -10.11769 -4.12194  -7.72645  1.000 14.57000 ? 452 GLN B O   1 
ATOM   1005 C CB  . GLN B 1 47 ? -9.30273  -1.07369  -8.43989  1.000 12.99000 ? 452 GLN B CB  1 
ATOM   1006 C CG  . GLN B 1 47 ? -9.99485  0.28478   -8.37652  1.000 11.25000 ? 452 GLN B CG  1 
ATOM   1007 C CD  . GLN B 1 47 ? -9.67066  1.13331   -9.58057  1.000 13.95000 ? 452 GLN B CD  1 
ATOM   1008 O OE1 . GLN B 1 47 ? -8.52043  1.52956   -9.77870  1.000 13.77000 ? 452 GLN B OE1 1 
ATOM   1009 N NE2 . GLN B 1 47 ? -10.68098 1.43011   -10.38392 1.000 15.77000 ? 452 GLN B NE2 1 
ATOM   1010 N N   . LEU B 1 48 ? -7.92754  -3.72651  -7.33698  1.000 13.02000 ? 453 LEU B N   1 
ATOM   1011 C CA  . LEU B 1 48 ? -7.56215  -5.13200  -7.52153  1.000 15.44000 ? 453 LEU B CA  1 
ATOM   1012 C C   . LEU B 1 48 ? -8.19688  -5.99730  -6.44375  1.000 15.59000 ? 453 LEU B C   1 
ATOM   1013 O O   . LEU B 1 48 ? -8.77041  -7.05429  -6.73549  1.000 17.65000 ? 453 LEU B O   1 
ATOM   1014 C CB  . LEU B 1 48 ? -6.03737  -5.29615  -7.50054  1.000 12.76000 ? 453 LEU B CB  1 
ATOM   1015 C CG  . LEU B 1 48 ? -5.23737  -4.71615  -8.67297  1.000 14.12000 ? 453 LEU B CG  1 
ATOM   1016 C CD1 . LEU B 1 48 ? -3.80952  -5.26051  -8.61788  1.000 15.99000 ? 453 LEU B CD1 1 
ATOM   1017 C CD2 . LEU B 1 48 ? -5.87605  -5.03272  -10.00138 1.000 15.47000 ? 453 LEU B CD2 1 
ATOM   1018 N N   . LYS B 1 49 ? -8.11558  -5.54607  -5.19446  1.000 14.44000 ? 454 LYS B N   1 
ATOM   1019 C CA  . LYS B 1 49 ? -8.70150  -6.27965  -4.07742  1.000 16.44000 ? 454 LYS B CA  1 
ATOM   1020 C C   . LYS B 1 49 ? -10.21683 -6.39892  -4.21858  1.000 19.82000 ? 454 LYS B C   1 
ATOM   1021 O O   . LYS B 1 49 ? -10.78734 -7.48778  -4.05794  1.000 17.64000 ? 454 LYS B O   1 
ATOM   1022 C CB  . LYS B 1 49 ? -8.33191  -5.58954  -2.76869  1.000 19.71000 ? 454 LYS B CB  1 
ATOM   1023 C CG  . LYS B 1 49 ? -8.74621  -6.38049  -1.51999  1.000 23.35000 ? 454 LYS B CG  1 
ATOM   1024 C CD  . LYS B 1 49 ? -8.42999  -5.58392  -0.26363  1.000 27.26000 ? 454 LYS B CD  1 
ATOM   1025 C CE  . LYS B 1 49 ? -8.44792  -6.46312  0.98381   1.000 38.45000 ? 454 LYS B CE  1 
ATOM   1026 N NZ  . LYS B 1 49 ? -8.11286  -5.69279  2.22387   1.000 44.73000 ? 454 LYS B NZ  1 
ATOM   1027 N N   . ASP B 1 50 ? -10.88878 -5.28887  -4.53643  1.000 17.87000 ? 455 ASP B N   1 
ATOM   1028 C CA  . ASP B 1 50 ? -12.34048 -5.33522  -4.67288  1.000 19.69000 ? 455 ASP B CA  1 
ATOM   1029 C C   . ASP B 1 50 ? -12.76584 -6.23637  -5.82974  1.000 20.31000 ? 455 ASP B C   1 
ATOM   1030 O O   . ASP B 1 50 ? -13.75965 -6.96954  -5.72371  1.000 21.41000 ? 455 ASP B O   1 
ATOM   1031 C CB  . ASP B 1 50 ? -12.89305 -3.91039  -4.83482  1.000 19.53000 ? 455 ASP B CB  1 
ATOM   1032 C CG  . ASP B 1 50 ? -12.71997 -3.05106  -3.56409  1.000 25.85000 ? 455 ASP B CG  1 
ATOM   1033 O OD1 . ASP B 1 50 ? -12.42325 -3.60861  -2.47934  1.000 28.25000 ? 455 ASP B OD1 1 
ATOM   1034 O OD2 . ASP B 1 50 ? -12.89281 -1.80687  -3.64509  1.000 24.41000 ? 455 ASP B OD2 1 
ATOM   1035 N N   . LYS B 1 51 ? -12.02079 -6.22207  -6.93969  1.000 17.19000 ? 456 LYS B N   1 
ATOM   1036 C CA  . LYS B 1 51 ? -12.36848 -7.09336  -8.05574  1.000 16.66000 ? 456 LYS B CA  1 
ATOM   1037 C C   . LYS B 1 51 ? -12.10307 -8.55736  -7.72105  1.000 19.60000 ? 456 LYS B C   1 
ATOM   1038 O O   . LYS B 1 51 ? -12.89423 -9.43546  -8.08577  1.000 19.16000 ? 456 LYS B O   1 
ATOM   1039 C CB  . LYS B 1 51 ? -11.60080 -6.68905  -9.31290  1.000 18.70000 ? 456 LYS B CB  1 
ATOM   1040 C CG  . LYS B 1 51 ? -11.84139 -7.58935  -10.51039 1.000 18.07000 ? 456 LYS B CG  1 
ATOM   1041 C CD  . LYS B 1 51 ? -13.30920 -7.56410  -10.98339 1.000 19.81000 ? 456 LYS B CD  1 
ATOM   1042 C CE  . LYS B 1 51 ? -13.46270 -8.28653  -12.30881 1.000 23.45000 ? 456 LYS B CE  1 
ATOM   1043 N NZ  . LYS B 1 51 ? -14.89526 -8.39750  -12.73674 1.000 24.29000 ? 456 LYS B NZ  1 
ATOM   1044 N N   . ALA B 1 52 ? -10.99579 -8.83919  -7.02853  1.000 17.10000 ? 457 ALA B N   1 
ATOM   1045 C CA  . ALA B 1 52 ? -10.71518 -10.21831 -6.63694  1.000 17.36000 ? 457 ALA B CA  1 
ATOM   1046 C C   . ALA B 1 52 ? -11.81876 -10.76397 -5.73521  1.000 20.07000 ? 457 ALA B C   1 
ATOM   1047 O O   . ALA B 1 52 ? -12.22006 -11.93220 -5.86019  1.000 21.97000 ? 457 ALA B O   1 
ATOM   1048 C CB  . ALA B 1 52 ? -9.35742  -10.29666 -5.93300  1.000 19.44000 ? 457 ALA B CB  1 
ATOM   1049 N N   . ARG B 1 53 ? -12.31379 -9.93395  -4.82074  1.000 21.28000 ? 458 ARG B N   1 
ATOM   1050 C CA  . ARG B 1 53 ? -13.43134 -10.34068 -3.97503  1.000 25.29000 ? 458 ARG B CA  1 
ATOM   1051 C C   . ARG B 1 53 ? -14.66581 -10.63819 -4.81163  1.000 26.57000 ? 458 ARG B C   1 
ATOM   1052 O O   . ARG B 1 53 ? -15.33852 -11.65663 -4.61092  1.000 25.79000 ? 458 ARG B O   1 
ATOM   1053 C CB  . ARG B 1 53 ? -13.72969 -9.25725  -2.94537  1.000 22.61000 ? 458 ARG B CB  1 
ATOM   1054 C CG  . ARG B 1 53 ? -12.66092 -9.09533  -1.91123  1.000 27.60000 ? 458 ARG B CG  1 
ATOM   1055 C CD  . ARG B 1 53 ? -12.96512 -7.92190  -1.01808  1.000 35.04000 ? 458 ARG B CD  1 
ATOM   1056 N NE  . ARG B 1 53 ? -12.30750 -8.06153  0.27493   1.000 42.25000 ? 458 ARG B NE  1 
ATOM   1057 C CZ  . ARG B 1 53 ? -11.90948 -7.03896  1.02228   1.000 42.53000 ? 458 ARG B CZ  1 
ATOM   1058 N NH1 . ARG B 1 53 ? -11.32425 -7.26074  2.19164   1.000 45.88000 ? 458 ARG B NH1 1 
ATOM   1059 N NH2 . ARG B 1 53 ? -12.09454 -5.79489  0.59635   1.000 47.62000 ? 458 ARG B NH2 1 
ATOM   1060 N N   . ASN B 1 54 ? -14.98876 -9.75478  -5.76050  1.000 23.36000 ? 459 ASN B N   1 
ATOM   1061 C CA  . ASN B 1 54 ? -16.13882 -10.01832 -6.61537  1.000 24.54000 ? 459 ASN B CA  1 
ATOM   1062 C C   . ASN B 1 54 ? -15.93443 -11.26564 -7.46507  1.000 25.49000 ? 459 ASN B C   1 
ATOM   1063 O O   . ASN B 1 54 ? -16.89856 -11.99124 -7.74743  1.000 27.76000 ? 459 ASN B O   1 
ATOM   1064 C CB  . ASN B 1 54 ? -16.43007 -8.79365  -7.48656  1.000 23.88000 ? 459 ASN B CB  1 
ATOM   1065 C CG  . ASN B 1 54 ? -17.38903 -7.83280  -6.81588  1.000 40.02000 ? 459 ASN B CG  1 
ATOM   1066 O OD1 . ASN B 1 54 ? -17.08723 -7.27168  -5.75593  1.000 39.44000 ? 459 ASN B OD1 1 
ATOM   1067 N ND2 . ASN B 1 54 ? -18.56387 -7.64989  -7.41805  1.000 45.28000 ? 459 ASN B ND2 1 
ATOM   1068 N N   . MET B 1 55 ? -14.69236 -11.56389 -7.85306  1.000 22.42000 ? 460 MET B N   1 
ATOM   1069 C CA  . MET B 1 55 ? -14.45607 -12.75793 -8.65063  1.000 20.75000 ? 460 MET B CA  1 
ATOM   1070 C C   . MET B 1 55 ? -14.62669 -14.01353 -7.80199  1.000 26.10000 ? 460 MET B C   1 
ATOM   1071 O O   . MET B 1 55 ? -15.24485 -14.99008 -8.24948  1.000 27.42000 ? 460 MET B O   1 
ATOM   1072 C CB  . MET B 1 55 ? -13.06426 -12.69972 -9.27993  1.000 22.99000 ? 460 MET B CB  1 
ATOM   1073 C CG  . MET B 1 55 ? -12.90862 -11.58959 -10.33404 1.000 23.31000 ? 460 MET B CG  1 
ATOM   1074 S SD  . MET B 1 55 ? -11.50647 -11.90996 -11.39716 1.000 34.46000 ? 460 MET B SD  1 
ATOM   1075 C CE  . MET B 1 55 ? -10.23811 -11.56571 -10.23169 1.000 36.15000 ? 460 MET B CE  1 
ATOM   1076 N N   . LYS B 1 56 ? -14.11161 -13.99228 -6.56513  1.000 22.05000 ? 461 LYS B N   1 
ATOM   1077 C CA  . LYS B 1 56 ? -14.35254 -15.10555 -5.64669  1.000 26.82000 ? 461 LYS B CA  1 
ATOM   1078 C C   . LYS B 1 56 ? -15.84449 -15.31017 -5.42216  1.000 25.66000 ? 461 LYS B C   1 
ATOM   1079 O O   . LYS B 1 56 ? -16.35408 -16.43335 -5.54031  1.000 26.37000 ? 461 LYS B O   1 
ATOM   1080 C CB  . LYS B 1 56 ? -13.65087 -14.87273 -4.30581  1.000 23.88000 ? 461 LYS B CB  1 
ATOM   1081 C CG  . LYS B 1 56 ? -13.68805 -16.12961 -3.40158  1.000 24.03000 ? 461 LYS B CG  1 
ATOM   1082 C CD  . LYS B 1 56 ? -13.25360 -15.80854 -1.99197  1.000 25.44000 ? 461 LYS B CD  1 
ATOM   1083 C CE  . LYS B 1 56 ? -13.08742 -17.08258 -1.16847  1.000 27.54000 ? 461 LYS B CE  1 
ATOM   1084 N NZ  . LYS B 1 56 ? -12.61851 -16.77061 0.21070   1.000 27.64000 ? 461 LYS B NZ  1 
ATOM   1085 N N   . LEU B 1 57 ? -16.56092 -14.22650 -5.10070  1.000 24.44000 ? 462 LEU B N   1 
ATOM   1086 C CA  . LEU B 1 57 ? -18.00296 -14.31243 -4.89990  1.000 27.58000 ? 462 LEU B CA  1 
ATOM   1087 C C   . LEU B 1 57 ? -18.68866 -14.95441 -6.09892  1.000 28.80000 ? 462 LEU B C   1 
ATOM   1088 O O   . LEU B 1 57 ? -19.58792 -15.78620 -5.93110  1.000 29.09000 ? 462 LEU B O   1 
ATOM   1089 C CB  . LEU B 1 57 ? -18.58313 -12.92260 -4.62568  1.000 30.99000 ? 462 LEU B CB  1 
ATOM   1090 C CG  . LEU B 1 57 ? -20.08695 -12.82843 -4.33062  1.000 33.49000 ? 462 LEU B CG  1 
ATOM   1091 C CD1 . LEU B 1 57 ? -20.49818 -13.86568 -3.27806  1.000 28.38000 ? 462 LEU B CD1 1 
ATOM   1092 C CD2 . LEU B 1 57 ? -20.45560 -11.42320 -3.87578  1.000 34.33000 ? 462 LEU B CD2 1 
ATOM   1093 N N   . PHE B 1 58 ? -18.26002 -14.60819 -7.31777  1.000 28.93000 ? 463 PHE B N   1 
ATOM   1094 C CA  . PHE B 1 58 ? -18.89891 -15.16980 -8.50659  1.000 29.53000 ? 463 PHE B CA  1 
ATOM   1095 C C   . PHE B 1 58 ? -18.83085 -16.68972 -8.51228  1.000 34.13000 ? 463 PHE B C   1 
ATOM   1096 O O   . PHE B 1 58 ? -19.81552 -17.36344 -8.83295  1.000 31.11000 ? 463 PHE B O   1 
ATOM   1097 C CB  . PHE B 1 58 ? -18.26562 -14.62549 -9.78463  1.000 32.83000 ? 463 PHE B CB  1 
ATOM   1098 C CG  . PHE B 1 58 ? -18.65490 -15.40492 -11.00845 1.000 37.96000 ? 463 PHE B CG  1 
ATOM   1099 C CD1 . PHE B 1 58 ? -19.89019 -15.20324 -11.60504 1.000 39.84000 ? 463 PHE B CD1 1 
ATOM   1100 C CD2 . PHE B 1 58 ? -17.80687 -16.36607 -11.53922 1.000 36.87000 ? 463 PHE B CD2 1 
ATOM   1101 C CE1 . PHE B 1 58 ? -20.26593 -15.92942 -12.71876 1.000 39.33000 ? 463 PHE B CE1 1 
ATOM   1102 C CE2 . PHE B 1 58 ? -18.17689 -17.09662 -12.65149 1.000 41.06000 ? 463 PHE B CE2 1 
ATOM   1103 C CZ  . PHE B 1 58 ? -19.40755 -16.87466 -13.24447 1.000 39.33000 ? 463 PHE B CZ  1 
ATOM   1104 N N   . PHE B 1 59 ? -17.66250 -17.25206 -8.19231  1.000 30.39000 ? 464 PHE B N   1 
ATOM   1105 C CA  . PHE B 1 59 ? -17.53473 -18.70591 -8.18470  1.000 30.95000 ? 464 PHE B CA  1 
ATOM   1106 C C   . PHE B 1 59 ? -18.40478 -19.32946 -7.09754  1.000 30.36000 ? 464 PHE B C   1 
ATOM   1107 O O   . PHE B 1 59 ? -19.08902 -20.33338 -7.33828  1.000 31.98000 ? 464 PHE B O   1 
ATOM   1108 C CB  . PHE B 1 59 ? -16.07150 -19.10311 -7.99545  1.000 33.25000 ? 464 PHE B CB  1 
ATOM   1109 C CG  . PHE B 1 59 ? -15.20209 -18.78442 -9.17859  1.000 34.88000 ? 464 PHE B CG  1 
ATOM   1110 C CD1 . PHE B 1 59 ? -15.27039 -19.54741 -10.33081 1.000 36.80000 ? 464 PHE B CD1 1 
ATOM   1111 C CD2 . PHE B 1 59 ? -14.31346 -17.72076 -9.13493  1.000 35.73000 ? 464 PHE B CD2 1 
ATOM   1112 C CE1 . PHE B 1 59 ? -14.46447 -19.25530 -11.42622 1.000 36.28000 ? 464 PHE B CE1 1 
ATOM   1113 C CE2 . PHE B 1 59 ? -13.50946 -17.41796 -10.22502 1.000 33.50000 ? 464 PHE B CE2 1 
ATOM   1114 C CZ  . PHE B 1 59 ? -13.58373 -18.18857 -11.36974 1.000 37.92000 ? 464 PHE B CZ  1 
ATOM   1115 N N   . LEU B 1 60 ? -18.39716 -18.73476 -5.90388  1.000 25.83000 ? 465 LEU B N   1 
ATOM   1116 C CA  . LEU B 1 60 ? -19.22941 -19.21774 -4.80523  1.000 26.26000 ? 465 LEU B CA  1 
ATOM   1117 C C   . LEU B 1 60 ? -20.70733 -19.11979 -5.14989  1.000 30.84000 ? 465 LEU B C   1 
ATOM   1118 O O   . LEU B 1 60 ? -21.47048 -20.07017 -4.94545  1.000 26.03000 ? 465 LEU B O   1 
ATOM   1119 C CB  . LEU B 1 60 ? -18.93183 -18.41317 -3.54494  1.000 24.45000 ? 465 LEU B CB  1 
ATOM   1120 C CG  . LEU B 1 60 ? -17.52103 -18.58509 -2.99832  1.000 23.91000 ? 465 LEU B CG  1 
ATOM   1121 C CD1 . LEU B 1 60 ? -17.27498 -17.63777 -1.84538  1.000 22.26000 ? 465 LEU B CD1 1 
ATOM   1122 C CD2 . LEU B 1 60 ? -17.32095 -20.04383 -2.56906  1.000 23.94000 ? 465 LEU B CD2 1 
ATOM   1123 N N   . LYS B 1 61 ? -21.12619 -17.95887 -5.65972  1.000 26.61000 ? 466 LYS B N   1 
ATOM   1124 C CA  . LYS B 1 61 ? -22.52869 -17.73406 -6.00484  1.000 31.13000 ? 466 LYS B CA  1 
ATOM   1125 C C   . LYS B 1 61 ? -23.01605 -18.73456 -7.04006  1.000 30.27000 ? 466 LYS B C   1 
ATOM   1126 O O   . LYS B 1 61 ? -24.15268 -19.21968 -6.96456  1.000 32.35000 ? 466 LYS B O   1 
ATOM   1127 C CB  . LYS B 1 61 ? -22.69418 -16.30471 -6.52699  1.000 32.43000 ? 466 LYS B CB  1 
ATOM   1128 C CG  . LYS B 1 61 ? -24.10313 -15.78567 -6.56408  1.000 40.63000 ? 466 LYS B CG  1 
ATOM   1129 C CD  . LYS B 1 61 ? -24.17003 -14.55003 -7.45677  1.000 43.85000 ? 466 LYS B CD  1 
ATOM   1130 C CE  . LYS B 1 61 ? -23.53066 -13.34099 -6.78583  1.000 45.34000 ? 466 LYS B CE  1 
ATOM   1131 N NZ  . LYS B 1 61 ? -24.50101 -12.60629 -5.92065  1.000 50.53000 ? 466 LYS B NZ  1 
ATOM   1132 N N   . SER B 1 62 ? -22.18021 -19.05226 -8.01755  1.000 30.64000 ? 467 SER B N   1 
ATOM   1133 C CA  . SER B 1 62 ? -22.56808 -19.95161 -9.09279  1.000 36.29000 ? 467 SER B CA  1 
ATOM   1134 C C   . SER B 1 62 ? -22.32501 -21.41659 -8.75556  1.000 34.75000 ? 467 SER B C   1 
ATOM   1135 O O   . SER B 1 62 ? -22.55762 -22.27932 -9.60813  1.000 37.33000 ? 467 SER B O   1 
ATOM   1136 C CB  . SER B 1 62 ? -21.82320 -19.58172 -10.38103 1.000 37.81000 ? 467 SER B CB  1 
ATOM   1137 O OG  . SER B 1 62 ? -20.41693 -19.61643 -10.19045 1.000 38.28000 ? 467 SER B OG  1 
ATOM   1138 N N   . GLY B 1 63 ? -21.86639 -21.71977 -7.54371  1.000 32.02000 ? 468 GLY B N   1 
ATOM   1139 C CA  . GLY B 1 63 ? -21.60684 -23.09892 -7.18223  1.000 33.45000 ? 468 GLY B CA  1 
ATOM   1140 C C   . GLY B 1 63 ? -20.41119 -23.72385 -7.86466  1.000 35.38000 ? 468 GLY B C   1 
ATOM   1141 O O   . GLY B 1 63 ? -20.34699 -24.95032 -7.97738  1.000 36.91000 ? 468 GLY B O   1 
ATOM   1142 N N   . GLN B 1 64 ? -19.45686 -22.92005 -8.32215  1.000 35.18000 ? 469 GLN B N   1 
ATOM   1143 C CA  . GLN B 1 64 ? -18.27103 -23.42452 -8.99544  1.000 35.75000 ? 469 GLN B CA  1 
ATOM   1144 C C   . GLN B 1 64 ? -17.10512 -23.53501 -8.01780  1.000 34.51000 ? 469 GLN B C   1 
ATOM   1145 O O   . GLN B 1 64 ? -17.11893 -22.96166 -6.92614  1.000 31.87000 ? 469 GLN B O   1 
ATOM   1146 C CB  . GLN B 1 64 ? -17.88443 -22.52120 -10.16950 1.000 36.26000 ? 469 GLN B CB  1 
ATOM   1147 C CG  . GLN B 1 64 ? -18.96704 -22.34045 -11.22406 1.000 42.05000 ? 469 GLN B CG  1 
ATOM   1148 C CD  . GLN B 1 64 ? -18.47592 -21.56155 -12.43852 1.000 47.87000 ? 469 GLN B CD  1 
ATOM   1149 O OE1 . GLN B 1 64 ? -17.65096 -22.05032 -13.21252 1.000 53.57000 ? 469 GLN B OE1 1 
ATOM   1150 N NE2 . GLN B 1 64 ? -18.98280 -20.34478 -12.60932 1.000 46.43000 ? 469 GLN B NE2 1 
ATOM   1151 N N   . VAL B 1 65 ? -16.08844 -24.29472 -8.42915  1.000 33.15000 ? 470 VAL B N   1 
ATOM   1152 C CA  . VAL B 1 65 ? -14.86316 -24.41187 -7.64818  1.000 32.67000 ? 470 VAL B CA  1 
ATOM   1153 C C   . VAL B 1 65 ? -14.15502 -23.06422 -7.61659  1.000 34.73000 ? 470 VAL B C   1 
ATOM   1154 O O   . VAL B 1 65 ? -14.03354 -22.38458 -8.64368  1.000 32.86000 ? 470 VAL B O   1 
ATOM   1155 C CB  . VAL B 1 65 ? -13.95601 -25.49984 -8.24125  1.000 35.53000 ? 470 VAL B CB  1 
ATOM   1156 C CG1 . VAL B 1 65 ? -12.58754 -25.48571 -7.56954  1.000 37.76000 ? 470 VAL B CG1 1 
ATOM   1157 C CG2 . VAL B 1 65 ? -14.60762 -26.86484 -8.10957  1.000 39.16000 ? 470 VAL B CG2 1 
ATOM   1158 N N   . VAL B 1 66 ? -13.69546 -22.66330 -6.43574  1.000 29.24000 ? 471 VAL B N   1 
ATOM   1159 C CA  . VAL B 1 66 ? -12.92921 -21.42834 -6.30103  1.000 28.36000 ? 471 VAL B CA  1 
ATOM   1160 C C   . VAL B 1 66 ? -11.48532 -21.71377 -6.69394  1.000 31.64000 ? 471 VAL B C   1 
ATOM   1161 O O   . VAL B 1 66 ? -10.84181 -22.57299 -6.07495  1.000 32.78000 ? 471 VAL B O   1 
ATOM   1162 C CB  . VAL B 1 66 ? -13.00162 -20.87289 -4.87313  1.000 28.47000 ? 471 VAL B CB  1 
ATOM   1163 C CG1 . VAL B 1 66 ? -12.06335 -19.66132 -4.72384  1.000 30.37000 ? 471 VAL B CG1 1 
ATOM   1164 C CG2 . VAL B 1 66 ? -14.44001 -20.50818 -4.51998  1.000 27.51000 ? 471 VAL B CG2 1 
ATOM   1165 N N   . PRO B 1 67 ? -10.94143 -21.02598 -7.69968  1.000 33.61000 ? 472 PRO B N   1 
ATOM   1166 C CA  . PRO B 1 67 ? -9.53441  -21.23657 -8.06532  1.000 31.38000 ? 472 PRO B CA  1 
ATOM   1167 C C   . PRO B 1 67 ? -8.62368  -21.05157 -6.86173  1.000 28.17000 ? 472 PRO B C   1 
ATOM   1168 O O   . PRO B 1 67 ? -8.86295  -20.19322 -6.01208  1.000 27.52000 ? 472 PRO B O   1 
ATOM   1169 C CB  . PRO B 1 67 ? -9.27836  -20.16249 -9.12873  1.000 34.27000 ? 472 PRO B CB  1 
ATOM   1170 C CG  . PRO B 1 67 ? -10.62651 -19.84272 -9.67934  1.000 35.45000 ? 472 PRO B CG  1 
ATOM   1171 C CD  . PRO B 1 67 ? -11.58459 -19.99650 -8.53203  1.000 32.33000 ? 472 PRO B CD  1 
ATOM   1172 N N   . ALA B 1 68 ? -7.56493  -21.86790 -6.80541  1.000 29.75000 ? 473 ALA B N   1 
ATOM   1173 C CA  . ALA B 1 68 ? -6.65011  -21.82325 -5.66902  1.000 32.09000 ? 473 ALA B CA  1 
ATOM   1174 C C   . ALA B 1 68 ? -6.17611  -20.40237 -5.38374  1.000 28.38000 ? 473 ALA B C   1 
ATOM   1175 O O   . ALA B 1 68 ? -6.10735  -19.98623 -4.22332  1.000 29.10000 ? 473 ALA B O   1 
ATOM   1176 C CB  . ALA B 1 68 ? -5.45499  -22.74135 -5.92253  1.000 30.66000 ? 473 ALA B CB  1 
ATOM   1177 N N   . ALA B 1 69 ? -5.87506  -19.63723 -6.43965  1.000 31.07000 ? 474 ALA B N   1 
ATOM   1178 C CA  . ALA B 1 69 ? -5.34089  -18.28859 -6.26372  1.000 35.47000 ? 474 ALA B CA  1 
ATOM   1179 C C   . ALA B 1 69 ? -6.33667  -17.36046 -5.58025  1.000 35.68000 ? 474 ALA B C   1 
ATOM   1180 O O   . ALA B 1 69 ? -5.93094  -16.39756 -4.91795  1.000 34.25000 ? 474 ALA B O   1 
ATOM   1181 C CB  . ALA B 1 69 ? -4.92311  -17.71172 -7.61493  1.000 36.25000 ? 474 ALA B CB  1 
ATOM   1182 N N   . LEU B 1 70 ? -7.63649  -17.63100 -5.71470  1.000 30.25000 ? 475 LEU B N   1 
ATOM   1183 C CA  . LEU B 1 70 ? -8.65382  -16.80972 -5.07620  1.000 28.42000 ? 475 LEU B CA  1 
ATOM   1184 C C   . LEU B 1 70 ? -9.01882  -17.28888 -3.67844  1.000 30.20000 ? 475 LEU B C   1 
ATOM   1185 O O   . LEU B 1 70 ? -9.72692  -16.57592 -2.95836  1.000 27.45000 ? 475 LEU B O   1 
ATOM   1186 C CB  . LEU B 1 70 ? -9.91736  -16.76416 -5.94426  1.000 31.96000 ? 475 LEU B CB  1 
ATOM   1187 C CG  . LEU B 1 70 ? -9.87900  -15.80001 -7.13188  1.000 29.87000 ? 475 LEU B CG  1 
ATOM   1188 C CD1 . LEU B 1 70 ? -11.10620 -15.98861 -8.01409  1.000 29.54000 ? 475 LEU B CD1 1 
ATOM   1189 C CD2 . LEU B 1 70 ? -9.75559  -14.36034 -6.63956  1.000 27.01000 ? 475 LEU B CD2 1 
ATOM   1190 N N   . GLN B 1 71 ? -8.55897  -18.47195 -3.26772  1.000 28.14000 ? 476 GLN B N   1 
ATOM   1191 C CA  . GLN B 1 71 ? -8.80564  -18.88100 -1.89518  1.000 28.18000 ? 476 GLN B CA  1 
ATOM   1192 C C   . GLN B 1 71 ? -8.02552  -18.02776 -0.90963  1.000 29.69000 ? 476 GLN B C   1 
ATOM   1193 O O   . GLN B 1 71 ? -8.41535  -17.93384 0.25639   1.000 31.74000 ? 476 GLN B O   1 
ATOM   1194 C CB  . GLN B 1 71 ? -8.48561  -20.36500 -1.73317  1.000 28.58000 ? 476 GLN B CB  1 
ATOM   1195 C CG  . GLN B 1 71 ? -9.63678  -21.24382 -2.22458  1.000 31.98000 ? 476 GLN B CG  1 
ATOM   1196 C CD  . GLN B 1 71 ? -9.23180  -22.68410 -2.42559  1.000 35.42000 ? 476 GLN B CD  1 
ATOM   1197 O OE1 . GLN B 1 71 ? -8.47127  -23.23248 -1.63326  1.000 37.30000 ? 476 GLN B OE1 1 
ATOM   1198 N NE2 . GLN B 1 71 ? -9.74415  -23.31073 -3.48307  1.000 32.41000 ? 476 GLN B NE2 1 
ATOM   1199 N N   . CYS B 1 72 ? -6.95945  -17.36877 -1.36716  1.000 29.59000 ? 477 CYS B N   1 
ATOM   1200 C CA  . CYS B 1 72 ? -6.21617  -16.44666 -0.52091  1.000 30.51000 ? 477 CYS B CA  1 
ATOM   1201 C C   . CYS B 1 72 ? -6.96355  -15.14153 -0.27053  1.000 33.60000 ? 477 CYS B C   1 
ATOM   1202 O O   . CYS B 1 72 ? -6.56825  -14.38415 0.62062   1.000 38.78000 ? 477 CYS B O   1 
ATOM   1203 C CB  . CYS B 1 72 ? -4.84889  -16.17025 -1.15088  1.000 36.00000 ? 477 CYS B CB  1 
ATOM   1204 S SG  . CYS B 1 72 ? -3.95260  -17.67732 -1.70282  1.000 46.38000 ? 477 CYS B SG  1 
ATOM   1205 N N   . VAL B 1 73 ? -8.03359  -14.86320 -1.00825  1.000 28.83000 ? 478 VAL B N   1 
ATOM   1206 C CA  . VAL B 1 73 ? -8.82984  -13.65851 -0.78873  1.000 33.70000 ? 478 VAL B CA  1 
ATOM   1207 C C   . VAL B 1 73 ? -9.94632  -14.02145 0.18086   1.000 30.07000 ? 478 VAL B C   1 
ATOM   1208 O O   . VAL B 1 73 ? -10.88102 -14.74011 -0.17896  1.000 32.36000 ? 478 VAL B O   1 
ATOM   1209 C CB  . VAL B 1 73 ? -9.38818  -13.10162 -2.10499  1.000 30.90000 ? 478 VAL B CB  1 
ATOM   1210 C CG1 . VAL B 1 73 ? -10.35847 -11.95947 -1.84095  1.000 31.22000 ? 478 VAL B CG1 1 
ATOM   1211 C CG2 . VAL B 1 73 ? -8.24846  -12.65064 -3.00473  1.000 31.08000 ? 478 VAL B CG2 1 
ATOM   1212 N N   . THR B 1 74 ? -9.84640  -13.53667 1.41440   1.000 30.83000 ? 479 THR B N   1 
ATOM   1213 C CA  . THR B 1 74 ? -10.74644 -13.93676 2.48723   1.000 30.95000 ? 479 THR B CA  1 
ATOM   1214 C C   . THR B 1 74 ? -11.53491 -12.73684 2.99989   1.000 33.83000 ? 479 THR B C   1 
ATOM   1215 O O   . THR B 1 74 ? -11.27462 -11.58408 2.64055   1.000 35.63000 ? 479 THR B O   1 
ATOM   1216 C CB  . THR B 1 74 ? -9.97445  -14.59796 3.64120   1.000 34.00000 ? 479 THR B CB  1 
ATOM   1217 O OG1 . THR B 1 74 ? -9.14064  -13.62787 4.28707   1.000 36.62000 ? 479 THR B OG1 1 
ATOM   1218 C CG2 . THR B 1 74 ? -9.10146  -15.74136 3.11992   1.000 34.96000 ? 479 THR B CG2 1 
ATOM   1219 N N   . GLY B 1 75 ? -12.51684 -13.02770 3.84191   1.000 31.19000 ? 480 GLY B N   1 
ATOM   1220 C CA  . GLY B 1 75 ? -13.34327 -11.98986 4.42504   1.000 34.78000 ? 480 GLY B CA  1 
ATOM   1221 C C   . GLY B 1 75 ? -14.59550 -11.67483 3.62820   1.000 32.84000 ? 480 GLY B C   1 
ATOM   1222 O O   . GLY B 1 75 ? -15.02010 -12.39424 2.71695   1.000 31.02000 ? 480 GLY B O   1 
ATOM   1223 N N   . ASP B 1 76 ? -15.19311 -10.54235 4.00315   1.000 32.58000 ? 481 ASP B N   1 
ATOM   1224 C CA  . ASP B 1 76 ? -16.42575 -10.05906 3.39061   1.000 31.84000 ? 481 ASP B CA  1 
ATOM   1225 C C   . ASP B 1 76 ? -16.22946 -9.79390  1.89995   1.000 33.70000 ? 481 ASP B C   1 
ATOM   1226 O O   . ASP B 1 76 ? -15.27883 -9.11651  1.49645   1.000 34.90000 ? 481 ASP B O   1 
ATOM   1227 C CB  . ASP B 1 76 ? -16.86544 -8.78852  4.12458   1.000 33.94000 ? 481 ASP B CB  1 
ATOM   1228 C CG  . ASP B 1 76 ? -18.27950 -8.35206  3.78647   1.000 35.43000 ? 481 ASP B CG  1 
ATOM   1229 O OD1 . ASP B 1 76 ? -18.88292 -8.87959  2.83099   1.000 38.14000 ? 481 ASP B OD1 1 
ATOM   1230 O OD2 . ASP B 1 76 ? -18.78644 -7.45304  4.48834   1.000 42.24000 ? 481 ASP B OD2 1 
ATOM   1231 N N   . LEU B 1 77 ? -17.13668 -10.32232 1.07285   1.000 28.80000 ? 482 LEU B N   1 
ATOM   1232 C CA  . LEU B 1 77 ? -16.99555 -10.22611 -0.37531  1.000 31.04000 ? 482 LEU B CA  1 
ATOM   1233 C C   . LEU B 1 77 ? -17.98208 -9.26991  -1.02766  1.000 33.50000 ? 482 LEU B C   1 
ATOM   1234 O O   . LEU B 1 77 ? -17.98534 -9.15627  -2.25996  1.000 36.28000 ? 482 LEU B O   1 
ATOM   1235 C CB  . LEU B 1 77 ? -17.14251 -11.60502 -1.02459  1.000 30.03000 ? 482 LEU B CB  1 
ATOM   1236 C CG  . LEU B 1 77 ? -16.27398 -12.73611 -0.47839  1.000 28.60000 ? 482 LEU B CG  1 
ATOM   1237 C CD1 . LEU B 1 77 ? -16.63547 -14.00570 -1.20346  1.000 24.80000 ? 482 LEU B CD1 1 
ATOM   1238 C CD2 . LEU B 1 77 ? -14.78415 -12.42404 -0.64755  1.000 27.90000 ? 482 LEU B CD2 1 
ATOM   1239 N N   . ARG B 1 78 ? -18.82022 -8.59082  -0.25158  1.000 37.75000 ? 483 ARG B N   1 
ATOM   1240 C CA  . ARG B 1 78 ? -19.80367 -7.69563  -0.84079  1.000 41.66000 ? 483 ARG B CA  1 
ATOM   1241 C C   . ARG B 1 78 ? -19.12194 -6.44735  -1.40668  1.000 46.89000 ? 483 ARG B C   1 
ATOM   1242 O O   . ARG B 1 78 ? -17.94402 -6.18027  -1.14893  1.000 44.29000 ? 483 ARG B O   1 
ATOM   1243 C CB  . ARG B 1 78 ? -20.86163 -7.32039  0.19684   1.000 41.83000 ? 483 ARG B CB  1 
ATOM   1244 C CG  . ARG B 1 78 ? -21.42212 -8.51645  0.94950   1.000 40.32000 ? 483 ARG B CG  1 
ATOM   1245 C CD  . ARG B 1 78 ? -22.28788 -8.10439  2.11550   1.000 40.58000 ? 483 ARG B CD  1 
ATOM   1246 N NE  . ARG B 1 78 ? -21.56575 -8.15364  3.38167   1.000 39.70000 ? 483 ARG B NE  1 
ATOM   1247 C CZ  . ARG B 1 78 ? -22.15040 -8.20955  4.57439   1.000 42.16000 ? 483 ARG B CZ  1 
ATOM   1248 N NH1 . ARG B 1 78 ? -23.47542 -8.23189  4.66570   1.000 45.20000 ? 483 ARG B NH1 1 
ATOM   1249 N NH2 . ARG B 1 78 ? -21.41374 -8.24935  5.67984   1.000 43.15000 ? 483 ARG B NH2 1 
ATOM   1250 N N   . ARG B 1 79 ? -19.87861 -5.71299  -2.23175  1.000 50.15000 ? 484 ARG B N   1 
ATOM   1251 C CA  . ARG B 1 79 ? -19.55958 -4.35373  -2.71587  1.000 53.17000 ? 484 ARG B CA  1 
ATOM   1252 C C   . ARG B 1 79 ? -18.16910 -3.79888  -2.38536  1.000 54.60000 ? 484 ARG B C   1 
ATOM   1253 O O   . ARG B 1 79 ? -17.55751 -3.09427  -3.19294  1.000 55.02000 ? 484 ARG B O   1 
ATOM   1254 C CB  . ARG B 1 79 ? -20.60924 -3.38620  -2.16922  1.000 54.16000 ? 484 ARG B CB  1 
ATOM   1255 C CG  . ARG B 1 79 ? -21.02416 -3.73361  -0.75412  1.000 53.52000 ? 484 ARG B CG  1 
ATOM   1256 C CD  . ARG B 1 79 ? -21.48849 -2.54177  0.05558   1.000 56.69000 ? 484 ARG B CD  1 
ATOM   1257 N NE  . ARG B 1 79 ? -21.63633 -2.89902  1.46672   1.000 61.90000 ? 484 ARG B NE  1 
ATOM   1258 C CZ  . ARG B 1 79 ? -22.58254 -3.70189  1.95427   1.000 62.13000 ? 484 ARG B CZ  1 
ATOM   1259 N NH1 . ARG B 1 79 ? -23.49344 -4.24178  1.15058   1.000 60.65000 ? 484 ARG B NH1 1 
ATOM   1260 N NH2 . ARG B 1 79 ? -22.62004 -3.96688  3.25572   1.000 59.03000 ? 484 ARG B NH2 1 
HETATM 1261 C C1  . GOL C 2 .  ? 9.23493   27.75531  15.21575  1.000 30.02000 ? 501 GOL A C1  1 
HETATM 1262 O O1  . GOL C 2 .  ? 8.14369   27.91047  14.41348  1.000 30.38000 ? 501 GOL A O1  1 
HETATM 1263 C C2  . GOL C 2 .  ? 9.09985   28.72037  16.30322  1.000 26.65000 ? 501 GOL A C2  1 
HETATM 1264 O O2  . GOL C 2 .  ? 10.35389  29.18443  16.65353  1.000 39.77000 ? 501 GOL A O2  1 
HETATM 1265 C C3  . GOL C 2 .  ? 8.40886   27.91695  17.42566  1.000 35.81000 ? 501 GOL A C3  1 
HETATM 1266 O O3  . GOL C 2 .  ? 7.44935   28.75194  18.00551  1.000 35.02000 ? 501 GOL A O3  1 
HETATM 1267 O O   . HOH D 3 .  ? 6.16524   28.10048  13.39416  1.000 24.49000 ? 601 HOH A O   1 
HETATM 1268 O O   . HOH D 3 .  ? 12.58257  29.19102  17.56782  1.000 25.97000 ? 602 HOH A O   1 
HETATM 1269 O O   . HOH D 3 .  ? 9.21177   15.82478  26.68066  1.000 18.16000 ? 603 HOH A O   1 
HETATM 1270 O O   . HOH D 3 .  ? 9.41787   28.36000  12.18701  1.000 24.16000 ? 604 HOH A O   1 
HETATM 1271 O O   . HOH D 3 .  ? -1.15931  0.61039   4.55452   1.000 35.11000 ? 605 HOH A O   1 
HETATM 1272 O O   . HOH D 3 .  ? 7.78924   26.41020  6.11612   1.000 17.04000 ? 606 HOH A O   1 
HETATM 1273 O O   . HOH D 3 .  ? 4.20146   7.52294   22.29520  1.000 29.81000 ? 607 HOH A O   1 
HETATM 1274 O O   . HOH D 3 .  ? 16.47642  18.21896  11.56983  1.000 28.94000 ? 608 HOH A O   1 
HETATM 1275 O O   . HOH D 3 .  ? -3.76817  5.28831   -6.46802  1.000 34.42000 ? 609 HOH A O   1 
HETATM 1276 O O   . HOH D 3 .  ? 13.77464  24.47845  9.81885   1.000 24.20000 ? 610 HOH A O   1 
HETATM 1277 O O   . HOH D 3 .  ? 13.58893  -3.55137  7.80426   1.000 39.27000 ? 611 HOH A O   1 
HETATM 1278 O O   . HOH D 3 .  ? 4.19746   10.66083  -2.76262  1.000 21.27000 ? 612 HOH A O   1 
HETATM 1279 O O   . HOH D 3 .  ? -5.28486  7.74593   5.11671   1.000 21.35000 ? 613 HOH A O   1 
HETATM 1280 O O   . HOH D 3 .  ? 17.65820  6.75634   20.66656  1.000 18.88000 ? 614 HOH A O   1 
HETATM 1281 O O   . HOH D 3 .  ? -1.93396  16.91332  10.20888  1.000 28.99000 ? 615 HOH A O   1 
HETATM 1282 O O   . HOH D 3 .  ? 9.13710   22.98382  7.54493   1.000 19.30000 ? 616 HOH A O   1 
HETATM 1283 O O   . HOH D 3 .  ? 8.84556   13.22521  25.92614  1.000 21.86000 ? 617 HOH A O   1 
HETATM 1284 O O   . HOH D 3 .  ? 5.61576   -3.60987  9.36309   1.000 33.82000 ? 618 HOH A O   1 
HETATM 1285 O O   . HOH D 3 .  ? 21.37124  15.70202  13.59644  1.000 25.84000 ? 619 HOH A O   1 
HETATM 1286 O O   . HOH D 3 .  ? 6.57545   5.46842   -4.77326  1.000 32.06000 ? 620 HOH A O   1 
HETATM 1287 O O   . HOH D 3 .  ? 15.46558  26.42738  12.37511  1.000 30.20000 ? 621 HOH A O   1 
HETATM 1288 O O   . HOH D 3 .  ? 0.45481   14.57992  27.19015  1.000 30.01000 ? 622 HOH A O   1 
HETATM 1289 O O   . HOH D 3 .  ? 2.92247   2.37964   12.80886  1.000 27.68000 ? 623 HOH A O   1 
HETATM 1290 O O   . HOH D 3 .  ? 6.66772   13.00827  30.64522  1.000 27.44000 ? 624 HOH A O   1 
HETATM 1291 O O   . HOH D 3 .  ? 16.41257  5.90015   23.29991  1.000 36.11000 ? 625 HOH A O   1 
HETATM 1292 O O   . HOH D 3 .  ? 15.88285  15.99971  10.93764  1.000 32.74000 ? 626 HOH A O   1 
HETATM 1293 O O   . HOH D 3 .  ? 10.63232  21.59955  4.08417   1.000 22.83000 ? 627 HOH A O   1 
HETATM 1294 O O   . HOH D 3 .  ? 11.67479  19.12432  7.27619   1.000 21.94000 ? 628 HOH A O   1 
HETATM 1295 O O   . HOH D 3 .  ? 11.09341  24.82856  3.18523   1.000 15.85000 ? 629 HOH A O   1 
HETATM 1296 O O   . HOH D 3 .  ? -1.31835  10.25208  1.11659   1.000 16.17000 ? 630 HOH A O   1 
HETATM 1297 O O   . HOH D 3 .  ? 2.16422   16.73874  -2.24456  1.000 27.25000 ? 631 HOH A O   1 
HETATM 1298 O O   . HOH D 3 .  ? 4.49046   17.52017  6.12259   1.000 13.94000 ? 632 HOH A O   1 
HETATM 1299 O O   . HOH D 3 .  ? 8.87593   2.50688   20.22462  1.000 30.41000 ? 633 HOH A O   1 
HETATM 1300 O O   . HOH D 3 .  ? 10.79425  6.71985   -3.97266  1.000 32.16000 ? 634 HOH A O   1 
HETATM 1301 O O   . HOH D 3 .  ? 2.39098   16.07396  14.00493  1.000 20.80000 ? 635 HOH A O   1 
HETATM 1302 O O   . HOH D 3 .  ? 15.23946  10.31966  0.53854   1.000 35.08000 ? 636 HOH A O   1 
HETATM 1303 O O   . HOH D 3 .  ? 8.83867   2.77308   16.77579  1.000 23.36000 ? 637 HOH A O   1 
HETATM 1304 O O   . HOH D 3 .  ? 15.84217  16.21946  17.68000  1.000 18.15000 ? 638 HOH A O   1 
HETATM 1305 O O   . HOH D 3 .  ? 10.95496  18.96403  4.66811   1.000 16.70000 ? 639 HOH A O   1 
HETATM 1306 O O   . HOH D 3 .  ? 9.02941   13.10611  -3.27456  1.000 31.40000 ? 640 HOH A O   1 
HETATM 1307 O O   . HOH D 3 .  ? 3.98312   19.20336  17.05270  1.000 20.59000 ? 641 HOH A O   1 
HETATM 1308 O O   . HOH D 3 .  ? 3.64772   8.40179   26.42144  1.000 28.91000 ? 642 HOH A O   1 
HETATM 1309 O O   . HOH D 3 .  ? -1.41268  2.73905   7.98747   1.000 31.21000 ? 643 HOH A O   1 
HETATM 1310 O O   . HOH D 3 .  ? 8.38754   24.95552  14.65325  1.000 18.88000 ? 644 HOH A O   1 
HETATM 1311 O O   . HOH D 3 .  ? 15.80662  3.41705   22.03443  1.000 25.96000 ? 645 HOH A O   1 
HETATM 1312 O O   . HOH D 3 .  ? -3.27580  0.95957   -1.24755  1.000 21.74000 ? 646 HOH A O   1 
HETATM 1313 O O   . HOH D 3 .  ? 13.94195  21.10875  7.22600   1.000 25.55000 ? 647 HOH A O   1 
HETATM 1314 O O   . HOH D 3 .  ? 7.35036   0.97699   -5.18008  1.000 36.95000 ? 648 HOH A O   1 
HETATM 1315 O O   . HOH D 3 .  ? 19.70744  20.10637  12.64461  1.000 27.83000 ? 649 HOH A O   1 
HETATM 1316 O O   . HOH D 3 .  ? -0.74671  11.58465  21.39704  1.000 39.73000 ? 650 HOH A O   1 
HETATM 1317 O O   . HOH D 3 .  ? 17.71628  12.82436  11.05970  1.000 30.21000 ? 651 HOH A O   1 
HETATM 1318 O O   . HOH D 3 .  ? -0.60976  12.33562  16.55088  1.000 39.02000 ? 652 HOH A O   1 
HETATM 1319 O O   . HOH D 3 .  ? 16.49005  13.85249  6.75888   1.000 30.39000 ? 653 HOH A O   1 
HETATM 1320 O O   . HOH D 3 .  ? 9.68602   31.65688  15.09115  1.000 32.63000 ? 654 HOH A O   1 
HETATM 1321 O O   . HOH D 3 .  ? 17.46417  29.79434  17.64147  1.000 34.89000 ? 655 HOH A O   1 
HETATM 1322 O O   . HOH D 3 .  ? 9.62985   16.47654  -2.02453  1.000 19.80000 ? 656 HOH A O   1 
HETATM 1323 O O   . HOH D 3 .  ? 6.33159   21.86739  5.95622   0.50  29.54000 ? 657 HOH A O   1 
HETATM 1324 O O   . HOH D 3 .  ? -4.09329  1.55819   -3.85620  1.000 20.29000 ? 658 HOH A O   1 
HETATM 1325 O O   . HOH D 3 .  ? -6.56313  8.65233   -7.28044  1.000 31.55000 ? 659 HOH A O   1 
HETATM 1326 O O   . HOH D 3 .  ? 0.92072   1.13803   8.27938   1.000 32.38000 ? 660 HOH A O   1 
HETATM 1327 O O   . HOH D 3 .  ? 4.31077   26.16491  13.36401  1.000 24.25000 ? 661 HOH A O   1 
HETATM 1328 O O   . HOH D 3 .  ? 12.96875  15.64312  2.10134   1.000 33.16000 ? 662 HOH A O   1 
HETATM 1329 O O   . HOH D 3 .  ? 15.17565  14.60862  20.89857  1.000 22.45000 ? 663 HOH A O   1 
HETATM 1330 O O   . HOH D 3 .  ? 15.79411  20.63368  8.80223   1.000 31.88000 ? 664 HOH A O   1 
HETATM 1331 O O   . HOH D 3 .  ? 0.93616   13.87101  15.60371  1.000 31.06000 ? 665 HOH A O   1 
HETATM 1332 O O   . HOH D 3 .  ? 1.27748   18.54956  15.45459  1.000 32.55000 ? 666 HOH A O   1 
HETATM 1333 O O   . HOH D 3 .  ? 15.15837  8.60123   23.36615  1.000 38.12000 ? 667 HOH A O   1 
HETATM 1334 O O   . HOH D 3 .  ? 5.72552   -1.73413  -9.96392  1.000 36.58000 ? 668 HOH A O   1 
HETATM 1335 O O   . HOH D 3 .  ? 14.96068  19.69466  4.76540   1.000 37.87000 ? 669 HOH A O   1 
HETATM 1336 O O   . HOH D 3 .  ? 8.77221   15.83733  -4.58666  1.000 35.39000 ? 670 HOH A O   1 
HETATM 1337 O O   . HOH D 3 .  ? 15.98950  22.87746  10.26027  1.000 30.90000 ? 671 HOH A O   1 
HETATM 1338 O O   . HOH D 3 .  ? 22.00159  16.99798  15.93854  1.000 28.83000 ? 672 HOH A O   1 
HETATM 1339 O O   . HOH D 3 .  ? 3.44826   13.92908  -4.02466  1.000 38.18000 ? 673 HOH A O   1 
HETATM 1340 O O   . HOH D 3 .  ? 5.24058   1.88695   14.26905  1.000 35.23000 ? 674 HOH A O   1 
HETATM 1341 O O   . HOH D 3 .  ? 20.79862  17.56736  12.04350  1.000 34.64000 ? 675 HOH A O   1 
HETATM 1342 O O   . HOH D 3 .  ? 4.84724   20.05891  4.89864   1.000 24.70000 ? 676 HOH A O   1 
HETATM 1343 O O   . HOH D 3 .  ? 8.37893   24.81218  17.23027  1.000 30.02000 ? 677 HOH A O   1 
HETATM 1344 O O   . HOH D 3 .  ? 1.55826   3.24487   14.37704  1.000 37.30000 ? 678 HOH A O   1 
HETATM 1345 O O   . HOH D 3 .  ? 6.05047   11.43665  -4.26535  1.000 34.57000 ? 679 HOH A O   1 
HETATM 1346 O O   . HOH D 3 .  ? -7.38945  12.33233  -8.12149  1.000 24.09000 ? 680 HOH A O   1 
HETATM 1347 O O   . HOH D 3 .  ? 15.94081  13.66231  9.58958   1.000 29.95000 ? 681 HOH A O   1 
HETATM 1348 O O   . HOH D 3 .  ? 20.20976  22.50162  11.69135  1.000 37.72000 ? 682 HOH A O   1 
HETATM 1349 O O   . HOH D 3 .  ? 0.78015   21.80671  0.05510   1.000 28.00000 ? 683 HOH A O   1 
HETATM 1350 O O   . HOH D 3 .  ? -1.04642  15.54948  16.38170  1.000 39.05000 ? 684 HOH A O   1 
HETATM 1351 O O   . HOH D 3 .  ? 12.98267  10.62117  24.07110  1.000 37.70000 ? 685 HOH A O   1 
HETATM 1352 O O   . HOH D 3 .  ? 9.98664   0.06881   20.67409  1.000 30.81000 ? 686 HOH A O   1 
HETATM 1353 O O   . HOH D 3 .  ? 5.94450   3.48220   16.02805  1.000 30.69000 ? 687 HOH A O   1 
HETATM 1354 O O   . HOH D 3 .  ? 4.22937   4.24862   17.51981  1.000 35.51000 ? 688 HOH A O   1 
HETATM 1355 O O   . HOH E 3 .  ? -18.45945 -23.01048 -4.81091  1.000 31.80000 ? 501 HOH B O   1 
HETATM 1356 O O   . HOH E 3 .  ? 5.79842   -5.83060  -4.44857  1.000 33.40000 ? 502 HOH B O   1 
HETATM 1357 O O   . HOH E 3 .  ? 2.36799   -1.49541  -22.83325 1.000 36.17000 ? 503 HOH B O   1 
HETATM 1358 O O   . HOH E 3 .  ? 7.52496   -4.28810  -12.80249 1.000 33.51000 ? 504 HOH B O   1 
HETATM 1359 O O   . HOH E 3 .  ? -12.41695 0.01877   -5.48510  1.000 20.94000 ? 505 HOH B O   1 
HETATM 1360 O O   . HOH E 3 .  ? -8.70574  -0.09658  -16.87339 1.000 21.96000 ? 506 HOH B O   1 
HETATM 1361 O O   . HOH E 3 .  ? -8.16371  -4.15709  -21.43639 1.000 31.00000 ? 507 HOH B O   1 
HETATM 1362 O O   . HOH E 3 .  ? -5.78516  -15.89867 -16.31880 1.000 32.06000 ? 508 HOH B O   1 
HETATM 1363 O O   . HOH E 3 .  ? -1.88685  0.62076   -11.09003 1.000 22.15000 ? 509 HOH B O   1 
HETATM 1364 O O   . HOH E 3 .  ? -10.82428 -18.91400 1.01081   1.000 32.54000 ? 510 HOH B O   1 
HETATM 1365 O O   . HOH E 3 .  ? -2.01920  -8.84554  -20.65038 1.000 31.89000 ? 511 HOH B O   1 
HETATM 1366 O O   . HOH E 3 .  ? 3.79780   -1.40962  -11.83364 1.000 29.48000 ? 512 HOH B O   1 
HETATM 1367 O O   . HOH E 3 .  ? 0.02399   0.93765   -21.87374 1.000 24.25000 ? 513 HOH B O   1 
HETATM 1368 O O   . HOH E 3 .  ? 8.18962   -8.44610  -5.73415  1.000 40.26000 ? 514 HOH B O   1 
HETATM 1369 O O   . HOH E 3 .  ? -7.06629  -23.76644 -8.74183  1.000 39.79000 ? 515 HOH B O   1 
HETATM 1370 O O   . HOH E 3 .  ? -6.67909  -2.57564  -19.93544 1.000 27.53000 ? 516 HOH B O   1 
HETATM 1371 O O   . HOH E 3 .  ? -13.22129 -0.05077  -1.52792  1.000 30.07000 ? 517 HOH B O   1 
HETATM 1372 O O   . HOH E 3 .  ? -2.52239  -18.63974 -14.40413 1.000 42.07000 ? 518 HOH B O   1 
HETATM 1373 O O   . HOH E 3 .  ? 2.21719   3.29621   -19.23163 1.000 23.14000 ? 519 HOH B O   1 
HETATM 1374 O O   . HOH E 3 .  ? -5.98111  -0.96069  -16.33254 1.000 17.37000 ? 520 HOH B O   1 
HETATM 1375 O O   . HOH E 3 .  ? 0.60436   -4.40850  -2.01046  1.000 24.62000 ? 521 HOH B O   1 
HETATM 1376 O O   . HOH E 3 .  ? -14.54349 -15.04662 1.80218   1.000 28.48000 ? 522 HOH B O   1 
HETATM 1377 O O   . HOH E 3 .  ? 3.98391   -17.08398 -5.45283  1.000 40.72000 ? 523 HOH B O   1 
HETATM 1378 O O   . HOH E 3 .  ? -2.80027  -0.47418  -20.55282 1.000 19.75000 ? 524 HOH B O   1 
HETATM 1379 O O   . HOH E 3 .  ? -4.20527  -10.32161 -19.96861 1.000 31.94000 ? 525 HOH B O   1 
HETATM 1380 O O   . HOH E 3 .  ? -13.15240 -15.79367 4.21509   1.000 40.91000 ? 526 HOH B O   1 
HETATM 1381 O O   . HOH E 3 .  ? -9.29697  2.71999   -12.81820 1.000 15.52000 ? 527 HOH B O   1 
HETATM 1382 O O   . HOH E 3 .  ? -20.85474 -22.38949 -3.37112  1.000 31.14000 ? 528 HOH B O   1 
HETATM 1383 O O   . HOH E 3 .  ? -3.14813  -2.12909  -0.78756  1.000 34.47000 ? 529 HOH B O   1 
HETATM 1384 O O   . HOH E 3 .  ? 5.61088   -2.47476  -19.47010 1.000 32.98000 ? 530 HOH B O   1 
HETATM 1385 O O   . HOH E 3 .  ? -0.08964  -3.76279  -22.26445 1.000 28.65000 ? 531 HOH B O   1 
HETATM 1386 O O   . HOH E 3 .  ? -13.98407 -24.10125 -3.83685  1.000 41.39000 ? 532 HOH B O   1 
HETATM 1387 O O   . HOH E 3 .  ? -5.55190  -20.54455 -9.27072  1.000 40.09000 ? 533 HOH B O   1 
HETATM 1388 O O   . HOH E 3 .  ? 3.36892   -2.02890  -7.69706  1.000 33.91000 ? 534 HOH B O   1 
HETATM 1389 O O   . HOH E 3 .  ? -5.65320  -8.10889  0.91729   1.000 32.68000 ? 535 HOH B O   1 
HETATM 1390 O O   . HOH E 3 .  ? -5.67212  5.41218   -8.51506  0.50  23.78000 ? 536 HOH B O   1 
HETATM 1391 O O   . HOH E 3 .  ? -5.95590  5.25952   -12.81886 1.000 28.55000 ? 537 HOH B O   1 
HETATM 1392 O O   . HOH E 3 .  ? -15.26135 -18.24679 0.89658   1.000 33.92000 ? 538 HOH B O   1 
HETATM 1393 O O   . HOH E 3 .  ? -5.72734  -3.22314  -1.39072  1.000 27.54000 ? 539 HOH B O   1 
HETATM 1394 O O   . HOH E 3 .  ? -12.12993 -5.98505  -23.88064 1.000 58.25000 ? 540 HOH B O   1 
HETATM 1395 O O   . HOH E 3 .  ? -3.04936  -12.49691 -18.77024 1.000 37.88000 ? 541 HOH B O   1 
HETATM 1396 O O   . HOH E 3 .  ? -9.98979  1.73339   -15.43575 1.000 19.84000 ? 542 HOH B O   1 
HETATM 1397 O O   . HOH E 3 .  ? -12.39680 1.83365   -16.39688 1.000 31.22000 ? 543 HOH B O   1 
HETATM 1398 O O   . HOH E 3 .  ? -8.63542  5.25620   -13.58767 1.000 23.32000 ? 544 HOH B O   1 
HETATM 1399 O O   . HOH E 3 .  ? -8.48144  0.09949   -19.41578 1.000 36.01000 ? 545 HOH B O   1 
HETATM 1400 O O   . HOH E 3 .  ? -5.27794  -0.84574  -21.23149 1.000 32.25000 ? 546 HOH B O   1 
HETATM 1401 O O   . HOH E 3 .  ? -13.84367 -0.33835  -7.46647  0.50  29.20000 ? 547 HOH B O   1 
HETATM 1402 O O   . HOH E 3 .  ? -1.22878  -5.89452  -23.73632 1.000 42.11000 ? 548 HOH B O   1 
HETATM 1403 O O   . HOH E 3 .  ? 2.64252   -0.04049  -9.68719  1.000 29.24000 ? 549 HOH B O   1 
# 
